data_1PZU
#
_entry.id   1PZU
#
_cell.length_a   81.700
_cell.length_b   122.900
_cell.length_c   241.600
_cell.angle_alpha   90.00
_cell.angle_beta   90.00
_cell.angle_gamma   90.00
#
_symmetry.space_group_name_H-M   'P 21 21 21'
#
loop_
_entity.id
_entity.type
_entity.pdbx_description
1 polymer "5'-D(*TP*TP*GP*AP*GP*GP*AP*AP*TP*TP*TP*CP*CP*A)-3'"
2 polymer "5'-D(*AP*AP*TP*GP*GP*AP*AP*AP*TP*TP*CP*CP*TP*C)-3'"
3 polymer 'Nuclear factor of activated T-cells, cytoplasmic 2'
#
loop_
_entity_poly.entity_id
_entity_poly.type
_entity_poly.pdbx_seq_one_letter_code
_entity_poly.pdbx_strand_id
1 'polydeoxyribonucleotide' (DT)(DT)(DG)(DA)(DG)(DG)(DA)(DA)(DT)(DT)(DT)(DC)(DC)(DA) X,V,T
2 'polydeoxyribonucleotide' (DA)(DA)(DT)(DG)(DG)(DA)(DA)(DA)(DT)(DT)(DC)(DC)(DT)(DC) Y,Z,W
3 'polypeptide(L)'
;MRGSHHHHHHTDPHASSVPLEWPLSSQSGSYELRIEVQPKPHHRAHYETEGSRGAVKAPTGGHPVVQLHGYMENKPLGLQ
IFIGTADERILKPHAFYQVHRITGKTVTTTSYEKIVGNTKVLEIPLEPKNNMRATIDCAGILKLRNADIELRKGETDIGR
KNTRVRLVFRVHIPESSGRIVSLQTASNPIECSQRSAHELPMVERQDTDSCLVYGGQQMILTGQNFTSESKVVFTEKTTD
GQQIWEMEATVDKDKSQPNMLFVEIPEYRNKHIRTPVKVNFYVINGKRKRSQPQHFTYHPV
;
B,D,H,I,L,M
#
# COMPACT_ATOMS: atom_id res chain seq x y z
N TRP G 22 49.81 -14.42 19.81
CA TRP G 22 51.17 -14.95 20.17
C TRP G 22 51.22 -15.25 21.66
N PRO G 23 51.61 -16.49 22.02
CA PRO G 23 51.72 -16.90 23.42
C PRO G 23 52.84 -16.22 24.21
N LEU G 24 53.87 -15.75 23.50
CA LEU G 24 54.99 -15.08 24.16
C LEU G 24 54.55 -13.74 24.71
N SER G 25 55.03 -13.39 25.90
CA SER G 25 54.67 -12.14 26.54
C SER G 25 55.63 -11.00 26.24
N SER G 26 55.10 -9.79 26.14
CA SER G 26 55.89 -8.59 25.87
C SER G 26 55.48 -7.55 26.93
N GLN G 27 55.72 -6.26 26.70
CA GLN G 27 55.33 -5.27 27.70
C GLN G 27 55.24 -3.83 27.19
N SER G 28 56.26 -3.03 27.50
CA SER G 28 56.34 -1.61 27.10
C SER G 28 57.78 -1.08 27.24
N GLY G 29 58.64 -1.51 26.32
CA GLY G 29 60.07 -1.16 26.28
C GLY G 29 60.56 0.25 26.55
N SER G 30 61.19 0.88 25.54
CA SER G 30 61.73 2.24 25.70
C SER G 30 60.71 3.35 25.46
N TYR G 31 59.63 3.00 24.76
CA TYR G 31 58.52 3.91 24.47
C TYR G 31 57.42 3.60 25.47
N GLU G 32 56.24 3.22 24.97
CA GLU G 32 55.10 2.86 25.81
C GLU G 32 53.77 2.78 25.06
N LEU G 33 53.07 1.67 25.25
CA LEU G 33 51.77 1.43 24.64
C LEU G 33 50.77 1.40 25.79
N ARG G 34 49.92 2.41 25.87
CA ARG G 34 48.96 2.52 26.97
C ARG G 34 47.49 2.51 26.53
N ILE G 35 46.63 1.97 27.38
CA ILE G 35 45.20 1.94 27.09
C ILE G 35 44.70 3.21 27.73
N GLU G 36 44.39 4.21 26.90
CA GLU G 36 43.94 5.49 27.41
C GLU G 36 42.49 5.40 27.87
N VAL G 37 41.73 4.47 27.31
CA VAL G 37 40.35 4.32 27.71
C VAL G 37 39.95 2.84 27.81
N GLN G 38 39.72 2.37 29.03
CA GLN G 38 39.35 0.98 29.26
C GLN G 38 37.94 0.67 28.83
N PRO G 39 37.69 -0.58 28.40
CA PRO G 39 36.37 -1.04 27.95
C PRO G 39 35.47 -1.41 29.12
N LYS G 40 34.15 -1.31 28.93
CA LYS G 40 33.22 -1.64 30.00
C LYS G 40 33.61 -2.99 30.56
N PRO G 41 33.26 -3.25 31.82
CA PRO G 41 33.55 -4.52 32.49
C PRO G 41 32.78 -5.69 31.93
N HIS G 42 31.61 -5.41 31.36
CA HIS G 42 30.79 -6.45 30.76
C HIS G 42 30.61 -6.24 29.29
N HIS G 43 30.29 -7.31 28.57
CA HIS G 43 30.03 -7.26 27.14
C HIS G 43 29.55 -8.59 26.61
N ARG G 44 28.25 -8.80 26.57
CA ARG G 44 27.72 -10.04 26.07
C ARG G 44 28.27 -10.37 24.67
N ALA G 45 28.98 -11.48 24.55
CA ALA G 45 29.53 -11.87 23.28
C ALA G 45 28.45 -12.58 22.49
N HIS G 46 28.68 -12.82 21.21
CA HIS G 46 27.68 -13.49 20.38
C HIS G 46 28.18 -14.77 19.75
N TYR G 47 27.25 -15.62 19.32
CA TYR G 47 27.62 -16.89 18.71
C TYR G 47 27.57 -16.82 17.21
N GLU G 48 28.18 -17.79 16.53
CA GLU G 48 28.17 -17.80 15.06
C GLU G 48 26.72 -18.00 14.65
N THR G 49 25.94 -18.55 15.56
CA THR G 49 24.54 -18.84 15.35
C THR G 49 23.66 -17.60 15.43
N GLU G 50 24.17 -16.55 16.07
CA GLU G 50 23.42 -15.31 16.20
C GLU G 50 24.09 -14.31 15.28
N GLY G 51 23.61 -13.08 15.32
CA GLY G 51 24.22 -12.06 14.50
C GLY G 51 25.06 -11.20 15.42
N SER G 52 26.08 -10.54 14.88
CA SER G 52 26.94 -9.68 15.67
C SER G 52 26.22 -9.09 16.85
N ARG G 53 26.87 -9.08 18.01
CA ARG G 53 26.25 -8.50 19.18
C ARG G 53 26.86 -7.15 19.45
N GLY G 54 27.49 -6.57 18.43
CA GLY G 54 28.08 -5.26 18.58
C GLY G 54 29.53 -5.15 19.06
N ALA G 55 30.15 -4.03 18.75
CA ALA G 55 31.53 -3.75 19.14
C ALA G 55 31.66 -3.57 20.64
N VAL G 56 32.87 -3.74 21.14
CA VAL G 56 33.15 -3.58 22.56
C VAL G 56 33.01 -2.10 22.86
N LYS G 57 32.15 -1.76 23.81
CA LYS G 57 31.96 -0.36 24.13
C LYS G 57 32.62 0.06 25.43
N ALA G 58 32.85 1.35 25.59
CA ALA G 58 33.48 1.89 26.81
C ALA G 58 32.41 2.48 27.73
N PRO G 59 32.67 2.52 29.04
CA PRO G 59 31.71 3.06 30.00
C PRO G 59 31.24 4.48 29.69
N THR G 60 32.14 5.27 29.11
CA THR G 60 31.83 6.65 28.76
C THR G 60 30.76 6.75 27.68
N GLY G 61 30.32 5.60 27.18
CA GLY G 61 29.33 5.58 26.11
C GLY G 61 30.06 5.57 24.76
N GLY G 62 31.38 5.70 24.81
CA GLY G 62 32.18 5.70 23.60
C GLY G 62 32.76 4.32 23.28
N HIS G 63 34.09 4.26 23.16
CA HIS G 63 34.76 3.01 22.88
C HIS G 63 36.14 3.07 23.52
N PRO G 64 36.79 1.90 23.71
CA PRO G 64 38.12 1.90 24.31
C PRO G 64 39.12 2.56 23.39
N VAL G 65 40.14 3.18 23.97
CA VAL G 65 41.14 3.86 23.17
C VAL G 65 42.57 3.47 23.53
N VAL G 66 43.33 3.07 22.51
CA VAL G 66 44.73 2.66 22.66
C VAL G 66 45.64 3.71 22.05
N GLN G 67 46.76 4.00 22.72
CA GLN G 67 47.71 4.99 22.22
C GLN G 67 49.18 4.62 22.42
N LEU G 68 50.01 4.87 21.40
CA LEU G 68 51.45 4.60 21.45
C LEU G 68 52.07 5.97 21.69
N HIS G 69 52.85 6.11 22.75
CA HIS G 69 53.43 7.41 23.08
C HIS G 69 54.77 7.86 22.52
N GLY G 70 55.84 7.18 22.87
CA GLY G 70 57.16 7.59 22.42
C GLY G 70 57.48 7.68 20.93
N TYR G 71 56.53 7.30 20.08
CA TYR G 71 56.74 7.34 18.64
C TYR G 71 56.74 8.75 18.07
N MET G 72 57.82 9.10 17.37
CA MET G 72 57.98 10.41 16.77
C MET G 72 57.97 10.36 15.23
N GLU G 73 58.45 9.26 14.66
CA GLU G 73 58.50 9.10 13.21
C GLU G 73 57.16 9.40 12.56
N ASN G 74 57.18 9.58 11.25
CA ASN G 74 55.96 9.87 10.50
C ASN G 74 55.62 8.69 9.61
N LYS G 75 55.40 7.55 10.24
CA LYS G 75 55.06 6.32 9.53
C LYS G 75 53.98 5.62 10.36
N PRO G 76 52.91 5.17 9.72
CA PRO G 76 51.84 4.48 10.44
C PRO G 76 52.14 3.01 10.78
N LEU G 77 51.90 2.63 12.03
CA LEU G 77 52.12 1.25 12.45
C LEU G 77 50.78 0.54 12.48
N GLY G 78 50.83 -0.77 12.66
CA GLY G 78 49.59 -1.53 12.70
C GLY G 78 49.33 -2.11 14.08
N LEU G 79 48.34 -1.57 14.79
CA LEU G 79 47.98 -2.04 16.12
C LEU G 79 47.23 -3.34 15.93
N GLN G 80 47.61 -4.37 16.66
CA GLN G 80 46.95 -5.66 16.53
C GLN G 80 46.06 -5.92 17.73
N ILE G 81 44.88 -6.49 17.47
CA ILE G 81 43.90 -6.76 18.51
C ILE G 81 43.43 -8.21 18.50
N PHE G 82 43.53 -8.87 19.64
CA PHE G 82 43.05 -10.24 19.76
C PHE G 82 42.52 -10.44 21.16
N ILE G 83 41.65 -11.43 21.32
CA ILE G 83 41.04 -11.74 22.60
C ILE G 83 41.88 -12.73 23.38
N GLY G 84 42.23 -12.38 24.61
CA GLY G 84 43.03 -13.26 25.42
C GLY G 84 42.41 -13.62 26.77
N THR G 85 43.11 -14.43 27.54
CA THR G 85 42.65 -14.87 28.86
C THR G 85 42.72 -13.77 29.90
N ALA G 86 41.83 -13.84 30.88
CA ALA G 86 41.78 -12.84 31.93
C ALA G 86 42.25 -13.37 33.27
N ASP G 87 41.73 -14.54 33.64
CA ASP G 87 42.11 -15.15 34.90
C ASP G 87 43.45 -15.86 34.69
N GLU G 88 43.75 -16.85 35.53
CA GLU G 88 45.02 -17.58 35.44
C GLU G 88 46.09 -16.54 35.21
N ARG G 89 47.23 -16.92 34.64
CA ARG G 89 48.24 -15.91 34.36
C ARG G 89 49.45 -16.22 33.49
N ILE G 90 49.20 -16.19 32.19
CA ILE G 90 50.20 -16.38 31.15
C ILE G 90 49.42 -15.85 29.95
N LEU G 91 48.99 -14.60 30.10
CA LEU G 91 48.20 -13.91 29.10
C LEU G 91 48.37 -14.60 27.78
N LYS G 92 47.31 -15.23 27.29
CA LYS G 92 47.38 -15.92 26.01
C LYS G 92 46.04 -15.91 25.29
N PRO G 93 46.04 -16.16 23.97
CA PRO G 93 44.80 -16.16 23.22
C PRO G 93 43.80 -17.04 23.95
N HIS G 94 42.57 -16.55 24.10
CA HIS G 94 41.53 -17.33 24.76
C HIS G 94 41.04 -18.31 23.71
N ALA G 95 40.94 -19.58 24.07
CA ALA G 95 40.53 -20.59 23.10
C ALA G 95 39.04 -20.58 22.76
N PHE G 96 38.24 -19.92 23.59
CA PHE G 96 36.81 -19.92 23.36
C PHE G 96 36.25 -18.59 22.91
N TYR G 97 37.13 -17.68 22.52
CA TYR G 97 36.72 -16.37 22.09
C TYR G 97 37.57 -15.88 20.96
N GLN G 98 36.98 -15.13 20.04
CA GLN G 98 37.73 -14.60 18.92
C GLN G 98 37.23 -13.20 18.70
N VAL G 99 38.13 -12.27 18.42
CA VAL G 99 37.70 -10.90 18.15
C VAL G 99 36.81 -10.97 16.93
N HIS G 100 35.87 -10.04 16.86
CA HIS G 100 34.97 -9.99 15.73
C HIS G 100 35.10 -8.64 15.02
N ARG G 101 35.35 -8.70 13.72
CA ARG G 101 35.50 -7.50 12.89
C ARG G 101 34.17 -6.88 12.54
N ILE G 102 33.74 -5.87 13.28
CA ILE G 102 32.47 -5.28 12.94
C ILE G 102 32.58 -4.49 11.64
N THR G 103 31.64 -4.75 10.75
CA THR G 103 31.57 -4.10 9.45
C THR G 103 30.65 -2.90 9.59
N GLY G 104 31.09 -1.93 10.38
CA GLY G 104 30.28 -0.74 10.61
C GLY G 104 30.14 0.09 9.36
N LYS G 105 29.18 -0.29 8.52
CA LYS G 105 28.95 0.43 7.28
C LYS G 105 29.00 1.94 7.51
N THR G 106 28.71 2.36 8.74
CA THR G 106 28.73 3.78 9.05
C THR G 106 29.35 4.07 10.42
N VAL G 107 28.74 3.53 11.46
CA VAL G 107 29.21 3.73 12.83
C VAL G 107 30.72 3.52 12.96
N THR G 108 31.28 2.64 12.13
CA THR G 108 32.71 2.34 12.19
C THR G 108 33.59 3.53 11.82
N THR G 109 34.53 3.86 12.71
CA THR G 109 35.45 4.97 12.50
C THR G 109 36.84 4.49 12.15
N THR G 110 37.05 3.18 12.27
CA THR G 110 38.36 2.62 12.00
C THR G 110 38.36 1.48 10.96
N SER G 111 39.39 1.46 10.11
CA SER G 111 39.52 0.42 9.10
C SER G 111 39.96 -0.84 9.81
N TYR G 112 39.90 -1.99 9.13
CA TYR G 112 40.28 -3.24 9.77
C TYR G 112 40.93 -4.23 8.82
N GLU G 113 41.42 -5.32 9.36
CA GLU G 113 42.07 -6.38 8.60
C GLU G 113 41.95 -7.65 9.45
N LYS G 114 41.84 -8.80 8.79
CA LYS G 114 41.68 -10.08 9.50
C LYS G 114 42.82 -11.06 9.21
N ILE G 115 43.57 -11.44 10.24
CA ILE G 115 44.69 -12.38 10.09
C ILE G 115 44.38 -13.69 10.85
N VAL G 116 45.41 -14.49 11.11
CA VAL G 116 45.26 -15.76 11.82
C VAL G 116 46.46 -16.22 12.70
N GLY G 117 46.46 -17.52 12.99
CA GLY G 117 47.49 -18.15 13.82
C GLY G 117 46.71 -19.01 14.80
N ASN G 118 45.65 -19.64 14.29
CA ASN G 118 44.72 -20.48 15.05
C ASN G 118 43.72 -19.57 15.76
N THR G 119 44.13 -18.32 16.00
CA THR G 119 43.27 -17.32 16.64
C THR G 119 43.22 -16.09 15.72
N LYS G 120 42.03 -15.53 15.55
CA LYS G 120 41.84 -14.36 14.68
C LYS G 120 42.36 -13.09 15.30
N VAL G 121 43.04 -12.28 14.51
CA VAL G 121 43.59 -11.02 14.98
C VAL G 121 43.16 -9.87 14.11
N LEU G 122 42.79 -8.76 14.75
CA LEU G 122 42.36 -7.56 14.05
C LEU G 122 43.51 -6.60 14.03
N GLU G 123 43.74 -5.97 12.89
CA GLU G 123 44.82 -5.01 12.78
C GLU G 123 44.25 -3.68 12.34
N ILE G 124 44.32 -2.68 13.19
CA ILE G 124 43.83 -1.37 12.84
C ILE G 124 45.02 -0.46 12.72
N PRO G 125 44.93 0.59 11.89
CA PRO G 125 46.09 1.48 11.77
C PRO G 125 46.22 2.52 12.87
N LEU G 126 47.45 2.74 13.29
CA LEU G 126 47.81 3.71 14.31
C LEU G 126 48.55 4.80 13.54
N GLU G 127 47.85 5.90 13.27
CA GLU G 127 48.45 6.99 12.49
C GLU G 127 48.84 8.21 13.30
N PRO G 128 49.99 8.82 12.95
CA PRO G 128 50.47 10.02 13.65
C PRO G 128 49.50 11.18 13.52
N LYS G 129 48.67 11.14 12.48
CA LYS G 129 47.68 12.18 12.24
C LYS G 129 46.87 12.39 13.51
N ASN G 130 46.60 11.29 14.20
CA ASN G 130 45.83 11.31 15.43
C ASN G 130 46.70 11.17 16.66
N ASN G 131 47.99 11.43 16.51
CA ASN G 131 48.94 11.34 17.61
C ASN G 131 49.07 9.88 18.01
N MET G 132 49.17 9.02 17.01
CA MET G 132 49.29 7.59 17.21
C MET G 132 48.28 7.10 18.22
N ARG G 133 47.06 7.60 18.06
CA ARG G 133 45.95 7.24 18.94
C ARG G 133 44.95 6.48 18.08
N ALA G 134 44.26 5.51 18.68
CA ALA G 134 43.31 4.72 17.94
C ALA G 134 42.02 4.46 18.71
N THR G 135 40.90 4.68 18.06
CA THR G 135 39.60 4.45 18.70
C THR G 135 39.21 3.04 18.27
N ILE G 136 38.92 2.18 19.23
CA ILE G 136 38.56 0.80 18.93
C ILE G 136 37.09 0.56 18.92
N ASP G 137 36.45 0.76 17.78
CA ASP G 137 35.01 0.54 17.70
C ASP G 137 34.70 -0.43 16.58
N CYS G 138 35.67 -1.26 16.24
CA CYS G 138 35.48 -2.22 15.18
C CYS G 138 35.72 -3.61 15.73
N ALA G 139 35.78 -3.72 17.05
CA ALA G 139 36.04 -5.00 17.67
C ALA G 139 34.90 -5.59 18.43
N GLY G 140 34.41 -6.73 17.98
CA GLY G 140 33.34 -7.41 18.66
C GLY G 140 33.92 -8.62 19.36
N ILE G 141 33.07 -9.51 19.88
CA ILE G 141 33.56 -10.69 20.55
C ILE G 141 32.71 -11.89 20.25
N LEU G 142 33.19 -12.73 19.34
CA LEU G 142 32.51 -13.96 18.98
C LEU G 142 32.83 -15.03 20.05
N LYS G 143 31.97 -16.01 20.22
CA LYS G 143 32.24 -17.06 21.19
C LYS G 143 32.11 -18.43 20.54
N LEU G 144 33.22 -19.14 20.48
CA LEU G 144 33.18 -20.44 19.87
C LEU G 144 32.46 -21.36 20.85
N ARG G 145 32.00 -22.50 20.36
CA ARG G 145 31.27 -23.48 21.16
C ARG G 145 32.15 -24.45 21.93
N ASN G 146 32.11 -24.36 23.25
CA ASN G 146 32.91 -25.21 24.12
C ASN G 146 33.23 -26.58 23.53
N ALA G 147 32.21 -27.34 23.16
CA ALA G 147 32.47 -28.65 22.60
C ALA G 147 33.38 -28.54 21.38
N ASP G 148 32.93 -27.83 20.36
CA ASP G 148 33.73 -27.66 19.15
C ASP G 148 35.21 -27.45 19.43
N ILE G 149 35.55 -26.81 20.53
CA ILE G 149 36.94 -26.54 20.86
C ILE G 149 37.67 -27.68 21.56
N GLU G 150 37.20 -28.03 22.76
CA GLU G 150 37.79 -29.10 23.56
C GLU G 150 37.90 -30.40 22.76
N LEU G 151 37.20 -30.44 21.63
CA LEU G 151 37.15 -31.58 20.74
C LEU G 151 38.36 -31.65 19.78
N ARG G 152 39.18 -30.62 19.75
CA ARG G 152 40.34 -30.62 18.85
C ARG G 152 41.64 -31.00 19.55
N LYS G 153 42.37 -31.93 18.92
CA LYS G 153 43.64 -32.45 19.43
C LYS G 153 44.65 -31.39 19.84
N GLY G 154 45.02 -31.42 21.12
CA GLY G 154 46.00 -30.47 21.63
C GLY G 154 45.51 -29.68 22.82
N GLU G 155 44.35 -29.04 22.68
CA GLU G 155 43.78 -28.24 23.76
C GLU G 155 43.41 -29.02 25.02
N THR G 156 43.79 -28.47 26.16
CA THR G 156 43.54 -29.08 27.46
C THR G 156 42.70 -28.21 28.39
N ASP G 157 42.58 -26.92 28.04
CA ASP G 157 41.80 -25.99 28.85
C ASP G 157 40.30 -26.24 28.60
N ILE G 158 39.45 -25.74 29.50
CA ILE G 158 38.00 -25.94 29.36
C ILE G 158 37.21 -24.62 29.35
N GLY G 159 36.11 -24.61 28.60
CA GLY G 159 35.29 -23.42 28.48
C GLY G 159 34.40 -23.20 29.69
N ARG G 160 33.73 -24.27 30.12
CA ARG G 160 32.83 -24.22 31.27
C ARG G 160 33.26 -23.23 32.36
N LYS G 161 32.33 -22.36 32.76
CA LYS G 161 32.54 -21.34 33.80
C LYS G 161 33.67 -20.36 33.52
N ASN G 162 34.37 -20.54 32.41
CA ASN G 162 35.48 -19.66 32.05
C ASN G 162 35.10 -18.72 30.93
N THR G 163 34.49 -17.61 31.31
CA THR G 163 34.04 -16.62 30.36
C THR G 163 34.55 -15.21 30.62
N ARG G 164 35.72 -15.09 31.23
CA ARG G 164 36.28 -13.77 31.47
C ARG G 164 37.27 -13.56 30.33
N VAL G 165 37.49 -12.33 29.91
CA VAL G 165 38.38 -12.09 28.79
C VAL G 165 39.12 -10.78 28.92
N ARG G 166 40.13 -10.60 28.10
CA ARG G 166 40.88 -9.34 28.09
C ARG G 166 41.26 -8.99 26.67
N LEU G 167 41.06 -7.72 26.31
CA LEU G 167 41.39 -7.24 24.98
C LEU G 167 42.89 -7.07 24.95
N VAL G 168 43.53 -7.65 23.95
CA VAL G 168 44.97 -7.55 23.86
C VAL G 168 45.39 -6.75 22.65
N PHE G 169 46.24 -5.77 22.89
CA PHE G 169 46.76 -4.88 21.86
C PHE G 169 48.26 -4.99 21.68
N ARG G 170 48.70 -5.05 20.42
CA ARG G 170 50.11 -5.14 20.11
C ARG G 170 50.54 -4.26 18.96
N VAL G 171 51.79 -3.77 19.02
CA VAL G 171 52.36 -2.96 17.97
C VAL G 171 53.77 -3.46 17.74
N HIS G 172 54.21 -3.44 16.48
CA HIS G 172 55.55 -3.85 16.13
C HIS G 172 56.23 -2.62 15.56
N ILE G 173 56.99 -1.93 16.42
CA ILE G 173 57.70 -0.69 16.07
C ILE G 173 59.05 -0.87 15.42
N PRO G 174 59.17 -0.53 14.13
CA PRO G 174 60.44 -0.66 13.41
C PRO G 174 61.36 0.54 13.71
N GLU G 175 62.57 0.27 14.13
CA GLU G 175 63.54 1.34 14.41
C GLU G 175 64.52 1.37 13.25
N SER G 176 64.89 2.58 12.83
CA SER G 176 65.81 2.75 11.72
C SER G 176 67.00 1.81 11.79
N SER G 177 67.38 1.42 12.99
CA SER G 177 68.51 0.51 13.18
C SER G 177 68.24 -0.90 12.64
N GLY G 178 66.99 -1.14 12.21
CA GLY G 178 66.63 -2.44 11.66
C GLY G 178 65.92 -3.36 12.65
N ARG G 179 66.02 -3.06 13.93
CA ARG G 179 65.39 -3.87 14.97
C ARG G 179 63.87 -3.75 14.95
N ILE G 180 63.21 -4.58 15.74
CA ILE G 180 61.76 -4.58 15.83
C ILE G 180 61.39 -4.62 17.30
N VAL G 181 60.77 -3.54 17.80
CA VAL G 181 60.37 -3.51 19.19
C VAL G 181 58.89 -3.86 19.26
N SER G 182 58.55 -4.90 20.00
CA SER G 182 57.16 -5.32 20.10
C SER G 182 56.56 -5.12 21.50
N LEU G 183 55.66 -4.15 21.60
CA LEU G 183 54.99 -3.83 22.85
C LEU G 183 53.64 -4.50 22.83
N GLN G 184 53.01 -4.61 23.99
CA GLN G 184 51.72 -5.24 24.10
C GLN G 184 51.08 -4.79 25.39
N THR G 185 49.75 -4.78 25.42
CA THR G 185 49.06 -4.39 26.62
C THR G 185 47.74 -5.11 26.67
N ALA G 186 47.14 -5.14 27.85
CA ALA G 186 45.88 -5.82 27.99
C ALA G 186 44.87 -4.97 28.75
N SER G 187 43.62 -5.04 28.31
CA SER G 187 42.56 -4.29 28.94
C SER G 187 42.29 -4.92 30.27
N ASN G 188 41.32 -4.40 30.98
CA ASN G 188 40.95 -4.97 32.26
C ASN G 188 40.16 -6.20 31.86
N PRO G 189 39.70 -6.98 32.86
CA PRO G 189 38.94 -8.19 32.52
C PRO G 189 37.54 -7.81 32.01
N ILE G 190 37.02 -8.61 31.09
CA ILE G 190 35.71 -8.36 30.52
C ILE G 190 34.84 -9.61 30.60
N GLU G 191 33.75 -9.55 31.35
CA GLU G 191 32.84 -10.66 31.48
C GLU G 191 32.11 -10.76 30.14
N CYS G 192 31.93 -11.97 29.59
CA CYS G 192 31.27 -12.09 28.29
C CYS G 192 30.06 -12.99 28.28
N SER G 193 29.21 -12.85 29.29
CA SER G 193 28.04 -13.70 29.38
C SER G 193 26.82 -12.95 29.84
N GLN G 194 25.67 -13.33 29.32
CA GLN G 194 24.43 -12.67 29.72
C GLN G 194 24.24 -12.80 31.21
N GLU G 199 25.07 -11.66 39.59
CA GLU G 199 25.77 -10.38 39.45
C GLU G 199 24.85 -9.21 39.83
N LEU G 200 23.85 -9.47 40.66
CA LEU G 200 22.92 -8.43 41.08
C LEU G 200 23.39 -7.56 42.25
N PRO G 201 22.87 -6.32 42.34
CA PRO G 201 23.22 -5.38 43.41
C PRO G 201 22.97 -5.92 44.82
N MET G 202 23.62 -5.30 45.80
CA MET G 202 23.49 -5.72 47.19
C MET G 202 23.68 -4.55 48.15
N VAL G 203 22.67 -4.34 48.99
CA VAL G 203 22.72 -3.25 49.95
C VAL G 203 22.99 -3.80 51.34
N GLU G 204 24.03 -3.26 51.98
CA GLU G 204 24.42 -3.69 53.31
C GLU G 204 24.07 -2.67 54.42
N ARG G 205 24.21 -1.37 54.11
CA ARG G 205 23.92 -0.33 55.08
C ARG G 205 23.28 0.91 54.45
N GLN G 206 22.44 1.58 55.23
CA GLN G 206 21.77 2.80 54.76
C GLN G 206 22.22 3.95 55.63
N ASP G 207 22.75 4.99 55.00
CA ASP G 207 23.21 6.18 55.72
C ASP G 207 22.09 6.73 56.61
N THR G 208 20.89 6.83 56.04
CA THR G 208 19.72 7.32 56.77
C THR G 208 18.62 6.27 56.77
N ASP G 209 17.74 6.32 57.77
CA ASP G 209 16.66 5.35 57.86
C ASP G 209 15.30 5.97 57.55
N SER G 210 15.17 7.27 57.82
CA SER G 210 13.92 7.99 57.57
C SER G 210 14.17 9.42 57.11
N CYS G 211 13.09 10.20 57.04
CA CYS G 211 13.13 11.58 56.61
C CYS G 211 11.65 11.95 56.48
N LEU G 212 11.33 13.20 56.22
CA LEU G 212 9.93 13.58 56.10
C LEU G 212 9.51 13.98 54.70
N VAL G 213 8.23 13.75 54.42
CA VAL G 213 7.60 14.04 53.15
C VAL G 213 8.36 14.89 52.12
N TYR G 214 8.77 16.10 52.51
CA TYR G 214 9.50 16.99 51.59
C TYR G 214 10.66 16.30 50.89
N GLY G 215 11.33 15.39 51.59
CA GLY G 215 12.47 14.71 50.99
C GLY G 215 13.68 15.63 51.03
N GLY G 216 14.54 15.52 50.03
CA GLY G 216 15.72 16.36 49.98
C GLY G 216 16.95 15.75 50.63
N GLN G 217 16.83 15.42 51.93
CA GLN G 217 17.93 14.81 52.67
C GLN G 217 18.74 13.81 51.84
N GLN G 218 20.00 13.60 52.19
CA GLN G 218 20.87 12.69 51.46
C GLN G 218 20.99 11.33 52.14
N MET G 219 20.99 10.28 51.31
CA MET G 219 21.10 8.91 51.80
C MET G 219 22.25 8.25 51.05
N ILE G 220 23.18 7.66 51.80
CA ILE G 220 24.34 7.00 51.21
C ILE G 220 24.29 5.49 51.41
N LEU G 221 24.07 4.76 50.31
CA LEU G 221 23.99 3.31 50.35
C LEU G 221 25.33 2.63 50.24
N THR G 222 25.63 1.78 51.23
CA THR G 222 26.89 1.05 51.28
C THR G 222 26.65 -0.43 50.95
N GLY G 223 27.02 -0.85 49.74
CA GLY G 223 26.81 -2.23 49.36
C GLY G 223 27.84 -2.73 48.37
N GLN G 224 27.39 -3.47 47.35
CA GLN G 224 28.28 -4.02 46.33
C GLN G 224 27.69 -3.92 44.93
N ASN G 225 28.48 -4.29 43.94
CA ASN G 225 28.05 -4.28 42.55
C ASN G 225 27.49 -2.95 42.05
N PHE G 226 27.50 -1.91 42.89
CA PHE G 226 26.98 -0.61 42.47
C PHE G 226 27.74 -0.01 41.30
N THR G 227 27.11 0.01 40.12
CA THR G 227 27.74 0.55 38.92
C THR G 227 27.19 1.94 38.55
N SER G 228 27.83 2.61 37.59
CA SER G 228 27.40 3.93 37.14
C SER G 228 26.01 3.89 36.53
N GLU G 229 25.58 2.70 36.11
CA GLU G 229 24.28 2.50 35.49
C GLU G 229 23.19 2.05 36.49
N SER G 230 23.54 2.04 37.78
CA SER G 230 22.61 1.64 38.81
C SER G 230 21.52 2.69 39.00
N LYS G 231 20.35 2.23 39.41
CA LYS G 231 19.21 3.10 39.64
C LYS G 231 18.59 2.77 41.00
N VAL G 232 17.95 3.76 41.61
CA VAL G 232 17.30 3.58 42.90
C VAL G 232 15.85 4.05 42.82
N VAL G 233 14.93 3.15 43.13
CA VAL G 233 13.52 3.47 43.07
C VAL G 233 12.79 3.17 44.38
N PHE G 234 11.93 4.08 44.79
CA PHE G 234 11.16 3.90 46.02
C PHE G 234 9.78 3.40 45.64
N THR G 235 9.20 2.58 46.49
CA THR G 235 7.87 2.04 46.24
C THR G 235 7.05 1.80 47.50
N GLU G 236 5.74 1.86 47.35
CA GLU G 236 4.85 1.62 48.47
C GLU G 236 3.76 0.67 47.96
N LYS G 237 3.40 -0.29 48.79
CA LYS G 237 2.39 -1.27 48.40
C LYS G 237 1.35 -1.42 49.49
N THR G 238 0.17 -1.88 49.09
CA THR G 238 -0.91 -2.12 50.03
C THR G 238 -0.60 -3.47 50.66
N THR G 239 -1.11 -3.73 51.86
CA THR G 239 -0.85 -4.98 52.52
C THR G 239 -0.93 -6.21 51.61
N ASP G 240 -1.67 -6.10 50.49
CA ASP G 240 -1.79 -7.22 49.54
C ASP G 240 -0.52 -7.28 48.73
N GLY G 241 -0.33 -6.25 47.92
CA GLY G 241 0.85 -6.17 47.08
C GLY G 241 0.66 -5.20 45.94
N GLN G 242 -0.53 -4.61 45.87
CA GLN G 242 -0.81 -3.65 44.81
C GLN G 242 0.01 -2.39 45.02
N GLN G 243 1.07 -2.26 44.24
CA GLN G 243 1.97 -1.11 44.28
C GLN G 243 1.22 0.13 43.82
N ILE G 244 1.10 1.13 44.69
CA ILE G 244 0.41 2.37 44.34
C ILE G 244 1.37 3.54 44.14
N TRP G 245 2.62 3.36 44.58
CA TRP G 245 3.62 4.41 44.43
C TRP G 245 4.93 3.85 43.91
N GLU G 246 5.56 4.63 43.03
CA GLU G 246 6.82 4.25 42.44
C GLU G 246 7.49 5.50 41.92
N MET G 247 8.69 5.77 42.41
CA MET G 247 9.43 6.95 41.98
C MET G 247 10.93 6.76 42.07
N GLU G 248 11.61 7.10 40.97
CA GLU G 248 13.05 6.97 40.90
C GLU G 248 13.77 8.15 41.54
N ALA G 249 14.57 7.87 42.56
CA ALA G 249 15.35 8.90 43.23
C ALA G 249 16.69 8.97 42.50
N THR G 250 17.04 10.14 42.00
CA THR G 250 18.30 10.32 41.26
C THR G 250 19.54 10.04 42.09
N VAL G 251 20.47 9.30 41.50
CA VAL G 251 21.72 8.97 42.17
C VAL G 251 22.60 10.23 42.18
N ASP G 252 23.91 10.11 41.99
CA ASP G 252 24.74 11.30 42.02
C ASP G 252 25.82 11.50 40.94
N LYS G 253 26.02 12.78 40.62
CA LYS G 253 26.98 13.28 39.63
C LYS G 253 28.36 12.62 39.70
N ASP G 254 28.79 12.26 40.90
CA ASP G 254 30.10 11.62 41.06
C ASP G 254 30.08 10.18 40.54
N LYS G 255 31.28 9.62 40.37
CA LYS G 255 31.44 8.25 39.91
C LYS G 255 31.03 7.36 41.08
N SER G 256 30.43 7.98 42.10
CA SER G 256 29.98 7.27 43.30
C SER G 256 31.12 6.37 43.74
N GLN G 257 30.85 5.08 43.76
CA GLN G 257 31.85 4.09 44.16
C GLN G 257 31.41 2.72 43.67
N PRO G 258 32.33 1.76 43.60
CA PRO G 258 31.95 0.41 43.15
C PRO G 258 31.15 -0.28 44.25
N ASN G 259 31.05 0.37 45.40
CA ASN G 259 30.34 -0.17 46.55
C ASN G 259 29.71 0.90 47.42
N MET G 260 29.30 2.00 46.79
CA MET G 260 28.71 3.10 47.55
C MET G 260 27.93 4.03 46.63
N LEU G 261 26.66 4.24 46.96
CA LEU G 261 25.80 5.13 46.17
C LEU G 261 25.28 6.32 46.98
N PHE G 262 25.14 7.46 46.31
CA PHE G 262 24.64 8.68 46.95
C PHE G 262 23.27 9.03 46.38
N VAL G 263 22.23 8.57 47.06
CA VAL G 263 20.86 8.81 46.61
C VAL G 263 20.21 10.01 47.29
N GLU G 264 19.51 10.82 46.49
CA GLU G 264 18.81 11.97 47.02
C GLU G 264 17.38 11.52 47.27
N ILE G 265 17.05 11.26 48.54
CA ILE G 265 15.70 10.84 48.92
C ILE G 265 14.63 11.58 48.12
N PRO G 266 13.70 10.84 47.50
CA PRO G 266 12.63 11.43 46.69
C PRO G 266 11.56 12.08 47.56
N GLU G 267 10.72 12.87 46.91
CA GLU G 267 9.63 13.58 47.56
C GLU G 267 8.52 12.54 47.74
N TYR G 268 7.53 12.82 48.59
CA TYR G 268 6.45 11.85 48.76
C TYR G 268 5.19 12.32 48.01
N ARG G 269 4.25 11.41 47.79
CA ARG G 269 3.02 11.73 47.06
C ARG G 269 1.93 12.41 47.88
N ASN G 270 2.12 12.52 49.19
CA ASN G 270 1.13 13.15 50.04
C ASN G 270 1.72 13.75 51.31
N LYS G 271 2.04 15.04 51.26
CA LYS G 271 2.61 15.75 52.41
C LYS G 271 1.65 15.79 53.60
N HIS G 272 0.35 15.73 53.29
CA HIS G 272 -0.70 15.81 54.32
C HIS G 272 -0.99 14.51 55.05
N ILE G 273 0.05 13.88 55.60
CA ILE G 273 -0.14 12.65 56.33
C ILE G 273 -0.02 12.97 57.81
N ARG G 274 -0.87 12.34 58.63
CA ARG G 274 -0.86 12.57 60.07
C ARG G 274 -0.26 11.38 60.83
N THR G 275 0.49 10.57 60.11
CA THR G 275 1.14 9.38 60.66
C THR G 275 2.22 8.92 59.70
N PRO G 276 3.40 8.57 60.23
CA PRO G 276 4.50 8.12 59.37
C PRO G 276 4.07 7.00 58.39
N VAL G 277 4.78 6.90 57.27
CA VAL G 277 4.47 5.88 56.27
C VAL G 277 5.67 5.01 55.86
N LYS G 278 5.51 3.69 55.99
CA LYS G 278 6.55 2.75 55.63
C LYS G 278 6.58 2.57 54.11
N VAL G 279 7.77 2.62 53.53
CA VAL G 279 7.93 2.43 52.08
C VAL G 279 9.17 1.59 51.85
N ASN G 280 9.48 1.35 50.58
CA ASN G 280 10.66 0.57 50.23
C ASN G 280 11.41 1.20 49.08
N PHE G 281 12.66 0.78 48.91
CA PHE G 281 13.47 1.28 47.82
C PHE G 281 14.46 0.18 47.46
N TYR G 282 14.67 0.00 46.17
CA TYR G 282 15.60 -1.02 45.72
C TYR G 282 16.59 -0.49 44.70
N VAL G 283 17.67 -1.24 44.49
CA VAL G 283 18.69 -0.85 43.54
C VAL G 283 18.57 -1.78 42.36
N ILE G 284 18.56 -1.21 41.16
CA ILE G 284 18.41 -2.02 39.96
C ILE G 284 19.47 -1.72 38.90
N ASN G 285 19.94 -2.79 38.24
CA ASN G 285 20.95 -2.68 37.20
C ASN G 285 20.41 -3.19 35.86
N GLY G 286 19.50 -2.42 35.26
CA GLY G 286 18.93 -2.82 33.99
C GLY G 286 17.51 -3.32 34.13
N LYS G 287 17.33 -4.63 34.10
CA LYS G 287 15.99 -5.20 34.22
C LYS G 287 15.95 -6.29 35.29
N ARG G 288 16.41 -7.48 34.93
CA ARG G 288 16.44 -8.60 35.87
C ARG G 288 17.62 -8.42 36.83
N LYS G 289 17.64 -7.31 37.56
CA LYS G 289 18.75 -7.06 38.49
C LYS G 289 18.33 -6.17 39.68
N ARG G 290 17.32 -6.63 40.40
CA ARG G 290 16.82 -5.88 41.53
C ARG G 290 17.32 -6.45 42.85
N SER G 291 17.76 -5.56 43.73
CA SER G 291 18.24 -5.93 45.05
C SER G 291 17.02 -6.12 45.92
N GLN G 292 17.18 -6.76 47.07
CA GLN G 292 16.05 -6.93 47.97
C GLN G 292 15.51 -5.56 48.32
N PRO G 293 14.21 -5.47 48.65
CA PRO G 293 13.60 -4.17 49.01
C PRO G 293 14.16 -3.65 50.32
N GLN G 294 14.58 -2.39 50.33
CA GLN G 294 15.15 -1.78 51.52
C GLN G 294 14.10 -0.93 52.21
N HIS G 295 13.97 -1.12 53.53
CA HIS G 295 12.98 -0.39 54.32
C HIS G 295 13.34 1.08 54.54
N PHE G 296 12.33 1.93 54.53
CA PHE G 296 12.50 3.37 54.72
C PHE G 296 11.14 3.97 55.11
N THR G 297 11.13 4.87 56.08
CA THR G 297 9.88 5.46 56.53
C THR G 297 9.83 6.98 56.33
N TYR G 298 8.62 7.49 56.16
CA TYR G 298 8.38 8.92 55.95
C TYR G 298 7.59 9.53 57.12
N HIS G 299 8.16 10.51 57.79
CA HIS G 299 7.48 11.15 58.92
C HIS G 299 6.61 12.30 58.44
N PRO G 300 5.43 12.47 59.05
CA PRO G 300 4.51 13.55 58.67
C PRO G 300 5.13 14.91 58.97
N VAL G 301 4.71 15.92 58.21
CA VAL G 301 5.20 17.29 58.36
C VAL G 301 5.32 17.75 59.83
N TRP H 22 -3.13 -42.57 18.61
CA TRP H 22 -4.21 -42.51 17.57
C TRP H 22 -4.85 -41.13 17.59
N PRO H 23 -4.89 -40.46 16.44
CA PRO H 23 -5.48 -39.12 16.33
C PRO H 23 -7.00 -39.09 16.50
N LEU H 24 -7.67 -40.22 16.24
CA LEU H 24 -9.13 -40.31 16.37
C LEU H 24 -9.52 -40.22 17.84
N SER H 25 -10.61 -39.50 18.12
CA SER H 25 -11.07 -39.33 19.49
C SER H 25 -12.12 -40.35 19.89
N SER H 26 -12.08 -40.76 21.16
CA SER H 26 -13.01 -41.72 21.72
C SER H 26 -13.56 -41.10 23.01
N GLN H 27 -14.13 -41.90 23.92
CA GLN H 27 -14.67 -41.34 25.16
C GLN H 27 -14.88 -42.32 26.30
N SER H 28 -16.13 -42.71 26.53
CA SER H 28 -16.51 -43.63 27.60
C SER H 28 -17.94 -44.18 27.35
N GLY H 29 -18.04 -45.08 26.35
CA GLY H 29 -19.31 -45.69 25.93
C GLY H 29 -20.34 -46.20 26.94
N SER H 30 -20.60 -47.52 26.93
CA SER H 30 -21.59 -48.13 27.83
C SER H 30 -21.04 -48.44 29.22
N TYR H 31 -19.71 -48.55 29.33
CA TYR H 31 -19.03 -48.80 30.59
C TYR H 31 -18.51 -47.45 31.09
N GLU H 32 -17.19 -47.36 31.28
CA GLU H 32 -16.55 -46.12 31.73
C GLU H 32 -15.11 -46.30 32.18
N LEU H 33 -14.23 -45.46 31.62
CA LEU H 33 -12.81 -45.46 31.96
C LEU H 33 -12.53 -44.14 32.67
N ARG H 34 -12.27 -44.21 33.97
CA ARG H 34 -12.05 -42.99 34.75
C ARG H 34 -10.66 -42.89 35.39
N ILE H 35 -10.17 -41.66 35.53
CA ILE H 35 -8.89 -41.43 36.18
C ILE H 35 -9.28 -41.24 37.64
N GLU H 36 -9.00 -42.24 38.45
CA GLU H 36 -9.33 -42.17 39.86
C GLU H 36 -8.36 -41.28 40.61
N VAL H 37 -7.14 -41.13 40.10
CA VAL H 37 -6.16 -40.28 40.74
C VAL H 37 -5.35 -39.48 39.73
N GLN H 38 -5.58 -38.17 39.70
CA GLN H 38 -4.89 -37.29 38.77
C GLN H 38 -3.42 -37.09 39.12
N PRO H 39 -2.56 -36.86 38.11
CA PRO H 39 -1.13 -36.63 38.29
C PRO H 39 -0.85 -35.21 38.67
N LYS H 40 0.27 -34.97 39.36
CA LYS H 40 0.63 -33.61 39.78
C LYS H 40 0.55 -32.71 38.56
N PRO H 41 0.32 -31.40 38.78
CA PRO H 41 0.23 -30.41 37.71
C PRO H 41 1.56 -30.19 36.98
N HIS H 42 2.66 -30.38 37.70
CA HIS H 42 3.98 -30.20 37.11
C HIS H 42 4.75 -31.52 37.10
N HIS H 43 5.74 -31.61 36.23
CA HIS H 43 6.60 -32.77 36.13
C HIS H 43 7.71 -32.55 35.13
N ARG H 44 8.84 -32.05 35.60
CA ARG H 44 9.97 -31.79 34.71
C ARG H 44 10.31 -33.03 33.86
N ALA H 45 10.20 -32.89 32.54
CA ALA H 45 10.51 -34.02 31.67
C ALA H 45 12.01 -34.07 31.46
N HIS H 46 12.51 -35.14 30.87
CA HIS H 46 13.95 -35.26 30.64
C HIS H 46 14.29 -35.44 29.17
N TYR H 47 15.54 -35.15 28.83
CA TYR H 47 16.00 -35.30 27.46
C TYR H 47 16.72 -36.64 27.24
N GLU H 48 16.92 -37.03 25.99
CA GLU H 48 17.62 -38.27 25.70
C GLU H 48 19.06 -38.08 26.19
N THR H 49 19.46 -36.80 26.29
CA THR H 49 20.80 -36.40 26.74
C THR H 49 21.00 -36.53 28.26
N GLU H 50 19.91 -36.58 28.99
CA GLU H 50 19.97 -36.73 30.43
C GLU H 50 19.52 -38.14 30.75
N GLY H 51 19.44 -38.43 32.03
CA GLY H 51 18.99 -39.75 32.40
C GLY H 51 17.60 -39.57 32.91
N SER H 52 16.78 -40.62 32.82
CA SER H 52 15.40 -40.60 33.27
C SER H 52 15.21 -39.59 34.36
N ARG H 53 14.14 -38.81 34.28
CA ARG H 53 13.85 -37.84 35.32
C ARG H 53 12.77 -38.35 36.22
N GLY H 54 12.51 -39.65 36.18
CA GLY H 54 11.50 -40.25 37.04
C GLY H 54 10.09 -40.37 36.50
N ALA H 55 9.32 -41.28 37.08
CA ALA H 55 7.94 -41.51 36.67
C ALA H 55 7.02 -40.35 37.07
N VAL H 56 5.90 -40.22 36.36
CA VAL H 56 4.94 -39.18 36.67
C VAL H 56 4.34 -39.47 38.03
N LYS H 57 4.47 -38.53 38.95
CA LYS H 57 3.96 -38.73 40.30
C LYS H 57 2.63 -38.00 40.58
N ALA H 58 1.91 -38.46 41.60
CA ALA H 58 0.64 -37.84 41.99
C ALA H 58 0.84 -36.93 43.20
N PRO H 59 -0.01 -35.91 43.35
CA PRO H 59 0.12 -35.00 44.49
C PRO H 59 0.14 -35.67 45.85
N THR H 60 -0.58 -36.79 45.95
CA THR H 60 -0.68 -37.55 47.19
C THR H 60 0.66 -38.19 47.58
N GLY H 61 1.66 -38.02 46.74
CA GLY H 61 2.96 -38.62 47.01
C GLY H 61 3.01 -39.99 46.38
N GLY H 62 1.89 -40.43 45.83
CA GLY H 62 1.85 -41.72 45.17
C GLY H 62 2.02 -41.60 43.67
N HIS H 63 1.05 -42.11 42.92
CA HIS H 63 1.09 -42.08 41.46
C HIS H 63 -0.33 -42.00 40.94
N PRO H 64 -0.52 -41.57 39.69
CA PRO H 64 -1.87 -41.48 39.14
C PRO H 64 -2.49 -42.87 39.00
N VAL H 65 -3.81 -42.94 39.11
CA VAL H 65 -4.49 -44.22 39.03
C VAL H 65 -5.66 -44.24 38.07
N VAL H 66 -5.63 -45.19 37.15
CA VAL H 66 -6.67 -45.35 36.14
C VAL H 66 -7.49 -46.59 36.42
N GLN H 67 -8.81 -46.52 36.23
CA GLN H 67 -9.69 -47.65 36.48
C GLN H 67 -10.82 -47.80 35.47
N LEU H 68 -11.09 -49.05 35.06
CA LEU H 68 -12.17 -49.34 34.13
C LEU H 68 -13.29 -49.90 35.02
N HIS H 69 -14.48 -49.30 34.96
CA HIS H 69 -15.58 -49.74 35.83
C HIS H 69 -16.56 -50.84 35.41
N GLY H 70 -17.35 -50.59 34.38
CA GLY H 70 -18.33 -51.59 33.96
C GLY H 70 -17.89 -53.00 33.60
N TYR H 71 -16.59 -53.28 33.57
CA TYR H 71 -16.09 -54.59 33.20
C TYR H 71 -16.33 -55.64 34.26
N MET H 72 -17.01 -56.71 33.87
CA MET H 72 -17.33 -57.83 34.76
C MET H 72 -16.56 -59.11 34.42
N GLU H 73 -16.27 -59.31 33.13
CA GLU H 73 -15.55 -60.50 32.68
C GLU H 73 -14.27 -60.74 33.47
N ASN H 74 -13.74 -61.96 33.37
CA ASN H 74 -12.51 -62.31 34.06
C ASN H 74 -11.39 -62.49 33.05
N LYS H 75 -11.09 -61.41 32.33
CA LYS H 75 -10.03 -61.42 31.34
C LYS H 75 -9.32 -60.08 31.45
N PRO H 76 -7.98 -60.10 31.46
CA PRO H 76 -7.21 -58.86 31.57
C PRO H 76 -7.06 -58.09 30.26
N LEU H 77 -7.34 -56.80 30.30
CA LEU H 77 -7.21 -55.96 29.13
C LEU H 77 -5.90 -55.22 29.25
N GLY H 78 -5.51 -54.53 28.18
CA GLY H 78 -4.27 -53.78 28.17
C GLY H 78 -4.50 -52.29 28.08
N LEU H 79 -4.27 -51.58 29.17
CA LEU H 79 -4.43 -50.13 29.21
C LEU H 79 -3.27 -49.53 28.46
N GLN H 80 -3.56 -48.62 27.54
CA GLN H 80 -2.49 -47.98 26.77
C GLN H 80 -2.27 -46.56 27.25
N ILE H 81 -1.01 -46.17 27.30
CA ILE H 81 -0.62 -44.86 27.78
C ILE H 81 0.30 -44.14 26.82
N PHE H 82 -0.08 -42.92 26.44
CA PHE H 82 0.75 -42.11 25.55
C PHE H 82 0.59 -40.66 25.94
N ILE H 83 1.58 -39.85 25.56
CA ILE H 83 1.58 -38.41 25.86
C ILE H 83 0.89 -37.62 24.76
N GLY H 84 -0.11 -36.83 25.14
CA GLY H 84 -0.83 -36.04 24.15
C GLY H 84 -0.85 -34.56 24.44
N THR H 85 -1.49 -33.79 23.56
CA THR H 85 -1.58 -32.34 23.69
C THR H 85 -2.53 -31.89 24.78
N ALA H 86 -2.23 -30.74 25.38
CA ALA H 86 -3.05 -30.24 26.46
C ALA H 86 -3.88 -29.03 26.07
N ASP H 87 -3.22 -28.08 25.41
CA ASP H 87 -3.90 -26.87 24.97
C ASP H 87 -4.63 -27.20 23.67
N GLU H 88 -4.89 -26.18 22.84
CA GLU H 88 -5.61 -26.39 21.58
C GLU H 88 -6.74 -27.38 21.87
N ARG H 89 -7.25 -28.07 20.85
CA ARG H 89 -8.29 -29.04 21.14
C ARG H 89 -8.72 -30.05 20.11
N ILE H 90 -7.92 -31.09 19.99
CA ILE H 90 -8.18 -32.23 19.12
C ILE H 90 -7.18 -33.20 19.71
N LEU H 91 -7.35 -33.43 21.01
CA LEU H 91 -6.48 -34.32 21.76
C LEU H 91 -5.72 -35.25 20.83
N LYS H 92 -4.41 -35.04 20.73
CA LYS H 92 -3.60 -35.89 19.87
C LYS H 92 -2.19 -36.07 20.40
N PRO H 93 -1.50 -37.10 19.91
CA PRO H 93 -0.14 -37.35 20.37
C PRO H 93 0.63 -36.05 20.30
N HIS H 94 1.37 -35.73 21.35
CA HIS H 94 2.18 -34.51 21.36
C HIS H 94 3.45 -34.84 20.55
N ALA H 95 3.81 -33.99 19.62
CA ALA H 95 4.96 -34.28 18.78
C ALA H 95 6.29 -34.10 19.47
N PHE H 96 6.31 -33.39 20.59
CA PHE H 96 7.56 -33.13 21.27
C PHE H 96 7.74 -33.84 22.59
N TYR H 97 6.88 -34.82 22.83
CA TYR H 97 6.94 -35.59 24.05
C TYR H 97 6.61 -37.04 23.81
N GLN H 98 7.26 -37.93 24.55
CA GLN H 98 7.00 -39.34 24.39
C GLN H 98 7.00 -39.93 25.78
N VAL H 99 6.08 -40.85 26.04
CA VAL H 99 6.04 -41.50 27.35
C VAL H 99 7.35 -42.23 27.48
N HIS H 100 7.81 -42.35 28.72
CA HIS H 100 9.05 -43.04 29.00
C HIS H 100 8.76 -44.22 29.91
N ARG H 101 9.23 -45.40 29.48
CA ARG H 101 9.05 -46.63 30.23
C ARG H 101 10.08 -46.73 31.36
N ILE H 102 9.69 -46.40 32.57
CA ILE H 102 10.67 -46.50 33.64
C ILE H 102 10.89 -47.96 33.97
N THR H 103 12.17 -48.32 34.06
CA THR H 103 12.60 -49.69 34.37
C THR H 103 12.84 -49.74 35.88
N GLY H 104 11.75 -49.60 36.64
CA GLY H 104 11.86 -49.61 38.07
C GLY H 104 12.28 -50.97 38.58
N LYS H 105 13.58 -51.23 38.58
CA LYS H 105 14.09 -52.51 39.05
C LYS H 105 13.38 -52.92 40.34
N THR H 106 12.89 -51.94 41.10
CA THR H 106 12.21 -52.25 42.34
C THR H 106 10.97 -51.40 42.53
N VAL H 107 11.15 -50.08 42.62
CA VAL H 107 10.04 -49.16 42.82
C VAL H 107 8.85 -49.45 41.92
N THR H 108 9.11 -49.99 40.74
CA THR H 108 8.05 -50.29 39.80
C THR H 108 7.08 -51.38 40.27
N THR H 109 5.80 -51.06 40.24
CA THR H 109 4.77 -51.99 40.68
C THR H 109 4.00 -52.55 39.49
N THR H 110 4.24 -51.99 38.31
CA THR H 110 3.53 -52.42 37.12
C THR H 110 4.43 -52.85 35.96
N SER H 111 4.01 -53.91 35.26
CA SER H 111 4.75 -54.39 34.11
C SER H 111 4.54 -53.40 32.96
N TYR H 112 5.31 -53.51 31.88
CA TYR H 112 5.15 -52.57 30.77
C TYR H 112 5.45 -53.21 29.42
N GLU H 113 5.20 -52.46 28.37
CA GLU H 113 5.43 -52.91 27.01
C GLU H 113 5.60 -51.64 26.18
N LYS H 114 6.41 -51.70 25.13
CA LYS H 114 6.67 -50.54 24.29
C LYS H 114 6.25 -50.76 22.83
N ILE H 115 5.31 -49.95 22.34
CA ILE H 115 4.82 -50.06 20.95
C ILE H 115 5.18 -48.79 20.17
N VAL H 116 4.51 -48.56 19.04
CA VAL H 116 4.77 -47.38 18.20
C VAL H 116 3.58 -46.85 17.38
N GLY H 117 3.92 -46.10 16.34
CA GLY H 117 2.94 -45.47 15.46
C GLY H 117 3.38 -44.02 15.34
N ASN H 118 4.71 -43.87 15.22
CA ASN H 118 5.39 -42.58 15.14
C ASN H 118 5.52 -42.00 16.56
N THR H 119 4.64 -42.46 17.46
CA THR H 119 4.66 -42.03 18.85
C THR H 119 4.69 -43.29 19.70
N LYS H 120 5.51 -43.26 20.76
CA LYS H 120 5.65 -44.40 21.66
C LYS H 120 4.47 -44.54 22.60
N VAL H 121 4.01 -45.78 22.77
CA VAL H 121 2.88 -46.06 23.65
C VAL H 121 3.22 -47.15 24.67
N LEU H 122 2.83 -46.91 25.92
CA LEU H 122 3.07 -47.86 26.99
C LEU H 122 1.80 -48.63 27.21
N GLU H 123 1.93 -49.94 27.37
CA GLU H 123 0.75 -50.77 27.62
C GLU H 123 0.95 -51.51 28.93
N ILE H 124 0.12 -51.19 29.91
CA ILE H 124 0.20 -51.86 31.20
C ILE H 124 -1.04 -52.72 31.35
N PRO H 125 -0.95 -53.79 32.11
CA PRO H 125 -2.13 -54.63 32.26
C PRO H 125 -3.15 -54.15 33.27
N LEU H 126 -4.42 -54.31 32.91
CA LEU H 126 -5.56 -53.95 33.75
C LEU H 126 -6.17 -55.29 34.14
N GLU H 127 -5.89 -55.75 35.34
CA GLU H 127 -6.40 -57.05 35.79
C GLU H 127 -7.54 -56.95 36.78
N PRO H 128 -8.51 -57.86 36.68
CA PRO H 128 -9.68 -57.89 37.58
C PRO H 128 -9.27 -58.16 39.03
N LYS H 129 -8.12 -58.78 39.21
CA LYS H 129 -7.60 -59.09 40.54
C LYS H 129 -7.61 -57.82 41.37
N ASN H 130 -7.31 -56.69 40.72
CA ASN H 130 -7.27 -55.40 41.39
C ASN H 130 -8.51 -54.58 41.08
N ASN H 131 -9.57 -55.24 40.61
CA ASN H 131 -10.81 -54.56 40.28
C ASN H 131 -10.57 -53.67 39.07
N MET H 132 -9.86 -54.22 38.07
CA MET H 132 -9.53 -53.49 36.86
C MET H 132 -9.02 -52.10 37.18
N ARG H 133 -8.14 -52.03 38.17
CA ARG H 133 -7.55 -50.78 38.62
C ARG H 133 -6.07 -50.88 38.30
N ALA H 134 -5.45 -49.77 37.96
CA ALA H 134 -4.03 -49.77 37.62
C ALA H 134 -3.30 -48.58 38.21
N THR H 135 -2.15 -48.85 38.81
CA THR H 135 -1.33 -47.79 39.39
C THR H 135 -0.29 -47.49 38.33
N ILE H 136 -0.21 -46.22 37.95
CA ILE H 136 0.72 -45.80 36.92
C ILE H 136 1.99 -45.22 37.48
N ASP H 137 2.97 -46.08 37.74
CA ASP H 137 4.26 -45.60 38.24
C ASP H 137 5.39 -46.06 37.36
N CYS H 138 5.06 -46.34 36.10
CA CYS H 138 6.05 -46.79 35.14
C CYS H 138 6.10 -45.84 33.96
N ALA H 139 5.48 -44.69 34.11
CA ALA H 139 5.44 -43.73 33.01
C ALA H 139 6.21 -42.45 33.27
N GLY H 140 7.20 -42.20 32.43
CA GLY H 140 8.00 -41.02 32.56
C GLY H 140 7.66 -40.12 31.40
N ILE H 141 8.42 -39.05 31.19
CA ILE H 141 8.14 -38.16 30.09
C ILE H 141 9.39 -37.64 29.42
N LEU H 142 9.74 -38.25 28.30
CA LEU H 142 10.90 -37.84 27.52
C LEU H 142 10.54 -36.64 26.71
N LYS H 143 11.52 -35.82 26.34
CA LYS H 143 11.22 -34.64 25.53
C LYS H 143 12.11 -34.60 24.31
N LEU H 144 11.51 -34.73 23.13
CA LEU H 144 12.30 -34.72 21.93
C LEU H 144 12.74 -33.29 21.73
N ARG H 145 13.77 -33.12 20.90
CA ARG H 145 14.33 -31.79 20.60
C ARG H 145 13.60 -31.02 19.49
N ASN H 146 12.98 -29.89 19.86
CA ASN H 146 12.21 -29.08 18.93
C ASN H 146 12.73 -29.13 17.49
N ALA H 147 13.99 -28.79 17.28
CA ALA H 147 14.53 -28.82 15.94
C ALA H 147 14.36 -30.21 15.35
N ASP H 148 14.93 -31.24 15.98
CA ASP H 148 14.83 -32.60 15.47
C ASP H 148 13.43 -32.95 14.96
N ILE H 149 12.40 -32.34 15.53
CA ILE H 149 11.03 -32.64 15.12
C ILE H 149 10.54 -31.81 13.96
N GLU H 150 10.47 -30.49 14.14
CA GLU H 150 10.00 -29.57 13.11
C GLU H 150 10.77 -29.78 11.80
N LEU H 151 11.89 -30.51 11.90
CA LEU H 151 12.77 -30.78 10.77
C LEU H 151 12.28 -31.98 9.92
N ARG H 152 11.27 -32.69 10.37
CA ARG H 152 10.77 -33.83 9.60
C ARG H 152 9.54 -33.50 8.76
N LYS H 153 9.61 -33.89 7.49
CA LYS H 153 8.54 -33.67 6.51
C LYS H 153 7.14 -34.06 6.97
N GLY H 154 6.24 -33.08 7.03
CA GLY H 154 4.88 -33.33 7.44
C GLY H 154 4.40 -32.47 8.59
N GLU H 155 5.17 -32.46 9.67
CA GLU H 155 4.82 -31.68 10.87
C GLU H 155 4.81 -30.19 10.66
N THR H 156 3.75 -29.56 11.16
CA THR H 156 3.55 -28.12 11.02
C THR H 156 3.45 -27.41 12.38
N ASP H 157 3.27 -28.16 13.45
CA ASP H 157 3.17 -27.59 14.80
C ASP H 157 4.58 -27.22 15.28
N ILE H 158 4.65 -26.38 16.32
CA ILE H 158 5.94 -25.95 16.85
C ILE H 158 6.11 -26.25 18.34
N GLY H 159 7.35 -26.55 18.74
CA GLY H 159 7.63 -26.83 20.13
C GLY H 159 7.66 -25.58 20.99
N ARG H 160 8.40 -24.58 20.53
CA ARG H 160 8.54 -23.33 21.26
C ARG H 160 7.30 -22.94 22.10
N LYS H 161 7.54 -22.61 23.37
CA LYS H 161 6.52 -22.20 24.31
C LYS H 161 5.40 -23.21 24.52
N ASN H 162 5.45 -24.32 23.78
CA ASN H 162 4.40 -25.33 23.92
C ASN H 162 4.89 -26.54 24.68
N THR H 163 4.79 -26.46 26.01
CA THR H 163 5.24 -27.53 26.88
C THR H 163 4.20 -28.05 27.85
N ARG H 164 2.93 -27.95 27.48
CA ARG H 164 1.88 -28.46 28.35
C ARG H 164 1.56 -29.83 27.79
N VAL H 165 1.15 -30.77 28.65
CA VAL H 165 0.89 -32.12 28.19
C VAL H 165 -0.24 -32.77 28.94
N ARG H 166 -0.74 -33.88 28.39
CA ARG H 166 -1.79 -34.65 29.06
C ARG H 166 -1.55 -36.14 28.88
N LEU H 167 -1.68 -36.87 29.98
CA LEU H 167 -1.51 -38.30 29.96
C LEU H 167 -2.75 -38.89 29.34
N VAL H 168 -2.58 -39.73 28.34
CA VAL H 168 -3.72 -40.31 27.67
C VAL H 168 -3.79 -41.79 27.87
N PHE H 169 -4.95 -42.27 28.32
CA PHE H 169 -5.17 -43.67 28.59
C PHE H 169 -6.24 -44.26 27.72
N ARG H 170 -5.99 -45.47 27.21
CA ARG H 170 -6.92 -46.17 26.34
C ARG H 170 -7.03 -47.63 26.62
N VAL H 171 -8.24 -48.17 26.42
CA VAL H 171 -8.50 -49.59 26.61
C VAL H 171 -9.33 -50.05 25.42
N HIS H 172 -9.10 -51.28 25.00
CA HIS H 172 -9.85 -51.86 23.89
C HIS H 172 -10.58 -53.06 24.47
N ILE H 173 -11.83 -52.83 24.86
CA ILE H 173 -12.69 -53.87 25.46
C ILE H 173 -13.40 -54.79 24.48
N PRO H 174 -13.01 -56.08 24.45
CA PRO H 174 -13.65 -57.05 23.56
C PRO H 174 -14.95 -57.58 24.17
N GLU H 175 -16.04 -57.50 23.40
CA GLU H 175 -17.33 -58.01 23.86
C GLU H 175 -17.58 -59.33 23.17
N SER H 176 -18.09 -60.30 23.93
CA SER H 176 -18.38 -61.63 23.39
C SER H 176 -19.03 -61.59 22.01
N SER H 177 -19.75 -60.51 21.73
CA SER H 177 -20.42 -60.34 20.44
C SER H 177 -19.43 -60.16 19.28
N GLY H 178 -18.15 -60.01 19.62
CA GLY H 178 -17.11 -59.84 18.61
C GLY H 178 -16.67 -58.41 18.40
N ARG H 179 -17.48 -57.46 18.85
CA ARG H 179 -17.18 -56.05 18.69
C ARG H 179 -16.00 -55.62 19.54
N ILE H 180 -15.54 -54.39 19.33
CA ILE H 180 -14.42 -53.83 20.08
C ILE H 180 -14.79 -52.43 20.54
N VAL H 181 -14.93 -52.25 21.85
CA VAL H 181 -15.28 -50.94 22.37
C VAL H 181 -13.99 -50.27 22.83
N SER H 182 -13.69 -49.09 22.28
CA SER H 182 -12.48 -48.38 22.65
C SER H 182 -12.74 -47.09 23.40
N LEU H 183 -12.44 -47.11 24.69
CA LEU H 183 -12.62 -45.95 25.55
C LEU H 183 -11.27 -45.24 25.66
N GLN H 184 -11.29 -44.00 26.14
CA GLN H 184 -10.07 -43.24 26.27
C GLN H 184 -10.34 -42.11 27.23
N THR H 185 -9.31 -41.63 27.91
CA THR H 185 -9.47 -40.52 28.83
C THR H 185 -8.16 -39.79 28.89
N ALA H 186 -8.21 -38.57 29.40
CA ALA H 186 -7.03 -37.75 29.51
C ALA H 186 -6.89 -37.11 30.88
N SER H 187 -5.68 -37.10 31.38
CA SER H 187 -5.39 -36.52 32.68
C SER H 187 -5.57 -35.01 32.55
N ASN H 188 -5.33 -34.30 33.63
CA ASN H 188 -5.43 -32.85 33.58
C ASN H 188 -4.17 -32.43 32.86
N PRO H 189 -3.99 -31.12 32.64
CA PRO H 189 -2.78 -30.69 31.95
C PRO H 189 -1.55 -30.82 32.85
N ILE H 190 -0.41 -31.13 32.25
CA ILE H 190 0.83 -31.28 33.00
C ILE H 190 1.95 -30.41 32.41
N GLU H 191 2.42 -29.43 33.17
CA GLU H 191 3.52 -28.58 32.72
C GLU H 191 4.79 -29.47 32.73
N CYS H 192 5.60 -29.41 31.69
CA CYS H 192 6.81 -30.25 31.65
C CYS H 192 8.12 -29.49 31.51
N SER H 193 8.24 -28.39 32.23
CA SER H 193 9.44 -27.61 32.13
C SER H 193 9.93 -27.12 33.49
N GLN H 194 11.24 -27.06 33.66
CA GLN H 194 11.81 -26.59 34.89
C GLN H 194 11.33 -25.18 35.24
N GLU H 199 16.83 -14.71 42.34
CA GLU H 199 15.47 -15.23 42.47
C GLU H 199 15.11 -15.43 43.94
N LEU H 200 15.77 -14.68 44.83
CA LEU H 200 15.51 -14.79 46.27
C LEU H 200 14.32 -13.98 46.78
N PRO H 201 13.71 -14.42 47.90
CA PRO H 201 12.55 -13.75 48.50
C PRO H 201 12.80 -12.28 48.83
N MET H 202 11.71 -11.53 49.00
CA MET H 202 11.81 -10.12 49.31
C MET H 202 10.63 -9.64 50.13
N VAL H 203 10.91 -9.05 51.29
CA VAL H 203 9.87 -8.56 52.18
C VAL H 203 9.80 -7.04 52.11
N GLU H 204 8.60 -6.53 51.82
CA GLU H 204 8.37 -5.10 51.70
C GLU H 204 7.58 -4.49 52.89
N ARG H 205 6.61 -5.24 53.41
CA ARG H 205 5.81 -4.78 54.54
C ARG H 205 5.45 -5.90 55.52
N GLN H 206 5.33 -5.53 56.80
CA GLN H 206 4.97 -6.47 57.85
C GLN H 206 3.64 -6.05 58.43
N ASP H 207 2.66 -6.96 58.43
CA ASP H 207 1.33 -6.68 58.96
C ASP H 207 1.45 -6.19 60.41
N THR H 208 2.27 -6.88 61.19
CA THR H 208 2.50 -6.51 62.59
C THR H 208 3.98 -6.26 62.84
N ASP H 209 4.29 -5.46 63.85
CA ASP H 209 5.67 -5.13 64.16
C ASP H 209 6.15 -5.80 65.45
N SER H 210 5.22 -6.03 66.37
CA SER H 210 5.55 -6.68 67.63
C SER H 210 4.41 -7.60 68.09
N CYS H 211 4.54 -8.07 69.34
CA CYS H 211 3.59 -8.97 69.97
C CYS H 211 4.30 -9.39 71.25
N LEU H 212 3.62 -10.13 72.12
CA LEU H 212 4.26 -10.55 73.36
C LEU H 212 4.52 -12.05 73.48
N VAL H 213 5.59 -12.36 74.21
CA VAL H 213 6.08 -13.71 74.45
C VAL H 213 5.20 -14.87 74.02
N TYR H 214 3.96 -14.93 74.52
CA TYR H 214 3.03 -16.01 74.17
C TYR H 214 2.92 -16.29 72.68
N GLY H 215 3.04 -15.23 71.88
CA GLY H 215 2.94 -15.39 70.44
C GLY H 215 1.48 -15.56 70.06
N GLY H 216 1.22 -16.35 69.02
CA GLY H 216 -0.15 -16.58 68.59
C GLY H 216 -0.61 -15.61 67.51
N GLN H 217 -0.58 -14.31 67.82
CA GLN H 217 -0.99 -13.27 66.87
C GLN H 217 -0.59 -13.58 65.43
N GLN H 218 -1.33 -13.04 64.48
CA GLN H 218 -1.05 -13.28 63.07
C GLN H 218 -0.26 -12.15 62.41
N MET H 219 0.70 -12.52 61.56
CA MET H 219 1.54 -11.56 60.85
C MET H 219 1.45 -11.87 59.36
N ILE H 220 1.13 -10.87 58.56
CA ILE H 220 1.00 -11.03 57.12
C ILE H 220 2.11 -10.28 56.38
N LEU H 221 3.03 -11.03 55.77
CA LEU H 221 4.14 -10.47 55.04
C LEU H 221 3.81 -10.18 53.59
N THR H 222 4.02 -8.92 53.20
CA THR H 222 3.75 -8.46 51.84
C THR H 222 5.06 -8.25 51.11
N GLY H 223 5.39 -9.16 50.19
CA GLY H 223 6.63 -9.03 49.44
C GLY H 223 6.55 -9.64 48.06
N GLN H 224 7.61 -10.36 47.67
CA GLN H 224 7.66 -11.01 46.35
C GLN H 224 8.30 -12.38 46.41
N ASN H 225 8.26 -13.09 45.29
CA ASN H 225 8.85 -14.42 45.17
C ASN H 225 8.33 -15.44 46.18
N PHE H 226 7.38 -15.04 47.02
CA PHE H 226 6.84 -15.97 48.02
C PHE H 226 6.17 -17.18 47.40
N THR H 227 6.81 -18.35 47.54
CA THR H 227 6.27 -19.59 46.98
C THR H 227 5.70 -20.50 48.07
N SER H 228 5.01 -21.56 47.63
CA SER H 228 4.40 -22.50 48.56
C SER H 228 5.45 -23.19 49.42
N GLU H 229 6.69 -23.19 48.93
CA GLU H 229 7.81 -23.84 49.61
C GLU H 229 8.59 -22.88 50.49
N SER H 230 8.08 -21.66 50.64
CA SER H 230 8.75 -20.65 51.47
C SER H 230 8.63 -20.97 52.95
N LYS H 231 9.63 -20.56 53.71
CA LYS H 231 9.67 -20.80 55.15
C LYS H 231 10.01 -19.51 55.87
N VAL H 232 9.56 -19.39 57.12
CA VAL H 232 9.85 -18.21 57.90
C VAL H 232 10.44 -18.63 59.23
N VAL H 233 11.62 -18.10 59.53
CA VAL H 233 12.29 -18.43 60.79
C VAL H 233 12.69 -17.19 61.57
N PHE H 234 12.47 -17.23 62.87
CA PHE H 234 12.84 -16.12 63.74
C PHE H 234 14.17 -16.45 64.38
N THR H 235 14.97 -15.42 64.66
CA THR H 235 16.27 -15.59 65.28
C THR H 235 16.68 -14.43 66.17
N GLU H 236 17.50 -14.73 67.16
CA GLU H 236 18.02 -13.71 68.06
C GLU H 236 19.51 -13.96 68.19
N LYS H 237 20.28 -12.89 68.18
CA LYS H 237 21.73 -13.00 68.28
C LYS H 237 22.27 -12.05 69.33
N THR H 238 23.44 -12.37 69.85
CA THR H 238 24.10 -11.53 70.84
C THR H 238 24.78 -10.43 70.04
N THR H 239 25.03 -9.29 70.67
CA THR H 239 25.65 -8.16 69.98
C THR H 239 26.81 -8.58 69.04
N ASP H 240 27.44 -9.72 69.34
CA ASP H 240 28.54 -10.19 68.50
C ASP H 240 27.95 -10.77 67.23
N GLY H 241 27.22 -11.87 67.39
CA GLY H 241 26.61 -12.54 66.26
C GLY H 241 26.27 -13.98 66.58
N GLN H 242 26.61 -14.41 67.79
CA GLN H 242 26.32 -15.77 68.21
C GLN H 242 24.80 -15.96 68.37
N GLN H 243 24.21 -16.60 67.38
CA GLN H 243 22.78 -16.88 67.37
C GLN H 243 22.45 -17.85 68.50
N ILE H 244 21.58 -17.44 69.43
CA ILE H 244 21.21 -18.31 70.53
C ILE H 244 19.77 -18.81 70.40
N TRP H 245 19.01 -18.20 69.50
CA TRP H 245 17.63 -18.62 69.28
C TRP H 245 17.31 -18.75 67.80
N GLU H 246 16.54 -19.78 67.48
CA GLU H 246 16.13 -20.04 66.11
C GLU H 246 14.89 -20.91 66.14
N MET H 247 13.82 -20.41 65.53
CA MET H 247 12.57 -21.16 65.51
C MET H 247 11.73 -20.84 64.28
N GLU H 248 11.29 -21.90 63.61
CA GLU H 248 10.48 -21.76 62.43
C GLU H 248 9.02 -21.54 62.75
N ALA H 249 8.49 -20.41 62.29
CA ALA H 249 7.09 -20.09 62.50
C ALA H 249 6.35 -20.63 61.28
N THR H 250 5.37 -21.49 61.52
CA THR H 250 4.60 -22.10 60.44
C THR H 250 3.82 -21.08 59.59
N VAL H 251 3.90 -21.26 58.27
CA VAL H 251 3.19 -20.38 57.34
C VAL H 251 1.70 -20.75 57.39
N ASP H 252 1.00 -20.72 56.25
CA ASP H 252 -0.42 -21.04 56.31
C ASP H 252 -1.01 -22.00 55.26
N LYS H 253 -2.03 -22.71 55.72
CA LYS H 253 -2.79 -23.71 54.95
C LYS H 253 -3.20 -23.26 53.56
N ASP H 254 -3.46 -21.97 53.40
CA ASP H 254 -3.87 -21.44 52.10
C ASP H 254 -2.70 -21.39 51.14
N LYS H 255 -3.01 -21.22 49.86
CA LYS H 255 -1.99 -21.11 48.82
C LYS H 255 -1.31 -19.75 49.01
N SER H 256 -1.62 -19.11 50.14
CA SER H 256 -1.08 -17.81 50.45
C SER H 256 -1.23 -16.93 49.22
N GLN H 257 -0.12 -16.44 48.70
CA GLN H 257 -0.12 -15.60 47.51
C GLN H 257 1.29 -15.60 46.94
N PRO H 258 1.44 -15.21 45.67
CA PRO H 258 2.77 -15.16 45.05
C PRO H 258 3.56 -13.99 45.61
N ASN H 259 2.87 -13.16 46.39
CA ASN H 259 3.47 -11.97 47.00
C ASN H 259 2.88 -11.64 48.38
N MET H 260 2.46 -12.67 49.10
CA MET H 260 1.87 -12.45 50.41
C MET H 260 1.90 -13.74 51.24
N LEU H 261 2.48 -13.66 52.45
CA LEU H 261 2.56 -14.81 53.35
C LEU H 261 1.84 -14.58 54.67
N PHE H 262 1.22 -15.63 55.21
CA PHE H 262 0.49 -15.55 56.47
C PHE H 262 1.25 -16.35 57.53
N VAL H 263 2.10 -15.67 58.29
CA VAL H 263 2.89 -16.33 59.31
C VAL H 263 2.27 -16.22 60.69
N GLU H 264 2.30 -17.32 61.44
CA GLU H 264 1.78 -17.34 62.80
C GLU H 264 2.96 -17.11 63.73
N ILE H 265 3.08 -15.88 64.25
CA ILE H 265 4.18 -15.52 65.14
C ILE H 265 4.50 -16.65 66.12
N PRO H 266 5.79 -17.03 66.20
CA PRO H 266 6.22 -18.11 67.10
C PRO H 266 6.22 -17.68 68.56
N GLU H 267 6.31 -18.67 69.44
CA GLU H 267 6.34 -18.46 70.88
C GLU H 267 7.78 -18.04 71.19
N TYR H 268 8.01 -17.47 72.37
CA TYR H 268 9.37 -17.07 72.71
C TYR H 268 9.99 -18.07 73.68
N ARG H 269 11.32 -18.04 73.81
CA ARG H 269 12.04 -18.97 74.70
C ARG H 269 12.05 -18.59 76.17
N ASN H 270 11.56 -17.39 76.49
CA ASN H 270 11.55 -16.93 77.88
C ASN H 270 10.43 -15.92 78.19
N LYS H 271 9.28 -16.42 78.65
CA LYS H 271 8.14 -15.56 78.99
C LYS H 271 8.48 -14.60 80.12
N HIS H 272 9.42 -15.01 80.98
CA HIS H 272 9.81 -14.21 82.14
C HIS H 272 10.81 -13.09 81.87
N ILE H 273 10.50 -12.25 80.90
CA ILE H 273 11.36 -11.11 80.59
C ILE H 273 10.71 -9.85 81.16
N ARG H 274 11.54 -8.95 81.70
CA ARG H 274 11.03 -7.71 82.28
C ARG H 274 11.37 -6.51 81.40
N THR H 275 11.66 -6.79 80.13
CA THR H 275 11.98 -5.77 79.14
C THR H 275 11.84 -6.36 77.75
N PRO H 276 11.23 -5.59 76.81
CA PRO H 276 11.05 -6.10 75.45
C PRO H 276 12.36 -6.62 74.85
N VAL H 277 12.23 -7.55 73.88
CA VAL H 277 13.39 -8.15 73.22
C VAL H 277 13.34 -8.06 71.69
N LYS H 278 14.41 -7.49 71.11
CA LYS H 278 14.53 -7.34 69.67
C LYS H 278 15.00 -8.66 69.06
N VAL H 279 14.33 -9.09 67.99
CA VAL H 279 14.67 -10.33 67.30
C VAL H 279 14.55 -10.10 65.80
N ASN H 280 14.79 -11.15 65.03
CA ASN H 280 14.70 -11.06 63.59
C ASN H 280 13.98 -12.27 63.02
N PHE H 281 13.56 -12.14 61.76
CA PHE H 281 12.90 -13.24 61.11
C PHE H 281 13.15 -13.04 59.62
N TYR H 282 13.42 -14.15 58.92
CA TYR H 282 13.69 -14.07 57.50
C TYR H 282 12.86 -15.10 56.72
N VAL H 283 12.80 -14.90 55.42
CA VAL H 283 12.07 -15.81 54.56
C VAL H 283 13.11 -16.56 53.75
N ILE H 284 12.97 -17.89 53.70
CA ILE H 284 13.92 -18.72 52.97
C ILE H 284 13.27 -19.70 51.98
N ASN H 285 13.88 -19.83 50.81
CA ASN H 285 13.38 -20.72 49.77
C ASN H 285 14.38 -21.84 49.46
N GLY H 286 14.53 -22.76 50.40
CA GLY H 286 15.46 -23.86 50.18
C GLY H 286 16.71 -23.70 51.03
N LYS H 287 17.81 -23.29 50.41
CA LYS H 287 19.04 -23.12 51.15
C LYS H 287 19.63 -21.73 50.90
N ARG H 288 20.30 -21.56 49.76
CA ARG H 288 20.90 -20.28 49.41
C ARG H 288 19.80 -19.34 48.93
N LYS H 289 18.81 -19.06 49.77
CA LYS H 289 17.72 -18.16 49.38
C LYS H 289 17.08 -17.45 50.56
N ARG H 290 17.91 -16.74 51.33
CA ARG H 290 17.42 -16.01 52.48
C ARG H 290 17.23 -14.53 52.21
N SER H 291 16.09 -14.00 52.66
CA SER H 291 15.79 -12.60 52.51
C SER H 291 16.51 -11.86 53.64
N GLN H 292 16.64 -10.56 53.51
CA GLN H 292 17.30 -9.78 54.56
C GLN H 292 16.54 -10.02 55.85
N PRO H 293 17.24 -9.91 56.99
CA PRO H 293 16.58 -10.13 58.28
C PRO H 293 15.54 -9.05 58.57
N GLN H 294 14.34 -9.47 58.96
CA GLN H 294 13.27 -8.52 59.27
C GLN H 294 13.17 -8.30 60.79
N HIS H 295 13.12 -7.03 61.20
CA HIS H 295 13.04 -6.68 62.62
C HIS H 295 11.67 -6.98 63.22
N PHE H 296 11.68 -7.43 64.48
CA PHE H 296 10.46 -7.77 65.21
C PHE H 296 10.79 -7.79 66.70
N THR H 297 9.92 -7.21 67.53
CA THR H 297 10.19 -7.17 68.96
C THR H 297 9.16 -7.92 69.80
N TYR H 298 9.59 -8.38 70.97
CA TYR H 298 8.73 -9.13 71.87
C TYR H 298 8.56 -8.35 73.18
N HIS H 299 7.33 -8.01 73.52
CA HIS H 299 7.04 -7.29 74.76
C HIS H 299 6.86 -8.28 75.91
N PRO H 300 7.33 -7.90 77.10
CA PRO H 300 7.20 -8.76 78.29
C PRO H 300 5.72 -8.93 78.69
N VAL H 301 5.41 -10.05 79.34
CA VAL H 301 4.04 -10.36 79.78
C VAL H 301 3.32 -9.18 80.42
N TRP I 22 -6.49 -26.38 -14.85
CA TRP I 22 -6.38 -27.80 -14.40
C TRP I 22 -4.91 -28.11 -14.10
N PRO I 23 -4.63 -28.61 -12.88
CA PRO I 23 -3.26 -28.96 -12.48
C PRO I 23 -2.68 -30.17 -13.24
N LEU I 24 -3.55 -31.04 -13.75
CA LEU I 24 -3.12 -32.23 -14.48
C LEU I 24 -2.48 -31.82 -15.80
N SER I 25 -1.38 -32.48 -16.16
CA SER I 25 -0.67 -32.17 -17.40
C SER I 25 -1.11 -33.05 -18.57
N SER I 26 -1.16 -32.43 -19.75
CA SER I 26 -1.54 -33.10 -21.00
C SER I 26 -0.42 -32.83 -22.03
N GLN I 27 -0.68 -33.00 -23.32
CA GLN I 27 0.37 -32.75 -24.31
C GLN I 27 -0.12 -32.51 -25.74
N SER I 28 0.01 -33.54 -26.58
CA SER I 28 -0.40 -33.47 -28.00
C SER I 28 -0.49 -34.89 -28.58
N GLY I 29 -1.55 -35.62 -28.18
CA GLY I 29 -1.80 -37.00 -28.59
C GLY I 29 -1.60 -37.47 -30.04
N SER I 30 -2.70 -37.90 -30.66
CA SER I 30 -2.65 -38.41 -32.05
C SER I 30 -2.70 -37.29 -33.11
N TYR I 31 -3.21 -36.13 -32.71
CA TYR I 31 -3.31 -34.96 -33.59
C TYR I 31 -2.13 -34.05 -33.25
N GLU I 32 -2.45 -32.82 -32.82
CA GLU I 32 -1.43 -31.86 -32.41
C GLU I 32 -1.96 -30.44 -32.28
N LEU I 33 -1.63 -29.83 -31.13
CA LEU I 33 -2.02 -28.45 -30.82
C LEU I 33 -0.71 -27.66 -30.76
N ARG I 34 -0.49 -26.79 -31.74
CA ARG I 34 0.74 -26.02 -31.81
C ARG I 34 0.56 -24.48 -31.75
N ILE I 35 1.52 -23.81 -31.14
CA ILE I 35 1.47 -22.35 -31.07
C ILE I 35 2.18 -21.93 -32.33
N GLU I 36 1.41 -21.45 -33.31
CA GLU I 36 1.98 -21.02 -34.57
C GLU I 36 2.68 -19.68 -34.43
N VAL I 37 2.26 -18.88 -33.45
CA VAL I 37 2.89 -17.58 -33.23
C VAL I 37 3.05 -17.28 -31.74
N GLN I 38 4.29 -17.27 -31.28
CA GLN I 38 4.59 -17.00 -29.88
C GLN I 38 4.39 -15.53 -29.51
N PRO I 39 3.98 -15.27 -28.27
CA PRO I 39 3.74 -13.92 -27.76
C PRO I 39 5.06 -13.24 -27.37
N LYS I 40 5.09 -11.91 -27.39
CA LYS I 40 6.31 -11.19 -27.03
C LYS I 40 6.79 -11.72 -25.69
N PRO I 41 8.09 -11.60 -25.40
CA PRO I 41 8.73 -12.04 -24.15
C PRO I 41 8.28 -11.22 -22.93
N HIS I 42 7.93 -9.95 -23.16
CA HIS I 42 7.48 -9.11 -22.07
C HIS I 42 6.05 -8.71 -22.30
N HIS I 43 5.40 -8.27 -21.22
CA HIS I 43 4.00 -7.78 -21.26
C HIS I 43 3.55 -7.31 -19.90
N ARG I 44 3.72 -6.01 -19.64
CA ARG I 44 3.33 -5.45 -18.36
C ARG I 44 1.87 -5.78 -18.06
N ALA I 45 1.64 -6.49 -16.96
CA ALA I 45 0.28 -6.84 -16.58
C ALA I 45 -0.30 -5.67 -15.81
N HIS I 46 -1.61 -5.68 -15.61
CA HIS I 46 -2.26 -4.59 -14.88
C HIS I 46 -2.98 -5.08 -13.61
N TYR I 47 -3.25 -4.13 -12.72
CA TYR I 47 -3.91 -4.45 -11.47
C TYR I 47 -5.41 -4.17 -11.54
N GLU I 48 -6.17 -4.69 -10.58
CA GLU I 48 -7.61 -4.43 -10.55
C GLU I 48 -7.77 -2.95 -10.29
N THR I 49 -6.73 -2.36 -9.71
CA THR I 49 -6.70 -0.94 -9.36
C THR I 49 -6.47 -0.04 -10.58
N GLU I 50 -5.94 -0.62 -11.64
CA GLU I 50 -5.68 0.14 -12.86
C GLU I 50 -6.72 -0.31 -13.88
N GLY I 51 -6.59 0.21 -15.09
CA GLY I 51 -7.51 -0.20 -16.13
C GLY I 51 -6.73 -1.11 -17.04
N SER I 52 -7.42 -2.05 -17.68
CA SER I 52 -6.78 -2.97 -18.61
C SER I 52 -5.50 -2.44 -19.17
N ARG I 53 -4.48 -3.28 -19.23
CA ARG I 53 -3.22 -2.84 -19.79
C ARG I 53 -3.06 -3.42 -21.18
N GLY I 54 -4.18 -3.85 -21.77
CA GLY I 54 -4.13 -4.37 -23.11
C GLY I 54 -3.91 -5.86 -23.28
N ALA I 55 -4.27 -6.37 -24.45
CA ALA I 55 -4.13 -7.78 -24.78
C ALA I 55 -2.68 -8.18 -25.00
N VAL I 56 -2.39 -9.47 -24.85
CA VAL I 56 -1.03 -9.96 -25.03
C VAL I 56 -0.71 -9.83 -26.51
N LYS I 57 0.36 -9.12 -26.80
CA LYS I 57 0.75 -8.92 -28.19
C LYS I 57 1.94 -9.77 -28.63
N ALA I 58 2.05 -9.98 -29.95
CA ALA I 58 3.14 -10.77 -30.52
C ALA I 58 4.23 -9.85 -31.07
N PRO I 59 5.47 -10.32 -31.12
CA PRO I 59 6.58 -9.50 -31.64
C PRO I 59 6.35 -8.91 -33.04
N THR I 60 5.64 -9.67 -33.87
CA THR I 60 5.33 -9.25 -35.23
C THR I 60 4.42 -8.02 -35.27
N GLY I 61 4.00 -7.56 -34.09
CA GLY I 61 3.12 -6.41 -34.03
C GLY I 61 1.68 -6.90 -34.05
N GLY I 62 1.52 -8.20 -34.23
CA GLY I 62 0.19 -8.78 -34.26
C GLY I 62 -0.21 -9.37 -32.91
N HIS I 63 -0.55 -10.65 -32.90
CA HIS I 63 -0.96 -11.33 -31.68
C HIS I 63 -0.55 -12.80 -31.79
N PRO I 64 -0.47 -13.50 -30.65
CA PRO I 64 -0.09 -14.90 -30.72
C PRO I 64 -1.17 -15.71 -31.42
N VAL I 65 -0.76 -16.79 -32.08
CA VAL I 65 -1.71 -17.63 -32.80
C VAL I 65 -1.59 -19.10 -32.49
N VAL I 66 -2.72 -19.70 -32.12
CA VAL I 66 -2.80 -21.12 -31.77
C VAL I 66 -3.55 -21.87 -32.84
N GLN I 67 -3.08 -23.08 -33.16
CA GLN I 67 -3.73 -23.89 -34.18
C GLN I 67 -3.78 -25.39 -33.88
N LEU I 68 -4.94 -26.01 -34.16
CA LEU I 68 -5.10 -27.45 -33.96
C LEU I 68 -4.99 -28.06 -35.35
N HIS I 69 -4.06 -29.00 -35.54
CA HIS I 69 -3.84 -29.58 -36.87
C HIS I 69 -4.61 -30.79 -37.37
N GLY I 70 -4.43 -31.95 -36.74
CA GLY I 70 -5.09 -33.17 -37.18
C GLY I 70 -6.61 -33.20 -37.28
N TYR I 71 -7.29 -32.15 -36.85
CA TYR I 71 -8.75 -32.10 -36.90
C TYR I 71 -9.32 -31.95 -38.31
N MET I 72 -10.19 -32.90 -38.69
CA MET I 72 -10.82 -32.90 -40.01
C MET I 72 -12.32 -32.64 -39.96
N GLU I 73 -12.96 -33.06 -38.87
CA GLU I 73 -14.41 -32.87 -38.72
C GLU I 73 -14.83 -31.42 -38.96
N ASN I 74 -16.12 -31.22 -39.15
CA ASN I 74 -16.66 -29.88 -39.37
C ASN I 74 -17.49 -29.45 -38.16
N LYS I 75 -16.84 -29.37 -37.02
CA LYS I 75 -17.48 -28.97 -35.78
C LYS I 75 -16.48 -28.09 -35.04
N PRO I 76 -16.95 -26.93 -34.52
CA PRO I 76 -16.06 -26.02 -33.79
C PRO I 76 -15.79 -26.42 -32.33
N LEU I 77 -14.51 -26.45 -31.96
CA LEU I 77 -14.13 -26.78 -30.58
C LEU I 77 -13.88 -25.48 -29.82
N GLY I 78 -13.72 -25.59 -28.51
CA GLY I 78 -13.46 -24.43 -27.68
C GLY I 78 -12.05 -24.43 -27.10
N LEU I 79 -11.19 -23.55 -27.63
CA LEU I 79 -9.83 -23.44 -27.15
C LEU I 79 -9.89 -22.72 -25.82
N GLN I 80 -9.22 -23.27 -24.81
CA GLN I 80 -9.23 -22.66 -23.50
C GLN I 80 -7.91 -21.99 -23.22
N ILE I 81 -7.98 -20.82 -22.59
CA ILE I 81 -6.79 -20.04 -22.28
C ILE I 81 -6.72 -19.64 -20.81
N PHE I 82 -5.60 -19.93 -20.17
CA PHE I 82 -5.42 -19.53 -18.79
C PHE I 82 -3.94 -19.24 -18.56
N ILE I 83 -3.66 -18.44 -17.53
CA ILE I 83 -2.29 -18.07 -17.19
C ILE I 83 -1.65 -19.09 -16.23
N GLY I 84 -0.51 -19.63 -16.62
CA GLY I 84 0.16 -20.60 -15.77
C GLY I 84 1.58 -20.24 -15.43
N THR I 85 2.22 -21.10 -14.63
CA THR I 85 3.60 -20.88 -14.18
C THR I 85 4.65 -21.06 -15.27
N ALA I 86 5.74 -20.32 -15.18
CA ALA I 86 6.79 -20.39 -16.19
C ALA I 86 8.04 -21.10 -15.69
N ASP I 87 8.47 -20.72 -14.50
CA ASP I 87 9.66 -21.31 -13.90
C ASP I 87 9.24 -22.63 -13.26
N GLU I 88 10.02 -23.11 -12.29
CA GLU I 88 9.71 -24.38 -11.61
C GLU I 88 9.31 -25.36 -12.71
N ARG I 89 8.55 -26.41 -12.37
CA ARG I 89 8.12 -27.32 -13.42
C ARG I 89 7.06 -28.38 -13.16
N ILE I 90 5.82 -27.91 -13.16
CA ILE I 90 4.62 -28.74 -13.02
C ILE I 90 3.58 -27.76 -13.50
N LEU I 91 3.80 -27.29 -14.73
CA LEU I 91 2.94 -26.33 -15.38
C LEU I 91 1.58 -26.29 -14.71
N LYS I 92 1.29 -25.19 -14.02
CA LYS I 92 0.00 -25.07 -13.33
C LYS I 92 -0.49 -23.63 -13.29
N PRO I 93 -1.79 -23.44 -13.03
CA PRO I 93 -2.33 -22.09 -12.96
C PRO I 93 -1.45 -21.24 -12.04
N HIS I 94 -1.07 -20.05 -12.49
CA HIS I 94 -0.26 -19.17 -11.67
C HIS I 94 -1.22 -18.55 -10.65
N ALA I 95 -0.83 -18.56 -9.37
CA ALA I 95 -1.72 -18.04 -8.33
C ALA I 95 -1.82 -16.52 -8.28
N PHE I 96 -0.86 -15.84 -8.89
CA PHE I 96 -0.87 -14.39 -8.84
C PHE I 96 -1.22 -13.70 -10.17
N TYR I 97 -1.75 -14.46 -11.10
CA TYR I 97 -2.11 -13.94 -12.40
C TYR I 97 -3.36 -14.58 -12.92
N GLN I 98 -4.17 -13.81 -13.64
CA GLN I 98 -5.40 -14.33 -14.20
C GLN I 98 -5.55 -13.75 -15.58
N VAL I 99 -5.98 -14.56 -16.53
CA VAL I 99 -6.15 -14.05 -17.87
C VAL I 99 -7.20 -12.97 -17.75
N HIS I 100 -7.13 -12.00 -18.65
CA HIS I 100 -8.09 -10.90 -18.65
C HIS I 100 -8.77 -10.85 -19.99
N ARG I 101 -10.10 -10.88 -19.94
CA ARG I 101 -10.94 -10.85 -21.14
C ARG I 101 -11.06 -9.44 -21.70
N ILE I 102 -10.27 -9.12 -22.72
CA ILE I 102 -10.39 -7.77 -23.24
C ILE I 102 -11.70 -7.64 -24.02
N THR I 103 -12.43 -6.58 -23.72
CA THR I 103 -13.69 -6.27 -24.37
C THR I 103 -13.38 -5.33 -25.54
N GLY I 104 -12.68 -5.85 -26.53
CA GLY I 104 -12.31 -5.05 -27.68
C GLY I 104 -13.52 -4.66 -28.49
N LYS I 105 -14.20 -3.60 -28.07
CA LYS I 105 -15.39 -3.13 -28.78
C LYS I 105 -15.15 -3.15 -30.28
N THR I 106 -13.89 -3.03 -30.69
CA THR I 106 -13.59 -3.05 -32.12
C THR I 106 -12.35 -3.88 -32.42
N VAL I 107 -11.21 -3.46 -31.87
CA VAL I 107 -9.95 -4.15 -32.11
C VAL I 107 -10.07 -5.67 -31.94
N THR I 108 -10.99 -6.12 -31.10
CA THR I 108 -11.17 -7.55 -30.87
C THR I 108 -11.68 -8.31 -32.10
N THR I 109 -10.96 -9.37 -32.47
CA THR I 109 -11.32 -10.18 -33.62
C THR I 109 -11.90 -11.52 -33.19
N THR I 110 -11.81 -11.81 -31.89
CA THR I 110 -12.30 -13.09 -31.37
C THR I 110 -13.31 -12.97 -30.24
N SER I 111 -14.33 -13.82 -30.27
CA SER I 111 -15.36 -13.82 -29.23
C SER I 111 -14.73 -14.44 -27.99
N TYR I 112 -15.40 -14.33 -26.84
CA TYR I 112 -14.83 -14.87 -25.61
C TYR I 112 -15.89 -15.40 -24.64
N GLU I 113 -15.42 -16.02 -23.57
CA GLU I 113 -16.27 -16.58 -22.53
C GLU I 113 -15.42 -16.64 -21.26
N LYS I 114 -16.06 -16.48 -20.11
CA LYS I 114 -15.34 -16.48 -18.84
C LYS I 114 -15.80 -17.60 -17.90
N ILE I 115 -14.88 -18.52 -17.56
CA ILE I 115 -15.20 -19.64 -16.66
C ILE I 115 -14.42 -19.52 -15.35
N VAL I 116 -14.33 -20.62 -14.59
CA VAL I 116 -13.60 -20.63 -13.30
C VAL I 116 -12.93 -21.95 -12.90
N GLY I 117 -12.70 -22.07 -11.60
CA GLY I 117 -12.04 -23.24 -11.03
C GLY I 117 -10.93 -22.70 -10.14
N ASN I 118 -11.26 -21.59 -9.47
CA ASN I 118 -10.36 -20.83 -8.60
C ASN I 118 -9.49 -19.93 -9.46
N THR I 119 -9.35 -20.31 -10.73
CA THR I 119 -8.58 -19.55 -11.69
C THR I 119 -9.48 -19.29 -12.91
N LYS I 120 -9.45 -18.06 -13.44
CA LYS I 120 -10.25 -17.68 -14.59
C LYS I 120 -9.71 -18.24 -15.88
N VAL I 121 -10.62 -18.73 -16.71
CA VAL I 121 -10.23 -19.29 -17.99
C VAL I 121 -11.02 -18.67 -19.13
N LEU I 122 -10.32 -18.36 -20.21
CA LEU I 122 -10.93 -17.78 -21.40
C LEU I 122 -11.15 -18.88 -22.40
N GLU I 123 -12.31 -18.90 -23.01
CA GLU I 123 -12.60 -19.90 -24.03
C GLU I 123 -12.96 -19.21 -25.33
N ILE I 124 -12.12 -19.38 -26.33
CA ILE I 124 -12.37 -18.77 -27.63
C ILE I 124 -12.69 -19.90 -28.60
N PRO I 125 -13.49 -19.62 -29.62
CA PRO I 125 -13.81 -20.70 -30.57
C PRO I 125 -12.74 -20.98 -31.62
N LEU I 126 -12.53 -22.27 -31.88
CA LEU I 126 -11.58 -22.75 -32.89
C LEU I 126 -12.46 -23.30 -34.00
N GLU I 127 -12.62 -22.52 -35.07
CA GLU I 127 -13.47 -22.94 -36.17
C GLU I 127 -12.71 -23.40 -37.41
N PRO I 128 -13.24 -24.44 -38.08
CA PRO I 128 -12.61 -24.98 -39.29
C PRO I 128 -12.60 -23.97 -40.43
N LYS I 129 -13.49 -22.98 -40.34
CA LYS I 129 -13.57 -21.94 -41.36
C LYS I 129 -12.18 -21.33 -41.53
N ASN I 130 -11.47 -21.22 -40.41
CA ASN I 130 -10.13 -20.65 -40.41
C ASN I 130 -9.06 -21.73 -40.32
N ASN I 131 -9.43 -22.97 -40.63
CA ASN I 131 -8.50 -24.09 -40.60
C ASN I 131 -8.14 -24.35 -39.14
N MET I 132 -9.15 -24.31 -38.26
CA MET I 132 -8.96 -24.53 -36.82
C MET I 132 -7.78 -23.70 -36.30
N ARG I 133 -7.74 -22.45 -36.75
CA ARG I 133 -6.69 -21.52 -36.37
C ARG I 133 -7.37 -20.43 -35.56
N ALA I 134 -6.65 -19.88 -34.58
CA ALA I 134 -7.24 -18.84 -33.74
C ALA I 134 -6.26 -17.74 -33.44
N THR I 135 -6.72 -16.50 -33.58
CA THR I 135 -5.87 -15.35 -33.30
C THR I 135 -6.24 -14.94 -31.89
N ILE I 136 -5.25 -14.88 -31.02
CA ILE I 136 -5.47 -14.51 -29.62
C ILE I 136 -5.23 -13.03 -29.32
N ASP I 137 -6.25 -12.21 -29.47
CA ASP I 137 -6.10 -10.79 -29.18
C ASP I 137 -7.16 -10.34 -28.21
N CYS I 138 -7.67 -11.28 -27.43
CA CYS I 138 -8.70 -10.97 -26.44
C CYS I 138 -8.21 -11.36 -25.06
N ALA I 139 -6.91 -11.67 -24.96
CA ALA I 139 -6.33 -12.08 -23.70
C ALA I 139 -5.37 -11.08 -23.08
N GLY I 140 -5.75 -10.59 -21.90
CA GLY I 140 -4.90 -9.68 -21.18
C GLY I 140 -4.29 -10.44 -20.00
N ILE I 141 -3.68 -9.73 -19.08
CA ILE I 141 -3.08 -10.37 -17.92
C ILE I 141 -3.23 -9.54 -16.65
N LEU I 142 -4.23 -9.87 -15.87
CA LEU I 142 -4.47 -9.21 -14.60
C LEU I 142 -3.47 -9.73 -13.56
N LYS I 143 -3.15 -8.93 -12.54
CA LYS I 143 -2.23 -9.40 -11.51
C LYS I 143 -2.83 -9.25 -10.15
N LEU I 144 -3.10 -10.36 -9.48
CA LEU I 144 -3.70 -10.29 -8.14
C LEU I 144 -2.63 -9.79 -7.20
N ARG I 145 -3.06 -9.29 -6.05
CA ARG I 145 -2.15 -8.75 -5.05
C ARG I 145 -1.52 -9.81 -4.12
N ASN I 146 -0.21 -9.97 -4.21
CA ASN I 146 0.53 -10.94 -3.41
C ASN I 146 -0.10 -11.22 -2.08
N ALA I 147 -0.27 -10.19 -1.25
CA ALA I 147 -0.88 -10.41 0.07
C ALA I 147 -2.24 -11.09 -0.08
N ASP I 148 -3.17 -10.45 -0.78
CA ASP I 148 -4.50 -11.01 -0.96
C ASP I 148 -4.48 -12.50 -1.25
N ILE I 149 -3.43 -12.99 -1.90
CA ILE I 149 -3.36 -14.41 -2.24
C ILE I 149 -2.79 -15.28 -1.14
N GLU I 150 -1.53 -15.04 -0.78
CA GLU I 150 -0.84 -15.81 0.27
C GLU I 150 -1.65 -15.85 1.57
N LEU I 151 -2.63 -14.95 1.64
CA LEU I 151 -3.52 -14.80 2.79
C LEU I 151 -4.67 -15.83 2.81
N ARG I 152 -4.84 -16.59 1.74
CA ARG I 152 -5.92 -17.58 1.70
C ARG I 152 -5.45 -19.00 2.02
N LYS I 153 -6.19 -19.64 2.93
CA LYS I 153 -5.90 -21.00 3.39
C LYS I 153 -5.65 -22.02 2.28
N GLY I 154 -4.45 -22.61 2.29
CA GLY I 154 -4.10 -23.61 1.29
C GLY I 154 -2.83 -23.30 0.52
N GLU I 155 -2.78 -22.11 -0.07
CA GLU I 155 -1.62 -21.69 -0.85
C GLU I 155 -0.33 -21.56 -0.06
N THR I 156 0.74 -22.10 -0.64
CA THR I 156 2.06 -22.10 -0.01
C THR I 156 3.12 -21.41 -0.87
N ASP I 157 2.79 -21.15 -2.13
CA ASP I 157 3.73 -20.48 -3.04
C ASP I 157 3.72 -18.97 -2.72
N ILE I 158 4.74 -18.27 -3.19
CA ILE I 158 4.86 -16.83 -2.94
C ILE I 158 4.96 -15.98 -4.22
N GLY I 159 4.39 -14.77 -4.17
CA GLY I 159 4.44 -13.90 -5.31
C GLY I 159 5.79 -13.25 -5.48
N ARG I 160 6.32 -12.69 -4.40
CA ARG I 160 7.61 -12.01 -4.42
C ARG I 160 8.61 -12.56 -5.44
N LYS I 161 9.17 -11.66 -6.25
CA LYS I 161 10.15 -11.99 -7.28
C LYS I 161 9.69 -13.01 -8.33
N ASN I 162 8.49 -13.55 -8.15
CA ASN I 162 7.97 -14.52 -9.09
C ASN I 162 6.92 -13.90 -10.01
N THR I 163 7.39 -13.32 -11.11
CA THR I 163 6.52 -12.66 -12.09
C THR I 163 6.70 -13.16 -13.52
N ARG I 164 7.12 -14.40 -13.70
CA ARG I 164 7.26 -14.97 -15.04
C ARG I 164 5.97 -15.74 -15.28
N VAL I 165 5.52 -15.82 -16.51
CA VAL I 165 4.26 -16.50 -16.79
C VAL I 165 4.26 -17.17 -18.15
N ARG I 166 3.27 -18.04 -18.36
CA ARG I 166 3.14 -18.71 -19.64
C ARG I 166 1.68 -18.84 -19.99
N LEU I 167 1.36 -18.51 -21.25
CA LEU I 167 -0.01 -18.63 -21.73
C LEU I 167 -0.27 -20.11 -21.94
N VAL I 168 -1.39 -20.59 -21.41
CA VAL I 168 -1.71 -21.99 -21.57
C VAL I 168 -2.98 -22.18 -22.38
N PHE I 169 -2.87 -23.03 -23.40
CA PHE I 169 -3.99 -23.31 -24.30
C PHE I 169 -4.40 -24.78 -24.25
N ARG I 170 -5.70 -24.99 -24.23
CA ARG I 170 -6.24 -26.34 -24.18
C ARG I 170 -7.45 -26.51 -25.06
N VAL I 171 -7.60 -27.73 -25.57
CA VAL I 171 -8.73 -28.10 -26.42
C VAL I 171 -9.19 -29.48 -25.96
N HIS I 172 -10.50 -29.69 -26.03
CA HIS I 172 -11.08 -30.97 -25.66
C HIS I 172 -11.75 -31.51 -26.92
N ILE I 173 -11.00 -32.34 -27.65
CA ILE I 173 -11.46 -32.94 -28.92
C ILE I 173 -12.34 -34.18 -28.81
N PRO I 174 -13.63 -34.06 -29.14
CA PRO I 174 -14.52 -35.21 -29.06
C PRO I 174 -14.39 -36.09 -30.29
N GLU I 175 -14.16 -37.38 -30.07
CA GLU I 175 -14.06 -38.34 -31.17
C GLU I 175 -15.37 -39.12 -31.25
N SER I 176 -15.86 -39.34 -32.46
CA SER I 176 -17.12 -40.07 -32.68
C SER I 176 -17.26 -41.30 -31.78
N SER I 177 -16.13 -41.90 -31.40
CA SER I 177 -16.11 -43.08 -30.54
C SER I 177 -16.61 -42.78 -29.13
N GLY I 178 -16.82 -41.50 -28.84
CA GLY I 178 -17.30 -41.10 -27.52
C GLY I 178 -16.21 -40.59 -26.57
N ARG I 179 -14.96 -40.90 -26.89
CA ARG I 179 -13.84 -40.49 -26.05
C ARG I 179 -13.62 -38.98 -26.12
N ILE I 180 -12.74 -38.49 -25.24
CA ILE I 180 -12.39 -37.07 -25.17
C ILE I 180 -10.88 -36.95 -25.11
N VAL I 181 -10.28 -36.40 -26.17
CA VAL I 181 -8.84 -36.21 -26.21
C VAL I 181 -8.54 -34.77 -25.81
N SER I 182 -7.74 -34.61 -24.74
CA SER I 182 -7.41 -33.28 -24.26
C SER I 182 -5.94 -32.92 -24.45
N LEU I 183 -5.69 -32.02 -25.41
CA LEU I 183 -4.35 -31.56 -25.71
C LEU I 183 -4.15 -30.25 -24.97
N GLN I 184 -2.90 -29.83 -24.86
CA GLN I 184 -2.57 -28.60 -24.17
C GLN I 184 -1.17 -28.15 -24.58
N THR I 185 -0.95 -26.86 -24.55
CA THR I 185 0.36 -26.34 -24.91
C THR I 185 0.62 -25.06 -24.14
N ALA I 186 1.88 -24.67 -24.08
CA ALA I 186 2.25 -23.48 -23.35
C ALA I 186 3.14 -22.60 -24.16
N SER I 187 2.89 -21.30 -24.07
CA SER I 187 3.69 -20.33 -24.77
C SER I 187 5.06 -20.32 -24.13
N ASN I 188 5.94 -19.45 -24.62
CA ASN I 188 7.27 -19.30 -24.02
C ASN I 188 7.00 -18.51 -22.75
N PRO I 189 8.05 -18.26 -21.96
CA PRO I 189 7.84 -17.50 -20.72
C PRO I 189 7.56 -16.04 -21.05
N ILE I 190 6.74 -15.40 -20.22
CA ILE I 190 6.41 -14.00 -20.42
C ILE I 190 6.64 -13.23 -19.14
N GLU I 191 7.57 -12.28 -19.17
CA GLU I 191 7.84 -11.43 -18.00
C GLU I 191 6.62 -10.48 -17.84
N CYS I 192 6.11 -10.29 -16.64
CA CYS I 192 4.94 -9.44 -16.47
C CYS I 192 5.14 -8.29 -15.50
N SER I 193 6.25 -7.60 -15.63
CA SER I 193 6.55 -6.50 -14.75
C SER I 193 7.21 -5.32 -15.47
N GLN I 194 6.88 -4.12 -15.04
CA GLN I 194 7.45 -2.96 -15.65
C GLN I 194 8.97 -3.00 -15.53
N GLU I 199 19.12 3.78 -17.24
CA GLU I 199 19.01 2.87 -18.36
C GLU I 199 19.74 3.43 -19.59
N LEU I 200 20.72 4.31 -19.36
CA LEU I 200 21.45 4.92 -20.46
C LEU I 200 22.59 4.08 -21.01
N PRO I 201 22.98 4.31 -22.28
CA PRO I 201 24.06 3.57 -22.94
C PRO I 201 25.41 3.67 -22.23
N MET I 202 26.30 2.73 -22.51
CA MET I 202 27.61 2.71 -21.88
C MET I 202 28.66 2.14 -22.80
N VAL I 203 29.71 2.90 -23.05
CA VAL I 203 30.79 2.46 -23.91
C VAL I 203 32.02 2.06 -23.08
N GLU I 204 32.50 0.84 -23.30
CA GLU I 204 33.64 0.31 -22.59
C GLU I 204 34.91 0.23 -23.44
N ARG I 205 34.76 -0.11 -24.72
CA ARG I 205 35.91 -0.21 -25.61
C ARG I 205 35.61 0.25 -27.03
N GLN I 206 36.63 0.80 -27.70
CA GLN I 206 36.50 1.27 -29.07
C GLN I 206 37.42 0.42 -29.95
N ASP I 207 36.86 -0.20 -30.98
CA ASP I 207 37.63 -1.02 -31.92
C ASP I 207 38.81 -0.22 -32.49
N THR I 208 38.52 1.01 -32.89
CA THR I 208 39.55 1.91 -33.45
C THR I 208 39.61 3.19 -32.62
N ASP I 209 40.76 3.86 -32.65
CA ASP I 209 40.94 5.08 -31.89
C ASP I 209 41.02 6.31 -32.78
N SER I 210 41.48 6.12 -34.01
CA SER I 210 41.60 7.22 -34.96
C SER I 210 41.30 6.75 -36.38
N CYS I 211 41.57 7.64 -37.33
CA CYS I 211 41.35 7.41 -38.75
C CYS I 211 41.59 8.76 -39.39
N LEU I 212 41.60 8.82 -40.73
CA LEU I 212 41.83 10.12 -41.36
C LEU I 212 40.63 10.70 -42.11
N VAL I 213 40.58 12.02 -42.14
CA VAL I 213 39.53 12.79 -42.77
C VAL I 213 38.51 12.07 -43.63
N TYR I 214 38.97 11.34 -44.64
CA TYR I 214 38.07 10.62 -45.54
C TYR I 214 37.03 9.77 -44.81
N GLY I 215 37.43 9.20 -43.68
CA GLY I 215 36.53 8.36 -42.92
C GLY I 215 36.43 7.00 -43.58
N GLY I 216 35.27 6.36 -43.50
CA GLY I 216 35.10 5.06 -44.12
C GLY I 216 35.39 3.90 -43.20
N GLN I 217 36.61 3.84 -42.67
CA GLN I 217 37.02 2.77 -41.76
C GLN I 217 35.90 2.37 -40.79
N GLN I 218 35.96 1.13 -40.31
CA GLN I 218 34.93 0.63 -39.40
C GLN I 218 35.35 0.67 -37.93
N MET I 219 34.41 1.06 -37.07
CA MET I 219 34.64 1.14 -35.64
C MET I 219 33.60 0.31 -34.91
N ILE I 220 34.05 -0.59 -34.06
CA ILE I 220 33.15 -1.47 -33.31
C ILE I 220 33.13 -1.13 -31.82
N LEU I 221 32.02 -0.58 -31.36
CA LEU I 221 31.87 -0.19 -29.96
C LEU I 221 31.38 -1.34 -29.08
N THR I 222 32.13 -1.61 -28.03
CA THR I 222 31.81 -2.68 -27.10
C THR I 222 31.34 -2.08 -25.78
N GLY I 223 30.04 -2.16 -25.52
CA GLY I 223 29.52 -1.60 -24.29
C GLY I 223 28.28 -2.29 -23.81
N GLN I 224 27.30 -1.52 -23.34
CA GLN I 224 26.04 -2.08 -22.85
C GLN I 224 24.82 -1.28 -23.30
N ASN I 225 23.63 -1.81 -23.00
CA ASN I 225 22.38 -1.14 -23.33
C ASN I 225 22.20 -0.78 -24.79
N PHE I 226 23.15 -1.17 -25.63
CA PHE I 226 23.06 -0.86 -27.06
C PHE I 226 21.85 -1.52 -27.72
N THR I 227 20.85 -0.71 -28.08
CA THR I 227 19.63 -1.22 -28.71
C THR I 227 19.59 -0.91 -30.20
N SER I 228 18.64 -1.50 -30.90
CA SER I 228 18.48 -1.28 -32.34
C SER I 228 18.18 0.19 -32.65
N GLU I 229 17.69 0.91 -31.66
CA GLU I 229 17.33 2.31 -31.83
C GLU I 229 18.45 3.25 -31.41
N SER I 230 19.62 2.69 -31.11
CA SER I 230 20.75 3.51 -30.70
C SER I 230 21.33 4.30 -31.85
N LYS I 231 21.89 5.45 -31.54
CA LYS I 231 22.48 6.31 -32.56
C LYS I 231 23.87 6.74 -32.10
N VAL I 232 24.73 7.06 -33.07
CA VAL I 232 26.09 7.50 -32.76
C VAL I 232 26.39 8.79 -33.48
N VAL I 233 26.74 9.82 -32.72
CA VAL I 233 27.04 11.12 -33.29
C VAL I 233 28.40 11.64 -32.88
N PHE I 234 29.13 12.20 -33.84
CA PHE I 234 30.44 12.76 -33.56
C PHE I 234 30.30 14.26 -33.41
N THR I 235 31.14 14.85 -32.58
CA THR I 235 31.08 16.28 -32.35
C THR I 235 32.45 16.87 -32.04
N GLU I 236 32.60 18.15 -32.34
CA GLU I 236 33.82 18.88 -32.07
C GLU I 236 33.42 20.21 -31.43
N LYS I 237 34.15 20.61 -30.40
CA LYS I 237 33.86 21.86 -29.73
C LYS I 237 35.10 22.70 -29.57
N THR I 238 34.90 24.00 -29.40
CA THR I 238 36.00 24.93 -29.20
C THR I 238 36.34 24.82 -27.72
N THR I 239 37.58 25.16 -27.36
CA THR I 239 38.00 25.06 -25.97
C THR I 239 36.95 25.56 -24.97
N ASP I 240 36.07 26.46 -25.41
CA ASP I 240 35.02 26.96 -24.53
C ASP I 240 33.95 25.89 -24.39
N GLY I 241 33.26 25.60 -25.50
CA GLY I 241 32.22 24.60 -25.49
C GLY I 241 31.29 24.78 -26.67
N GLN I 242 31.55 25.81 -27.47
CA GLN I 242 30.71 26.07 -28.63
C GLN I 242 30.92 24.99 -29.67
N GLN I 243 29.95 24.09 -29.74
CA GLN I 243 29.97 22.98 -30.70
C GLN I 243 29.87 23.52 -32.13
N ILE I 244 30.88 23.25 -32.95
CA ILE I 244 30.85 23.73 -34.33
C ILE I 244 30.62 22.59 -35.32
N TRP I 245 30.75 21.36 -34.86
CA TRP I 245 30.54 20.21 -35.72
C TRP I 245 29.68 19.15 -35.04
N GLU I 246 28.81 18.55 -35.83
CA GLU I 246 27.94 17.49 -35.34
C GLU I 246 27.49 16.67 -36.54
N MET I 247 27.74 15.38 -36.49
CA MET I 247 27.34 14.51 -37.57
C MET I 247 27.08 13.10 -37.11
N GLU I 248 25.94 12.56 -37.52
CA GLU I 248 25.55 11.21 -37.16
C GLU I 248 26.17 10.16 -38.05
N ALA I 249 26.92 9.25 -37.45
CA ALA I 249 27.55 8.18 -38.20
C ALA I 249 26.59 7.02 -38.16
N THR I 250 26.23 6.50 -39.31
CA THR I 250 25.28 5.40 -39.41
C THR I 250 25.76 4.11 -38.76
N VAL I 251 24.90 3.48 -37.98
CA VAL I 251 25.22 2.24 -37.32
C VAL I 251 25.22 1.14 -38.39
N ASP I 252 24.74 -0.07 -38.07
CA ASP I 252 24.77 -1.13 -39.07
C ASP I 252 23.54 -2.01 -39.27
N LYS I 253 23.39 -2.44 -40.52
CA LYS I 253 22.30 -3.30 -41.01
C LYS I 253 21.97 -4.50 -40.10
N ASP I 254 22.99 -5.04 -39.45
CA ASP I 254 22.78 -6.18 -38.58
C ASP I 254 22.08 -5.78 -37.30
N LYS I 255 21.58 -6.78 -36.58
CA LYS I 255 20.91 -6.55 -35.31
C LYS I 255 22.00 -6.17 -34.32
N SER I 256 23.19 -5.92 -34.84
CA SER I 256 24.33 -5.55 -34.02
C SER I 256 24.40 -6.54 -32.86
N GLN I 257 24.31 -6.03 -31.64
CA GLN I 257 24.34 -6.86 -30.45
C GLN I 257 23.77 -6.03 -29.29
N PRO I 258 23.38 -6.70 -28.19
CA PRO I 258 22.82 -5.98 -27.04
C PRO I 258 23.95 -5.24 -26.32
N ASN I 259 25.18 -5.52 -26.75
CA ASN I 259 26.38 -4.92 -26.15
C ASN I 259 27.50 -4.69 -27.15
N MET I 260 27.14 -4.43 -28.40
CA MET I 260 28.14 -4.22 -29.42
C MET I 260 27.56 -3.51 -30.64
N LEU I 261 28.15 -2.38 -31.02
CA LEU I 261 27.69 -1.60 -32.16
C LEU I 261 28.74 -1.49 -33.25
N PHE I 262 28.30 -1.48 -34.51
CA PHE I 262 29.20 -1.36 -35.64
C PHE I 262 28.99 -0.02 -36.32
N VAL I 263 29.80 0.97 -35.95
CA VAL I 263 29.69 2.29 -36.51
C VAL I 263 30.64 2.56 -37.67
N GLU I 264 30.14 3.20 -38.71
CA GLU I 264 30.96 3.56 -39.85
C GLU I 264 31.44 4.98 -39.63
N ILE I 265 32.69 5.13 -39.22
CA ILE I 265 33.28 6.44 -38.97
C ILE I 265 32.84 7.46 -40.03
N PRO I 266 32.34 8.61 -39.58
CA PRO I 266 31.87 9.66 -40.47
C PRO I 266 33.01 10.40 -41.14
N GLU I 267 32.69 11.14 -42.19
CA GLU I 267 33.66 11.93 -42.94
C GLU I 267 33.91 13.19 -42.11
N TYR I 268 34.97 13.93 -42.41
CA TYR I 268 35.22 15.14 -41.65
C TYR I 268 34.82 16.38 -42.45
N ARG I 269 34.70 17.52 -41.78
CA ARG I 269 34.29 18.75 -42.43
C ARG I 269 35.40 19.52 -43.13
N ASN I 270 36.64 19.08 -42.97
CA ASN I 270 37.76 19.76 -43.60
C ASN I 270 38.95 18.84 -43.85
N LYS I 271 39.01 18.28 -45.06
CA LYS I 271 40.10 17.38 -45.43
C LYS I 271 41.45 18.10 -45.43
N HIS I 272 41.43 19.40 -45.67
CA HIS I 272 42.64 20.19 -45.72
C HIS I 272 43.22 20.62 -44.38
N ILE I 273 43.45 19.66 -43.50
CA ILE I 273 44.03 19.98 -42.21
C ILE I 273 45.50 19.53 -42.23
N ARG I 274 46.36 20.33 -41.62
CA ARG I 274 47.79 20.00 -41.58
C ARG I 274 48.22 19.55 -40.19
N THR I 275 47.25 19.13 -39.39
CA THR I 275 47.49 18.65 -38.04
C THR I 275 46.27 17.89 -37.55
N PRO I 276 46.49 16.72 -36.92
CA PRO I 276 45.36 15.93 -36.42
C PRO I 276 44.35 16.74 -35.60
N VAL I 277 43.10 16.28 -35.58
CA VAL I 277 42.04 16.96 -34.84
C VAL I 277 41.28 16.05 -33.87
N LYS I 278 41.22 16.49 -32.62
CA LYS I 278 40.53 15.74 -31.57
C LYS I 278 39.03 16.03 -31.66
N VAL I 279 38.23 14.98 -31.60
CA VAL I 279 36.77 15.12 -31.64
C VAL I 279 36.17 14.16 -30.65
N ASN I 280 34.84 14.13 -30.60
CA ASN I 280 34.14 13.21 -29.69
C ASN I 280 32.96 12.55 -30.38
N PHE I 281 32.48 11.48 -29.78
CA PHE I 281 31.33 10.79 -30.32
C PHE I 281 30.63 10.14 -29.15
N TYR I 282 29.30 10.16 -29.18
CA TYR I 282 28.53 9.57 -28.11
C TYR I 282 27.42 8.67 -28.63
N VAL I 283 26.88 7.85 -27.75
CA VAL I 283 25.81 6.95 -28.12
C VAL I 283 24.55 7.48 -27.45
N ILE I 284 23.46 7.58 -28.20
CA ILE I 284 22.22 8.11 -27.66
C ILE I 284 21.01 7.23 -27.96
N ASN I 285 20.14 7.10 -26.97
CA ASN I 285 18.92 6.29 -27.10
C ASN I 285 17.64 7.16 -26.95
N GLY I 286 17.35 7.98 -27.94
CA GLY I 286 16.18 8.82 -27.87
C GLY I 286 16.55 10.27 -27.63
N LYS I 287 16.39 10.73 -26.40
CA LYS I 287 16.71 12.11 -26.07
C LYS I 287 17.59 12.19 -24.82
N ARG I 288 16.99 12.05 -23.65
CA ARG I 288 17.73 12.10 -22.40
C ARG I 288 18.45 10.77 -22.19
N LYS I 289 19.30 10.38 -23.13
CA LYS I 289 20.00 9.10 -23.00
C LYS I 289 21.35 9.10 -23.69
N ARG I 290 22.21 10.06 -23.33
CA ARG I 290 23.52 10.17 -23.94
C ARG I 290 24.61 9.56 -23.06
N SER I 291 25.51 8.82 -23.69
CA SER I 291 26.63 8.20 -23.00
C SER I 291 27.70 9.26 -22.90
N GLN I 292 28.68 9.05 -22.03
CA GLN I 292 29.77 10.02 -21.89
C GLN I 292 30.42 10.18 -23.24
N PRO I 293 31.00 11.34 -23.51
CA PRO I 293 31.66 11.57 -24.80
C PRO I 293 32.88 10.67 -24.97
N GLN I 294 32.98 10.02 -26.12
CA GLN I 294 34.12 9.14 -26.40
C GLN I 294 35.14 9.85 -27.27
N HIS I 295 36.41 9.78 -26.88
CA HIS I 295 37.48 10.44 -27.63
C HIS I 295 37.83 9.76 -28.96
N PHE I 296 38.15 10.56 -29.97
CA PHE I 296 38.50 10.04 -31.29
C PHE I 296 39.23 11.15 -32.02
N THR I 297 40.31 10.81 -32.72
CA THR I 297 41.09 11.82 -33.44
C THR I 297 41.13 11.59 -34.95
N TYR I 298 41.30 12.68 -35.69
CA TYR I 298 41.36 12.62 -37.14
C TYR I 298 42.73 13.06 -37.64
N HIS I 299 43.42 12.19 -38.38
CA HIS I 299 44.73 12.51 -38.91
C HIS I 299 44.61 13.18 -40.26
N PRO I 300 45.48 14.17 -40.55
CA PRO I 300 45.46 14.88 -41.83
C PRO I 300 45.82 13.95 -42.99
N VAL I 301 45.32 14.28 -44.17
CA VAL I 301 45.54 13.49 -45.38
C VAL I 301 46.99 13.03 -45.53
N TRP J 22 2.44 24.71 15.45
CA TRP J 22 1.62 25.96 15.46
C TRP J 22 1.73 26.61 14.08
N PRO J 23 0.59 26.92 13.46
CA PRO J 23 0.58 27.55 12.12
C PRO J 23 1.07 29.00 12.12
N LEU J 24 1.00 29.66 13.27
CA LEU J 24 1.43 31.06 13.36
C LEU J 24 2.93 31.15 13.24
N SER J 25 3.41 32.17 12.53
CA SER J 25 4.84 32.34 12.33
C SER J 25 5.48 33.26 13.34
N SER J 26 6.72 32.93 13.72
CA SER J 26 7.51 33.70 14.68
C SER J 26 8.87 33.98 14.02
N GLN J 27 9.89 34.33 14.80
CA GLN J 27 11.21 34.60 14.21
C GLN J 27 12.42 34.54 15.16
N SER J 28 12.92 35.70 15.56
CA SER J 28 14.07 35.81 16.46
C SER J 28 14.14 37.24 17.05
N GLY J 29 13.22 37.52 17.98
CA GLY J 29 13.10 38.83 18.63
C GLY J 29 14.29 39.62 19.12
N SER J 30 14.37 39.85 20.43
CA SER J 30 15.48 40.63 21.01
C SER J 30 16.75 39.79 21.27
N TYR J 31 16.56 38.47 21.36
CA TYR J 31 17.66 37.52 21.55
C TYR J 31 18.01 36.93 20.18
N GLU J 32 17.92 35.60 20.07
CA GLU J 32 18.18 34.90 18.81
C GLU J 32 18.31 33.39 18.95
N LEU J 33 17.59 32.68 18.09
CA LEU J 33 17.59 31.23 18.07
C LEU J 33 18.18 30.84 16.72
N ARG J 34 19.39 30.31 16.74
CA ARG J 34 20.07 29.95 15.49
C ARG J 34 20.42 28.45 15.35
N ILE J 35 20.39 27.97 14.12
CA ILE J 35 20.74 26.59 13.83
C ILE J 35 22.24 26.65 13.61
N GLU J 36 23.00 26.19 14.58
CA GLU J 36 24.45 26.22 14.47
C GLU J 36 24.97 25.12 13.52
N VAL J 37 24.17 24.06 13.35
CA VAL J 37 24.59 22.99 12.47
C VAL J 37 23.40 22.43 11.69
N GLN J 38 23.38 22.70 10.40
CA GLN J 38 22.30 22.24 9.53
C GLN J 38 22.34 20.74 9.30
N PRO J 39 21.17 20.13 9.09
CA PRO J 39 21.04 18.69 8.85
C PRO J 39 21.31 18.36 7.38
N LYS J 40 21.75 17.14 7.11
CA LYS J 40 22.03 16.72 5.74
C LYS J 40 20.83 17.09 4.88
N PRO J 41 21.04 17.28 3.57
CA PRO J 41 19.99 17.63 2.62
C PRO J 41 19.00 16.51 2.37
N HIS J 42 19.46 15.27 2.56
CA HIS J 42 18.60 14.10 2.36
C HIS J 42 18.44 13.33 3.66
N HIS J 43 17.37 12.54 3.75
CA HIS J 43 17.12 11.69 4.91
C HIS J 43 15.90 10.82 4.71
N ARG J 44 16.10 9.62 4.20
CA ARG J 44 15.00 8.72 3.95
C ARG J 44 14.15 8.53 5.20
N ALA J 45 12.89 8.90 5.12
CA ALA J 45 11.99 8.78 6.27
C ALA J 45 11.45 7.37 6.27
N HIS J 46 10.83 6.96 7.37
CA HIS J 46 10.30 5.61 7.46
C HIS J 46 8.80 5.56 7.68
N TYR J 47 8.20 4.41 7.40
CA TYR J 47 6.76 4.26 7.58
C TYR J 47 6.45 3.59 8.90
N GLU J 48 5.18 3.62 9.33
CA GLU J 48 4.76 2.97 10.57
C GLU J 48 4.92 1.48 10.34
N THR J 49 4.89 1.09 9.07
CA THR J 49 5.02 -0.29 8.62
C THR J 49 6.46 -0.82 8.71
N GLU J 50 7.41 0.10 8.75
CA GLU J 50 8.82 -0.28 8.86
C GLU J 50 9.26 0.05 10.28
N GLY J 51 10.54 -0.12 10.54
CA GLY J 51 11.04 0.20 11.85
C GLY J 51 11.84 1.47 11.68
N SER J 52 11.94 2.27 12.73
CA SER J 52 12.69 3.51 12.69
C SER J 52 13.77 3.50 11.62
N ARG J 53 13.91 4.59 10.89
CA ARG J 53 14.96 4.64 9.89
C ARG J 53 16.08 5.54 10.40
N GLY J 54 16.13 5.73 11.72
CA GLY J 54 17.19 6.53 12.31
C GLY J 54 16.98 8.02 12.45
N ALA J 55 17.75 8.62 13.36
CA ALA J 55 17.67 10.04 13.62
C ALA J 55 18.19 10.88 12.46
N VAL J 56 17.77 12.14 12.39
CA VAL J 56 18.22 13.03 11.34
C VAL J 56 19.69 13.30 11.58
N LYS J 57 20.52 13.04 10.59
CA LYS J 57 21.94 13.23 10.77
C LYS J 57 22.47 14.46 10.05
N ALA J 58 23.64 14.95 10.49
CA ALA J 58 24.25 16.13 9.89
C ALA J 58 25.38 15.71 8.95
N PRO J 59 25.70 16.51 7.92
CA PRO J 59 26.76 16.18 6.96
C PRO J 59 28.11 15.86 7.60
N THR J 60 28.39 16.52 8.72
CA THR J 60 29.65 16.33 9.44
C THR J 60 29.76 14.92 10.03
N GLY J 61 28.71 14.13 9.88
CA GLY J 61 28.72 12.79 10.43
C GLY J 61 28.11 12.83 11.83
N GLY J 62 27.85 14.04 12.32
CA GLY J 62 27.25 14.19 13.63
C GLY J 62 25.73 14.35 13.58
N HIS J 63 25.23 15.46 14.11
CA HIS J 63 23.79 15.72 14.12
C HIS J 63 23.58 17.23 14.08
N PRO J 64 22.38 17.67 13.73
CA PRO J 64 22.15 19.11 13.69
C PRO J 64 22.20 19.68 15.08
N VAL J 65 22.58 20.95 15.17
CA VAL J 65 22.67 21.61 16.47
C VAL J 65 21.98 22.97 16.52
N VAL J 66 21.09 23.11 17.51
CA VAL J 66 20.34 24.34 17.72
C VAL J 66 20.82 25.06 18.96
N GLN J 67 20.91 26.39 18.90
CA GLN J 67 21.37 27.17 20.04
C GLN J 67 20.63 28.49 20.27
N LEU J 68 20.35 28.80 21.53
CA LEU J 68 19.68 30.04 21.87
C LEU J 68 20.80 30.94 22.42
N HIS J 69 20.97 32.13 21.85
CA HIS J 69 22.07 32.99 22.28
C HIS J 69 21.91 34.01 23.40
N GLY J 70 21.05 35.01 23.20
CA GLY J 70 20.87 36.05 24.21
C GLY J 70 20.46 35.67 25.63
N TYR J 71 20.17 34.41 25.88
CA TYR J 71 19.75 33.96 27.21
C TYR J 71 20.88 33.95 28.24
N MET J 72 20.66 34.66 29.35
CA MET J 72 21.64 34.76 30.41
C MET J 72 21.19 34.06 31.70
N GLU J 73 19.88 34.03 31.93
CA GLU J 73 19.32 33.40 33.13
C GLU J 73 19.84 31.98 33.32
N ASN J 74 19.64 31.44 34.52
CA ASN J 74 20.07 30.08 34.83
C ASN J 74 18.84 29.20 35.04
N LYS J 75 18.04 29.08 33.99
CA LYS J 75 16.84 28.26 34.01
C LYS J 75 16.75 27.57 32.65
N PRO J 76 16.49 26.26 32.64
CA PRO J 76 16.40 25.53 31.39
C PRO J 76 15.08 25.70 30.65
N LEU J 77 15.15 25.99 29.35
CA LEU J 77 13.93 26.14 28.55
C LEU J 77 13.73 24.85 27.78
N GLY J 78 12.58 24.73 27.12
CA GLY J 78 12.29 23.53 26.37
C GLY J 78 12.21 23.80 24.88
N LEU J 79 13.23 23.36 24.15
CA LEU J 79 13.27 23.53 22.70
C LEU J 79 12.27 22.55 22.08
N GLN J 80 11.40 23.06 21.21
CA GLN J 80 10.41 22.21 20.58
C GLN J 80 10.80 21.92 19.14
N ILE J 81 10.54 20.69 18.72
CA ILE J 81 10.88 20.23 17.39
C ILE J 81 9.71 19.58 16.70
N PHE J 82 9.39 20.06 15.50
CA PHE J 82 8.33 19.44 14.71
C PHE J 82 8.70 19.55 13.25
N ILE J 83 8.09 18.69 12.45
CA ILE J 83 8.34 18.67 11.01
C ILE J 83 7.38 19.60 10.29
N GLY J 84 7.93 20.51 9.50
CA GLY J 84 7.13 21.45 8.73
C GLY J 84 7.37 21.42 7.22
N THR J 85 6.61 22.24 6.50
CA THR J 85 6.70 22.32 5.03
C THR J 85 7.94 23.03 4.56
N ALA J 86 8.44 22.64 3.39
CA ALA J 86 9.67 23.21 2.87
C ALA J 86 9.42 24.13 1.69
N ASP J 87 8.61 23.65 0.77
CA ASP J 87 8.27 24.43 -0.42
C ASP J 87 7.17 25.40 -0.04
N GLU J 88 6.41 25.88 -1.02
CA GLU J 88 5.33 26.84 -0.76
C GLU J 88 5.89 27.87 0.22
N ARG J 89 5.01 28.55 0.97
CA ARG J 89 5.52 29.47 1.95
C ARG J 89 4.64 30.12 3.00
N ILE J 90 4.40 29.33 4.03
CA ILE J 90 3.66 29.74 5.19
C ILE J 90 4.06 28.60 6.11
N LEU J 91 5.37 28.50 6.31
CA LEU J 91 5.95 27.47 7.16
C LEU J 91 4.89 26.92 8.10
N LYS J 92 4.50 25.67 7.89
CA LYS J 92 3.50 25.05 8.76
C LYS J 92 3.72 23.56 8.90
N PRO J 93 3.14 22.95 9.93
CA PRO J 93 3.31 21.50 10.11
C PRO J 93 3.02 20.78 8.82
N HIS J 94 3.89 19.85 8.45
CA HIS J 94 3.70 19.09 7.22
C HIS J 94 2.67 18.03 7.56
N ALA J 95 1.65 17.90 6.73
CA ALA J 95 0.61 16.93 7.02
C ALA J 95 0.96 15.50 6.79
N PHE J 96 2.05 15.26 6.06
CA PHE J 96 2.42 13.89 5.75
C PHE J 96 3.70 13.42 6.43
N TYR J 97 4.15 14.18 7.42
CA TYR J 97 5.36 13.84 8.14
C TYR J 97 5.24 14.19 9.60
N GLN J 98 5.84 13.38 10.46
CA GLN J 98 5.79 13.63 11.88
C GLN J 98 7.15 13.31 12.43
N VAL J 99 7.64 14.14 13.36
CA VAL J 99 8.94 13.89 13.95
C VAL J 99 8.80 12.56 14.63
N HIS J 100 9.92 11.86 14.75
CA HIS J 100 9.94 10.55 15.40
C HIS J 100 10.94 10.59 16.55
N ARG J 101 10.45 10.22 17.72
CA ARG J 101 11.26 10.20 18.94
C ARG J 101 12.15 8.97 18.98
N ILE J 102 13.41 9.10 18.61
CA ILE J 102 14.25 7.91 18.66
C ILE J 102 14.57 7.56 20.10
N THR J 103 14.36 6.30 20.44
CA THR J 103 14.63 5.79 21.78
C THR J 103 16.07 5.24 21.79
N GLY J 104 17.03 6.14 21.63
CA GLY J 104 18.42 5.74 21.60
C GLY J 104 18.87 5.19 22.93
N LYS J 105 18.59 3.91 23.17
CA LYS J 105 18.98 3.28 24.41
C LYS J 105 20.39 3.67 24.79
N THR J 106 21.20 4.03 23.81
CA THR J 106 22.57 4.43 24.08
C THR J 106 23.01 5.62 23.25
N VAL J 107 23.01 5.45 21.93
CA VAL J 107 23.42 6.50 21.02
C VAL J 107 22.80 7.85 21.36
N THR J 108 21.61 7.83 21.95
CA THR J 108 20.91 9.07 22.29
C THR J 108 21.62 9.89 23.37
N THR J 109 21.86 11.15 23.07
CA THR J 109 22.54 12.05 23.99
C THR J 109 21.55 13.04 24.62
N THR J 110 20.33 13.09 24.08
CA THR J 110 19.33 14.03 24.56
C THR J 110 18.02 13.39 25.01
N SER J 111 17.46 13.90 26.12
CA SER J 111 16.19 13.39 26.63
C SER J 111 15.09 13.88 25.69
N TYR J 112 13.89 13.33 25.81
CA TYR J 112 12.80 13.74 24.93
C TYR J 112 11.43 13.72 25.62
N GLU J 113 10.43 14.21 24.91
CA GLU J 113 9.06 14.27 25.39
C GLU J 113 8.19 14.33 24.13
N LYS J 114 6.99 13.76 24.21
CA LYS J 114 6.09 13.71 23.07
C LYS J 114 4.75 14.42 23.35
N ILE J 115 4.46 15.47 22.58
CA ILE J 115 3.21 16.25 22.75
C ILE J 115 2.33 16.09 21.50
N VAL J 116 1.36 17.00 21.32
CA VAL J 116 0.45 16.96 20.17
C VAL J 116 -0.11 18.30 19.68
N GLY J 117 -1.21 18.22 18.94
CA GLY J 117 -1.87 19.38 18.36
C GLY J 117 -2.14 19.00 16.92
N ASN J 118 -2.54 17.75 16.74
CA ASN J 118 -2.81 17.10 15.44
C ASN J 118 -1.46 16.68 14.81
N THR J 119 -0.39 17.34 15.23
CA THR J 119 0.94 17.05 14.77
C THR J 119 1.82 16.80 16.01
N LYS J 120 2.68 15.78 15.94
CA LYS J 120 3.55 15.42 17.06
C LYS J 120 4.72 16.38 17.20
N VAL J 121 5.02 16.76 18.43
CA VAL J 121 6.12 17.66 18.69
C VAL J 121 7.08 17.08 19.74
N LEU J 122 8.37 17.20 19.48
CA LEU J 122 9.42 16.73 20.37
C LEU J 122 9.95 17.90 21.16
N GLU J 123 10.11 17.71 22.46
CA GLU J 123 10.61 18.79 23.29
C GLU J 123 11.85 18.30 23.98
N ILE J 124 12.99 18.91 23.65
CA ILE J 124 14.24 18.53 24.27
C ILE J 124 14.67 19.70 25.14
N PRO J 125 15.43 19.43 26.21
CA PRO J 125 15.86 20.54 27.07
C PRO J 125 17.07 21.32 26.56
N LEU J 126 16.98 22.63 26.73
CA LEU J 126 18.04 23.56 26.36
C LEU J 126 18.59 24.06 27.69
N GLU J 127 19.73 23.52 28.09
CA GLU J 127 20.32 23.88 29.39
C GLU J 127 21.53 24.78 29.28
N PRO J 128 21.65 25.75 30.21
CA PRO J 128 22.77 26.69 30.23
C PRO J 128 24.10 25.98 30.45
N LYS J 129 24.03 24.78 31.03
CA LYS J 129 25.23 23.99 31.30
C LYS J 129 25.99 23.86 29.99
N ASN J 130 25.26 23.72 28.90
CA ASN J 130 25.87 23.58 27.59
C ASN J 130 25.83 24.87 26.81
N ASN J 131 25.61 25.99 27.50
CA ASN J 131 25.54 27.30 26.85
C ASN J 131 24.26 27.34 25.99
N MET J 132 23.17 26.83 26.55
CA MET J 132 21.90 26.81 25.86
C MET J 132 22.07 26.28 24.46
N ARG J 133 22.82 25.20 24.35
CA ARG J 133 23.11 24.56 23.07
C ARG J 133 22.49 23.17 23.15
N ALA J 134 22.00 22.65 22.03
CA ALA J 134 21.36 21.35 22.04
C ALA J 134 21.73 20.54 20.82
N THR J 135 22.09 19.27 21.06
CA THR J 135 22.46 18.38 19.98
C THR J 135 21.19 17.61 19.68
N ILE J 136 20.76 17.63 18.43
CA ILE J 136 19.52 16.95 18.03
C ILE J 136 19.78 15.59 17.41
N ASP J 137 19.85 14.55 18.23
CA ASP J 137 20.07 13.22 17.70
C ASP J 137 18.98 12.29 18.18
N CYS J 138 17.84 12.86 18.54
CA CYS J 138 16.70 12.08 19.00
C CYS J 138 15.51 12.30 18.09
N ALA J 139 15.76 12.94 16.95
CA ALA J 139 14.70 13.24 16.02
C ALA J 139 14.73 12.44 14.71
N GLY J 140 13.70 11.62 14.50
CA GLY J 140 13.59 10.85 13.29
C GLY J 140 12.49 11.48 12.42
N ILE J 141 12.08 10.81 11.36
CA ILE J 141 11.05 11.35 10.49
C ILE J 141 10.13 10.27 9.96
N LEU J 142 8.98 10.14 10.60
CA LEU J 142 7.99 9.17 10.21
C LEU J 142 7.21 9.75 9.04
N LYS J 143 6.64 8.89 8.21
CA LYS J 143 5.86 9.37 7.06
C LYS J 143 4.48 8.75 7.04
N LEU J 144 3.46 9.56 7.26
CA LEU J 144 2.10 9.06 7.24
C LEU J 144 1.76 8.72 5.81
N ARG J 145 0.73 7.90 5.64
CA ARG J 145 0.30 7.45 4.33
C ARG J 145 -0.66 8.41 3.61
N ASN J 146 -0.18 8.98 2.52
CA ASN J 146 -0.96 9.92 1.72
C ASN J 146 -2.46 9.71 1.82
N ALA J 147 -2.95 8.54 1.44
CA ALA J 147 -4.38 8.29 1.51
C ALA J 147 -4.89 8.57 2.93
N ASP J 148 -4.35 7.85 3.92
CA ASP J 148 -4.77 8.04 5.30
C ASP J 148 -4.96 9.49 5.69
N ILE J 149 -4.20 10.39 5.10
CA ILE J 149 -4.32 11.80 5.43
C ILE J 149 -5.40 12.55 4.65
N GLU J 150 -5.23 12.62 3.33
CA GLU J 150 -6.17 13.31 2.44
C GLU J 150 -7.61 12.85 2.69
N LEU J 151 -7.73 11.72 3.37
CA LEU J 151 -9.00 11.09 3.68
C LEU J 151 -9.70 11.72 4.91
N ARG J 152 -9.01 12.60 5.64
CA ARG J 152 -9.61 13.21 6.80
C ARG J 152 -10.18 14.61 6.52
N LYS J 153 -11.42 14.82 6.96
CA LYS J 153 -12.17 16.08 6.78
C LYS J 153 -11.40 17.34 7.19
N GLY J 154 -11.19 18.22 6.22
CA GLY J 154 -10.49 19.46 6.49
C GLY J 154 -9.28 19.69 5.60
N GLU J 155 -8.39 18.71 5.54
CA GLU J 155 -7.18 18.81 4.73
C GLU J 155 -7.43 18.92 3.23
N THR J 156 -6.74 19.85 2.59
CA THR J 156 -6.86 20.10 1.16
C THR J 156 -5.54 19.93 0.41
N ASP J 157 -4.42 19.88 1.15
CA ASP J 157 -3.11 19.70 0.54
C ASP J 157 -2.96 18.23 0.13
N ILE J 158 -2.00 17.95 -0.75
CA ILE J 158 -1.75 16.58 -1.22
C ILE J 158 -0.32 16.10 -0.98
N GLY J 159 -0.20 14.79 -0.74
CA GLY J 159 1.12 14.21 -0.50
C GLY J 159 1.92 14.02 -1.78
N ARG J 160 1.29 13.44 -2.78
CA ARG J 160 1.94 13.17 -4.06
C ARG J 160 3.00 14.20 -4.46
N LYS J 161 4.18 13.70 -4.82
CA LYS J 161 5.32 14.52 -5.23
C LYS J 161 5.78 15.56 -4.22
N ASN J 162 5.09 15.66 -3.09
CA ASN J 162 5.47 16.63 -2.07
C ASN J 162 6.15 15.95 -0.89
N THR J 163 7.46 15.75 -1.00
CA THR J 163 8.25 15.10 0.03
C THR J 163 9.44 15.91 0.54
N ARG J 164 9.35 17.23 0.47
CA ARG J 164 10.43 18.07 0.96
C ARG J 164 9.99 18.44 2.36
N VAL J 165 10.93 18.69 3.25
CA VAL J 165 10.57 19.00 4.63
C VAL J 165 11.57 19.91 5.28
N ARG J 166 11.17 20.52 6.39
CA ARG J 166 12.07 21.36 7.15
C ARG J 166 11.92 21.13 8.65
N LEU J 167 13.05 20.96 9.36
CA LEU J 167 12.99 20.77 10.79
C LEU J 167 12.66 22.12 11.41
N VAL J 168 11.68 22.14 12.30
CA VAL J 168 11.30 23.39 12.91
C VAL J 168 11.53 23.39 14.40
N PHE J 169 12.24 24.41 14.86
CA PHE J 169 12.59 24.51 16.26
C PHE J 169 11.98 25.74 16.90
N ARG J 170 11.50 25.56 18.12
CA ARG J 170 10.89 26.66 18.87
C ARG J 170 11.23 26.66 20.34
N VAL J 171 11.30 27.86 20.89
CA VAL J 171 11.56 28.06 22.31
C VAL J 171 10.59 29.12 22.81
N HIS J 172 10.16 28.96 24.07
CA HIS J 172 9.26 29.91 24.68
C HIS J 172 10.02 30.48 25.87
N ILE J 173 10.66 31.62 25.66
CA ILE J 173 11.46 32.29 26.68
C ILE J 173 10.70 33.17 27.66
N PRO J 174 10.62 32.76 28.94
CA PRO J 174 9.90 33.56 29.93
C PRO J 174 10.78 34.71 30.47
N GLU J 175 10.25 35.92 30.42
CA GLU J 175 10.99 37.08 30.94
C GLU J 175 10.40 37.44 32.30
N SER J 176 11.28 37.78 33.24
CA SER J 176 10.87 38.13 34.59
C SER J 176 9.66 39.05 34.62
N SER J 177 9.51 39.84 33.56
CA SER J 177 8.40 40.76 33.45
C SER J 177 7.04 40.04 33.29
N GLY J 178 7.10 38.73 33.11
CA GLY J 178 5.88 37.95 32.96
C GLY J 178 5.52 37.60 31.52
N ARG J 179 6.13 38.30 30.57
CA ARG J 179 5.86 38.07 29.16
C ARG J 179 6.45 36.74 28.69
N ILE J 180 6.09 36.35 27.48
CA ILE J 180 6.57 35.12 26.87
C ILE J 180 7.05 35.43 25.46
N VAL J 181 8.35 35.28 25.23
CA VAL J 181 8.89 35.53 23.91
C VAL J 181 9.06 34.21 23.20
N SER J 182 8.43 34.08 22.04
CA SER J 182 8.51 32.83 21.30
C SER J 182 9.26 32.96 19.99
N LEU J 183 10.46 32.38 19.97
CA LEU J 183 11.30 32.39 18.78
C LEU J 183 11.10 31.07 18.04
N GLN J 184 11.51 31.04 16.77
CA GLN J 184 11.37 29.83 15.99
C GLN J 184 12.32 29.90 14.83
N THR J 185 12.76 28.74 14.35
CA THR J 185 13.66 28.72 13.21
C THR J 185 13.41 27.46 12.42
N ALA J 186 13.90 27.46 11.18
CA ALA J 186 13.73 26.31 10.34
C ALA J 186 15.02 25.90 9.65
N SER J 187 15.26 24.59 9.61
CA SER J 187 16.44 24.05 8.98
C SER J 187 16.30 24.30 7.49
N ASN J 188 17.27 23.84 6.72
CA ASN J 188 17.20 23.97 5.28
C ASN J 188 16.23 22.87 4.86
N PRO J 189 15.92 22.79 3.57
CA PRO J 189 14.98 21.75 3.13
C PRO J 189 15.62 20.37 3.22
N ILE J 190 14.81 19.36 3.50
CA ILE J 190 15.31 18.00 3.61
C ILE J 190 14.45 17.09 2.78
N GLU J 191 15.05 16.47 1.76
CA GLU J 191 14.34 15.52 0.91
C GLU J 191 14.10 14.27 1.76
N CYS J 192 12.92 13.66 1.70
CA CYS J 192 12.66 12.51 2.54
C CYS J 192 12.21 11.29 1.79
N SER J 193 12.87 11.00 0.68
CA SER J 193 12.47 9.86 -0.12
C SER J 193 13.66 9.12 -0.65
N GLN J 194 13.52 7.80 -0.80
CA GLN J 194 14.60 6.98 -1.32
C GLN J 194 14.96 7.43 -2.74
N GLU J 199 19.46 8.34 -8.77
CA GLU J 199 20.34 8.62 -7.63
C GLU J 199 21.67 7.86 -7.79
N LEU J 200 22.04 7.53 -9.02
CA LEU J 200 23.28 6.79 -9.28
C LEU J 200 24.54 7.65 -9.32
N PRO J 201 25.71 7.05 -9.06
CA PRO J 201 27.00 7.73 -9.06
C PRO J 201 27.33 8.40 -10.37
N MET J 202 28.25 9.36 -10.33
CA MET J 202 28.65 10.10 -11.53
C MET J 202 30.10 10.55 -11.47
N VAL J 203 30.89 10.16 -12.46
CA VAL J 203 32.29 10.53 -12.51
C VAL J 203 32.52 11.62 -13.53
N GLU J 204 33.14 12.70 -13.09
CA GLU J 204 33.42 13.84 -13.96
C GLU J 204 34.90 13.99 -14.35
N ARG J 205 35.80 13.66 -13.42
CA ARG J 205 37.22 13.76 -13.69
C ARG J 205 38.03 12.65 -13.00
N GLN J 206 39.13 12.27 -13.63
CA GLN J 206 40.01 11.23 -13.09
C GLN J 206 41.36 11.87 -12.81
N ASP J 207 41.83 11.74 -11.57
CA ASP J 207 43.12 12.29 -11.19
C ASP J 207 44.21 11.78 -12.13
N THR J 208 44.21 10.47 -12.39
CA THR J 208 45.18 9.84 -13.27
C THR J 208 44.47 9.12 -14.42
N ASP J 209 45.17 8.93 -15.53
CA ASP J 209 44.57 8.30 -16.68
C ASP J 209 45.14 6.90 -16.93
N SER J 210 46.39 6.70 -16.53
CA SER J 210 47.05 5.41 -16.70
C SER J 210 47.98 5.09 -15.53
N CYS J 211 48.77 4.04 -15.69
CA CYS J 211 49.70 3.56 -14.68
C CYS J 211 50.18 2.24 -15.25
N LEU J 212 51.13 1.58 -14.60
CA LEU J 212 51.62 0.30 -15.11
C LEU J 212 51.30 -0.90 -14.22
N VAL J 213 51.16 -2.03 -14.89
CA VAL J 213 50.83 -3.31 -14.26
C VAL J 213 50.87 -3.41 -12.75
N TYR J 214 52.02 -3.09 -12.15
CA TYR J 214 52.17 -3.18 -10.70
C TYR J 214 51.06 -2.49 -9.92
N GLY J 215 50.56 -1.40 -10.48
CA GLY J 215 49.51 -0.65 -9.81
C GLY J 215 50.10 0.17 -8.68
N GLY J 216 49.35 0.34 -7.61
CA GLY J 216 49.84 1.11 -6.47
C GLY J 216 49.47 2.58 -6.54
N GLN J 217 49.90 3.26 -7.59
CA GLN J 217 49.62 4.68 -7.76
C GLN J 217 48.21 5.05 -7.28
N GLN J 218 48.02 6.32 -6.91
CA GLN J 218 46.74 6.80 -6.41
C GLN J 218 45.92 7.53 -7.48
N MET J 219 44.62 7.26 -7.48
CA MET J 219 43.69 7.88 -8.43
C MET J 219 42.55 8.55 -7.64
N ILE J 220 42.32 9.83 -7.92
CA ILE J 220 41.29 10.57 -7.22
C ILE J 220 40.12 10.93 -8.15
N LEU J 221 38.98 10.28 -7.92
CA LEU J 221 37.81 10.51 -8.75
C LEU J 221 36.96 11.68 -8.26
N THR J 222 36.72 12.63 -9.15
CA THR J 222 35.93 13.82 -8.85
C THR J 222 34.57 13.71 -9.53
N GLY J 223 33.52 13.43 -8.75
CA GLY J 223 32.20 13.31 -9.31
C GLY J 223 31.10 13.69 -8.34
N GLN J 224 30.01 12.92 -8.31
CA GLN J 224 28.89 13.19 -7.41
C GLN J 224 28.34 11.92 -6.81
N ASN J 225 27.40 12.07 -5.88
CA ASN J 225 26.75 10.94 -5.23
C ASN J 225 27.68 9.96 -4.54
N PHE J 226 28.97 10.24 -4.54
CA PHE J 226 29.93 9.34 -3.90
C PHE J 226 29.70 9.21 -2.40
N THR J 227 29.19 8.05 -1.99
CA THR J 227 28.93 7.79 -0.57
C THR J 227 29.99 6.89 0.06
N SER J 228 29.93 6.73 1.38
CA SER J 228 30.87 5.89 2.11
C SER J 228 30.75 4.43 1.70
N GLU J 229 29.59 4.08 1.15
CA GLU J 229 29.31 2.71 0.72
C GLU J 229 29.63 2.48 -0.77
N SER J 230 30.25 3.47 -1.41
CA SER J 230 30.60 3.35 -2.82
C SER J 230 31.76 2.39 -3.02
N LYS J 231 31.77 1.74 -4.17
CA LYS J 231 32.80 0.77 -4.52
C LYS J 231 33.33 1.09 -5.91
N VAL J 232 34.58 0.69 -6.17
CA VAL J 232 35.17 0.91 -7.47
C VAL J 232 35.74 -0.39 -7.99
N VAL J 233 35.30 -0.79 -9.18
CA VAL J 233 35.77 -2.03 -9.76
C VAL J 233 36.30 -1.86 -11.18
N PHE J 234 37.43 -2.49 -11.47
CA PHE J 234 38.03 -2.41 -12.79
C PHE J 234 37.63 -3.64 -13.58
N THR J 235 37.48 -3.49 -14.89
CA THR J 235 37.10 -4.61 -15.73
C THR J 235 37.70 -4.52 -17.13
N GLU J 236 37.85 -5.68 -17.76
CA GLU J 236 38.37 -5.74 -19.11
C GLU J 236 37.47 -6.72 -19.86
N LYS J 237 37.16 -6.38 -21.11
CA LYS J 237 36.31 -7.24 -21.91
C LYS J 237 36.90 -7.44 -23.28
N THR J 238 36.49 -8.53 -23.92
CA THR J 238 36.95 -8.85 -25.28
C THR J 238 36.09 -8.00 -26.20
N THR J 239 36.61 -7.72 -27.40
CA THR J 239 35.86 -6.91 -28.34
C THR J 239 34.38 -7.24 -28.41
N ASP J 240 34.02 -8.47 -28.06
CA ASP J 240 32.62 -8.88 -28.07
C ASP J 240 31.93 -8.28 -26.84
N GLY J 241 32.34 -8.74 -25.66
CA GLY J 241 31.76 -8.25 -24.43
C GLY J 241 32.01 -9.21 -23.30
N GLN J 242 32.65 -10.34 -23.60
CA GLN J 242 32.94 -11.34 -22.59
C GLN J 242 33.98 -10.81 -21.62
N GLN J 243 33.51 -10.40 -20.45
CA GLN J 243 34.36 -9.88 -19.40
C GLN J 243 35.27 -10.97 -18.89
N ILE J 244 36.59 -10.77 -18.99
CA ILE J 244 37.55 -11.77 -18.53
C ILE J 244 38.28 -11.31 -17.26
N TRP J 245 38.17 -10.03 -16.93
CA TRP J 245 38.81 -9.52 -15.74
C TRP J 245 37.87 -8.63 -14.95
N GLU J 246 37.95 -8.76 -13.63
CA GLU J 246 37.13 -7.98 -12.72
C GLU J 246 37.80 -7.95 -11.37
N MET J 247 38.10 -6.75 -10.88
CA MET J 247 38.75 -6.63 -9.59
C MET J 247 38.40 -5.32 -8.91
N GLU J 248 38.03 -5.42 -7.64
CA GLU J 248 37.65 -4.27 -6.84
C GLU J 248 38.86 -3.57 -6.24
N ALA J 249 39.03 -2.30 -6.59
CA ALA J 249 40.12 -1.49 -6.07
C ALA J 249 39.59 -0.81 -4.81
N THR J 250 40.27 -1.03 -3.69
CA THR J 250 39.83 -0.46 -2.42
C THR J 250 39.84 1.07 -2.41
N VAL J 251 38.76 1.65 -1.89
CA VAL J 251 38.62 3.11 -1.78
C VAL J 251 39.54 3.58 -0.65
N ASP J 252 39.14 4.56 0.14
CA ASP J 252 40.02 5.02 1.20
C ASP J 252 39.48 5.24 2.61
N LYS J 253 40.36 5.01 3.57
CA LYS J 253 40.11 5.15 5.01
C LYS J 253 39.36 6.42 5.41
N ASP J 254 39.61 7.52 4.69
CA ASP J 254 38.95 8.77 5.00
C ASP J 254 37.49 8.75 4.59
N LYS J 255 36.74 9.72 5.11
CA LYS J 255 35.33 9.85 4.80
C LYS J 255 35.26 10.35 3.34
N SER J 256 36.42 10.31 2.68
CA SER J 256 36.52 10.75 1.28
C SER J 256 35.82 12.09 1.17
N GLN J 257 34.78 12.13 0.34
CA GLN J 257 33.99 13.35 0.13
C GLN J 257 32.67 12.97 -0.51
N PRO J 258 31.67 13.86 -0.44
CA PRO J 258 30.37 13.57 -1.04
C PRO J 258 30.48 13.64 -2.55
N ASN J 259 31.64 14.10 -3.02
CA ASN J 259 31.89 14.26 -4.45
C ASN J 259 33.35 14.00 -4.82
N MET J 260 34.02 13.13 -4.07
CA MET J 260 35.41 12.85 -4.34
C MET J 260 35.84 11.52 -3.71
N LEU J 261 36.40 10.62 -4.53
CA LEU J 261 36.86 9.33 -4.05
C LEU J 261 38.36 9.11 -4.27
N PHE J 262 38.99 8.43 -3.33
CA PHE J 262 40.42 8.14 -3.41
C PHE J 262 40.62 6.65 -3.62
N VAL J 263 40.76 6.26 -4.87
CA VAL J 263 40.95 4.86 -5.22
C VAL J 263 42.40 4.47 -5.42
N GLU J 264 42.76 3.31 -4.90
CA GLU J 264 44.12 2.81 -5.05
C GLU J 264 44.11 1.86 -6.25
N ILE J 265 44.62 2.33 -7.39
CA ILE J 265 44.68 1.54 -8.61
C ILE J 265 45.04 0.10 -8.32
N PRO J 266 44.23 -0.85 -8.80
CA PRO J 266 44.46 -2.28 -8.58
C PRO J 266 45.62 -2.79 -9.40
N GLU J 267 46.08 -3.99 -9.06
CA GLU J 267 47.18 -4.64 -9.75
C GLU J 267 46.59 -5.25 -11.00
N TYR J 268 47.42 -5.63 -11.97
CA TYR J 268 46.86 -6.23 -13.18
C TYR J 268 47.06 -7.75 -13.16
N ARG J 269 46.33 -8.46 -14.02
CA ARG J 269 46.41 -9.92 -14.07
C ARG J 269 47.58 -10.49 -14.87
N ASN J 270 48.33 -9.64 -15.56
CA ASN J 270 49.45 -10.11 -16.33
C ASN J 270 50.54 -9.05 -16.52
N LYS J 271 51.55 -9.08 -15.65
CA LYS J 271 52.64 -8.12 -15.71
C LYS J 271 53.45 -8.26 -17.00
N HIS J 272 53.44 -9.47 -17.57
CA HIS J 272 54.19 -9.76 -18.78
C HIS J 272 53.53 -9.34 -20.10
N ILE J 273 53.13 -8.08 -20.20
CA ILE J 273 52.52 -7.59 -21.42
C ILE J 273 53.55 -6.75 -22.15
N ARG J 274 53.57 -6.84 -23.47
CA ARG J 274 54.51 -6.08 -24.27
C ARG J 274 53.82 -4.96 -25.04
N THR J 275 52.64 -4.57 -24.56
CA THR J 275 51.84 -3.51 -25.18
C THR J 275 50.78 -3.07 -24.18
N PRO J 276 50.57 -1.76 -24.04
CA PRO J 276 49.56 -1.26 -23.10
C PRO J 276 48.20 -1.93 -23.27
N VAL J 277 47.41 -1.94 -22.20
CA VAL J 277 46.09 -2.56 -22.22
C VAL J 277 44.98 -1.64 -21.73
N LYS J 278 43.95 -1.47 -22.55
CA LYS J 278 42.81 -0.63 -22.21
C LYS J 278 41.87 -1.42 -21.32
N VAL J 279 41.41 -0.78 -20.25
CA VAL J 279 40.47 -1.40 -19.31
C VAL J 279 39.45 -0.37 -18.88
N ASN J 280 38.54 -0.76 -18.00
CA ASN J 280 37.54 0.15 -17.52
C ASN J 280 37.35 0.00 -16.03
N PHE J 281 36.68 0.99 -15.45
CA PHE J 281 36.41 0.95 -14.03
C PHE J 281 35.16 1.78 -13.80
N TYR J 282 34.29 1.30 -12.94
CA TYR J 282 33.07 1.99 -12.64
C TYR J 282 32.85 2.15 -11.14
N VAL J 283 31.93 3.04 -10.78
CA VAL J 283 31.60 3.28 -9.38
C VAL J 283 30.22 2.69 -9.15
N ILE J 284 30.05 1.91 -8.09
CA ILE J 284 28.77 1.28 -7.82
C ILE J 284 28.29 1.49 -6.39
N ASN J 285 26.98 1.74 -6.24
CA ASN J 285 26.38 1.95 -4.92
C ASN J 285 25.34 0.87 -4.59
N GLY J 286 25.81 -0.33 -4.32
CA GLY J 286 24.89 -1.42 -4.01
C GLY J 286 24.79 -2.42 -5.15
N LYS J 287 23.71 -2.33 -5.91
CA LYS J 287 23.50 -3.24 -7.04
C LYS J 287 23.15 -2.47 -8.31
N ARG J 288 21.88 -2.06 -8.43
CA ARG J 288 21.42 -1.32 -9.60
C ARG J 288 21.89 0.13 -9.45
N LYS J 289 23.20 0.34 -9.37
CA LYS J 289 23.73 1.69 -9.22
C LYS J 289 25.14 1.84 -9.78
N ARG J 290 25.30 1.50 -11.04
CA ARG J 290 26.61 1.60 -11.70
C ARG J 290 26.75 2.83 -12.57
N SER J 291 27.89 3.50 -12.44
CA SER J 291 28.17 4.70 -13.22
C SER J 291 28.67 4.23 -14.56
N GLN J 292 28.72 5.12 -15.54
CA GLN J 292 29.21 4.73 -16.86
C GLN J 292 30.62 4.22 -16.70
N PRO J 293 31.06 3.33 -17.57
CA PRO J 293 32.41 2.80 -17.47
C PRO J 293 33.44 3.88 -17.74
N GLN J 294 34.46 3.96 -16.88
CA GLN J 294 35.51 4.96 -17.04
C GLN J 294 36.74 4.31 -17.65
N HIS J 295 37.31 4.97 -18.66
CA HIS J 295 38.49 4.47 -19.36
C HIS J 295 39.78 4.60 -18.55
N PHE J 296 40.66 3.61 -18.69
CA PHE J 296 41.94 3.58 -17.97
C PHE J 296 42.84 2.58 -18.68
N THR J 297 44.10 2.94 -18.88
CA THR J 297 45.01 2.04 -19.58
C THR J 297 46.20 1.60 -18.71
N TYR J 298 46.74 0.42 -19.02
CA TYR J 298 47.86 -0.15 -18.28
C TYR J 298 49.09 -0.27 -19.18
N HIS J 299 50.18 0.39 -18.79
CA HIS J 299 51.41 0.33 -19.57
C HIS J 299 52.26 -0.87 -19.16
N PRO J 300 52.93 -1.52 -20.14
CA PRO J 300 53.77 -2.68 -19.86
C PRO J 300 54.97 -2.28 -19.01
N VAL J 301 55.49 -3.24 -18.24
CA VAL J 301 56.63 -3.02 -17.36
C VAL J 301 57.76 -2.20 -18.02
N TRP K 22 -33.66 33.07 2.67
CA TRP K 22 -33.22 32.82 4.07
C TRP K 22 -33.08 31.32 4.30
N PRO K 23 -31.90 30.88 4.78
CA PRO K 23 -31.65 29.46 5.03
C PRO K 23 -32.47 28.88 6.19
N LEU K 24 -32.90 29.75 7.10
CA LEU K 24 -33.68 29.30 8.25
C LEU K 24 -35.06 28.83 7.82
N SER K 25 -35.53 27.74 8.41
CA SER K 25 -36.83 27.19 8.06
C SER K 25 -37.96 27.69 8.95
N SER K 26 -39.12 27.88 8.36
CA SER K 26 -40.32 28.34 9.06
C SER K 26 -41.45 27.35 8.73
N GLN K 27 -42.72 27.75 8.89
CA GLN K 27 -43.81 26.83 8.58
C GLN K 27 -45.19 27.47 8.36
N SER K 28 -46.04 27.36 9.37
CA SER K 28 -47.40 27.92 9.33
C SER K 28 -47.98 27.98 10.75
N GLY K 29 -47.48 28.95 11.53
CA GLY K 29 -47.88 29.16 12.92
C GLY K 29 -49.33 29.09 13.38
N SER K 30 -49.86 30.22 13.88
CA SER K 30 -51.25 30.26 14.37
C SER K 30 -52.28 30.50 13.26
N TYR K 31 -51.82 31.05 12.14
CA TYR K 31 -52.67 31.31 10.98
C TYR K 31 -52.43 30.16 10.00
N GLU K 32 -51.99 30.50 8.79
CA GLU K 32 -51.68 29.51 7.77
C GLU K 32 -51.48 30.09 6.38
N LEU K 33 -50.37 29.72 5.75
CA LEU K 33 -50.02 30.15 4.40
C LEU K 33 -50.07 28.90 3.52
N ARG K 34 -51.06 28.84 2.64
CA ARG K 34 -51.25 27.67 1.80
C ARG K 34 -51.16 27.96 0.28
N ILE K 35 -50.66 26.98 -0.46
CA ILE K 35 -50.58 27.10 -1.91
C ILE K 35 -51.90 26.55 -2.40
N GLU K 36 -52.78 27.45 -2.80
CA GLU K 36 -54.09 27.03 -3.27
C GLU K 36 -54.01 26.40 -4.66
N VAL K 37 -52.99 26.77 -5.43
CA VAL K 37 -52.82 26.20 -6.76
C VAL K 37 -51.35 25.91 -7.06
N GLN K 38 -51.01 24.63 -7.17
CA GLN K 38 -49.65 24.20 -7.45
C GLN K 38 -49.24 24.45 -8.90
N PRO K 39 -47.94 24.72 -9.12
CA PRO K 39 -47.40 24.98 -10.46
C PRO K 39 -47.16 23.68 -11.21
N LYS K 40 -47.20 23.74 -12.53
CA LYS K 40 -46.95 22.55 -13.34
C LYS K 40 -45.68 21.91 -12.83
N PRO K 41 -45.52 20.60 -13.05
CA PRO K 41 -44.34 19.81 -12.62
C PRO K 41 -43.07 20.19 -13.40
N HIS K 42 -43.23 20.63 -14.65
CA HIS K 42 -42.10 21.01 -15.50
C HIS K 42 -42.17 22.50 -15.82
N HIS K 43 -41.04 23.06 -16.21
CA HIS K 43 -40.94 24.47 -16.60
C HIS K 43 -39.53 24.82 -17.05
N ARG K 44 -39.29 24.70 -18.34
CA ARG K 44 -37.97 25.00 -18.87
C ARG K 44 -37.52 26.37 -18.45
N ALA K 45 -36.43 26.45 -17.71
CA ALA K 45 -35.90 27.73 -17.27
C ALA K 45 -35.07 28.31 -18.39
N HIS K 46 -34.71 29.58 -18.29
CA HIS K 46 -33.92 30.22 -19.31
C HIS K 46 -32.58 30.75 -18.79
N TYR K 47 -31.66 31.00 -19.71
CA TYR K 47 -30.33 31.51 -19.36
C TYR K 47 -30.24 33.02 -19.57
N GLU K 48 -29.23 33.66 -19.00
CA GLU K 48 -29.07 35.09 -19.17
C GLU K 48 -28.79 35.32 -20.64
N THR K 49 -28.30 34.27 -21.29
CA THR K 49 -27.95 34.28 -22.71
C THR K 49 -29.17 34.24 -23.63
N GLU K 50 -30.29 33.78 -23.10
CA GLU K 50 -31.51 33.71 -23.88
C GLU K 50 -32.40 34.82 -23.37
N GLY K 51 -33.62 34.87 -23.87
CA GLY K 51 -34.57 35.86 -23.41
C GLY K 51 -35.56 35.13 -22.55
N SER K 52 -36.16 35.83 -21.59
CA SER K 52 -37.16 35.21 -20.73
C SER K 52 -37.85 34.00 -21.34
N ARG K 53 -38.03 32.95 -20.55
CA ARG K 53 -38.70 31.79 -21.07
C ARG K 53 -40.11 31.74 -20.51
N GLY K 54 -40.57 32.86 -19.99
CA GLY K 54 -41.92 32.91 -19.47
C GLY K 54 -42.14 32.61 -18.00
N ALA K 55 -43.25 33.10 -17.47
CA ALA K 55 -43.61 32.90 -16.08
C ALA K 55 -43.98 31.46 -15.78
N VAL K 56 -43.86 31.07 -14.51
CA VAL K 56 -44.18 29.72 -14.10
C VAL K 56 -45.68 29.56 -14.27
N LYS K 57 -46.08 28.56 -15.05
CA LYS K 57 -47.51 28.35 -15.28
C LYS K 57 -48.08 27.17 -14.50
N ALA K 58 -49.41 27.18 -14.29
CA ALA K 58 -50.09 26.11 -13.57
C ALA K 58 -50.74 25.15 -14.56
N PRO K 59 -50.93 23.87 -14.17
CA PRO K 59 -51.54 22.88 -15.06
C PRO K 59 -52.90 23.27 -15.61
N THR K 60 -53.64 24.05 -14.83
CA THR K 60 -54.97 24.50 -15.23
C THR K 60 -54.92 25.47 -16.41
N GLY K 61 -53.70 25.81 -16.83
CA GLY K 61 -53.55 26.75 -17.93
C GLY K 61 -53.41 28.15 -17.35
N GLY K 62 -53.58 28.28 -16.03
CA GLY K 62 -53.47 29.57 -15.38
C GLY K 62 -52.10 29.78 -14.77
N HIS K 63 -52.07 30.02 -13.46
CA HIS K 63 -50.82 30.23 -12.75
C HIS K 63 -50.99 29.76 -11.32
N PRO K 64 -49.88 29.51 -10.63
CA PRO K 64 -50.00 29.05 -9.25
C PRO K 64 -50.58 30.15 -8.37
N VAL K 65 -51.28 29.74 -7.32
CA VAL K 65 -51.91 30.70 -6.42
C VAL K 65 -51.61 30.47 -4.95
N VAL K 66 -51.15 31.52 -4.29
CA VAL K 66 -50.80 31.49 -2.88
C VAL K 66 -51.80 32.31 -2.06
N GLN K 67 -52.18 31.80 -0.90
CA GLN K 67 -53.13 32.49 -0.05
C GLN K 67 -52.86 32.40 1.46
N LEU K 68 -52.99 33.54 2.15
CA LEU K 68 -52.79 33.59 3.59
C LEU K 68 -54.21 33.59 4.18
N HIS K 69 -54.51 32.63 5.06
CA HIS K 69 -55.86 32.51 5.61
C HIS K 69 -56.28 33.24 6.89
N GLY K 70 -55.67 32.92 8.02
CA GLY K 70 -56.05 33.54 9.28
C GLY K 70 -56.01 35.06 9.41
N TYR K 71 -55.50 35.77 8.41
CA TYR K 71 -55.40 37.23 8.45
C TYR K 71 -56.74 37.96 8.34
N MET K 72 -57.04 38.80 9.32
CA MET K 72 -58.29 39.54 9.37
C MET K 72 -58.07 41.04 9.21
N GLU K 73 -56.92 41.54 9.65
CA GLU K 73 -56.61 42.96 9.56
C GLU K 73 -56.79 43.50 8.14
N ASN K 74 -56.85 44.82 8.02
CA ASN K 74 -57.01 45.46 6.72
C ASN K 74 -55.73 46.18 6.35
N LYS K 75 -54.65 45.41 6.24
CA LYS K 75 -53.35 45.95 5.89
C LYS K 75 -52.70 44.95 4.94
N PRO K 76 -52.13 45.43 3.83
CA PRO K 76 -51.49 44.53 2.86
C PRO K 76 -50.07 44.09 3.27
N LEU K 77 -49.83 42.78 3.20
CA LEU K 77 -48.52 42.24 3.51
C LEU K 77 -47.78 42.00 2.21
N GLY K 78 -46.48 41.68 2.30
CA GLY K 78 -45.70 41.42 1.11
C GLY K 78 -45.26 39.97 1.01
N LEU K 79 -45.87 39.22 0.09
CA LEU K 79 -45.53 37.83 -0.10
C LEU K 79 -44.20 37.79 -0.83
N GLN K 80 -43.24 37.02 -0.30
CA GLN K 80 -41.93 36.93 -0.92
C GLN K 80 -41.79 35.61 -1.67
N ILE K 81 -41.14 35.68 -2.83
CA ILE K 81 -40.96 34.52 -3.67
C ILE K 81 -39.51 34.34 -4.06
N PHE K 82 -38.98 33.15 -3.84
CA PHE K 82 -37.61 32.85 -4.25
C PHE K 82 -37.53 31.38 -4.61
N ILE K 83 -36.52 31.03 -5.42
CA ILE K 83 -36.32 29.67 -5.88
C ILE K 83 -35.45 28.88 -4.93
N GLY K 84 -35.94 27.75 -4.46
CA GLY K 84 -35.18 26.93 -3.53
C GLY K 84 -34.96 25.49 -4.00
N THR K 85 -34.26 24.70 -3.19
CA THR K 85 -33.95 23.31 -3.51
C THR K 85 -35.15 22.40 -3.37
N ALA K 86 -35.16 21.33 -4.16
CA ALA K 86 -36.28 20.39 -4.15
C ALA K 86 -35.92 19.05 -3.52
N ASP K 87 -34.78 18.52 -3.93
CA ASP K 87 -34.32 17.25 -3.41
C ASP K 87 -33.64 17.52 -2.06
N GLU K 88 -32.75 16.62 -1.64
CA GLU K 88 -32.06 16.77 -0.35
C GLU K 88 -33.12 17.23 0.65
N ARG K 89 -32.70 17.88 1.75
CA ARG K 89 -33.71 18.36 2.68
C ARG K 89 -33.35 19.32 3.81
N ILE K 90 -33.24 20.58 3.42
CA ILE K 90 -32.98 21.70 4.31
C ILE K 90 -33.32 22.84 3.38
N LEU K 91 -34.58 22.79 2.92
CA LEU K 91 -35.13 23.78 2.01
C LEU K 91 -34.32 25.06 2.06
N LYS K 92 -33.60 25.35 0.99
CA LYS K 92 -32.78 26.54 0.94
C LYS K 92 -32.66 27.11 -0.48
N PRO K 93 -32.26 28.38 -0.57
CA PRO K 93 -32.14 28.98 -1.90
C PRO K 93 -31.31 28.06 -2.77
N HIS K 94 -31.77 27.84 -3.99
CA HIS K 94 -31.03 27.00 -4.92
C HIS K 94 -29.91 27.87 -5.47
N ALA K 95 -28.68 27.37 -5.48
CA ALA K 95 -27.57 28.19 -5.94
C ALA K 95 -27.52 28.37 -7.44
N PHE K 96 -28.24 27.52 -8.18
CA PHE K 96 -28.17 27.60 -9.64
C PHE K 96 -29.42 28.12 -10.32
N TYR K 97 -30.32 28.68 -9.52
CA TYR K 97 -31.55 29.21 -10.05
C TYR K 97 -31.94 30.48 -9.32
N GLN K 98 -32.56 31.40 -10.04
CA GLN K 98 -32.99 32.65 -9.44
C GLN K 98 -34.35 32.95 -10.00
N VAL K 99 -35.26 33.45 -9.18
CA VAL K 99 -36.58 33.78 -9.69
C VAL K 99 -36.36 34.88 -10.70
N HIS K 100 -37.24 34.96 -11.68
CA HIS K 100 -37.14 35.98 -12.70
C HIS K 100 -38.41 36.82 -12.68
N ARG K 101 -38.23 38.14 -12.60
CA ARG K 101 -39.32 39.11 -12.57
C ARG K 101 -39.86 39.37 -13.97
N ILE K 102 -40.94 38.71 -14.36
CA ILE K 102 -41.43 38.96 -15.70
C ILE K 102 -42.06 40.33 -15.74
N THR K 103 -41.68 41.09 -16.77
CA THR K 103 -42.19 42.44 -16.99
C THR K 103 -43.37 42.33 -17.95
N GLY K 104 -44.44 41.70 -17.47
CA GLY K 104 -45.61 41.52 -18.29
C GLY K 104 -46.29 42.83 -18.61
N LYS K 105 -45.79 43.53 -19.62
CA LYS K 105 -46.36 44.80 -20.02
C LYS K 105 -47.88 44.71 -20.02
N THR K 106 -48.42 43.51 -20.21
CA THR K 106 -49.86 43.35 -20.22
C THR K 106 -50.31 42.09 -19.46
N VAL K 107 -49.88 40.94 -19.94
CA VAL K 107 -50.26 39.67 -19.34
C VAL K 107 -50.11 39.67 -17.82
N THR K 108 -49.17 40.46 -17.31
CA THR K 108 -48.93 40.52 -15.88
C THR K 108 -50.10 41.10 -15.09
N THR K 109 -50.55 40.38 -14.07
CA THR K 109 -51.67 40.80 -13.24
C THR K 109 -51.19 41.25 -11.86
N THR K 110 -49.92 41.01 -11.59
CA THR K 110 -49.36 41.36 -10.29
C THR K 110 -48.13 42.26 -10.34
N SER K 111 -48.06 43.21 -9.41
CA SER K 111 -46.93 44.11 -9.33
C SER K 111 -45.75 43.32 -8.76
N TYR K 112 -44.54 43.86 -8.84
CA TYR K 112 -43.37 43.15 -8.34
C TYR K 112 -42.32 44.06 -7.76
N GLU K 113 -41.30 43.46 -7.16
CA GLU K 113 -40.19 44.16 -6.54
C GLU K 113 -39.00 43.20 -6.54
N LYS K 114 -37.79 43.72 -6.64
CA LYS K 114 -36.61 42.88 -6.69
C LYS K 114 -35.64 43.18 -5.53
N ILE K 115 -35.38 42.19 -4.68
CA ILE K 115 -34.47 42.35 -3.53
C ILE K 115 -33.25 41.43 -3.70
N VAL K 116 -32.52 41.19 -2.61
CA VAL K 116 -31.32 40.33 -2.64
C VAL K 116 -31.00 39.55 -1.35
N GLY K 117 -29.73 39.15 -1.26
CA GLY K 117 -29.25 38.37 -0.13
C GLY K 117 -28.48 37.21 -0.76
N ASN K 118 -27.76 37.55 -1.83
CA ASN K 118 -26.97 36.60 -2.64
C ASN K 118 -27.92 35.89 -3.59
N THR K 119 -29.19 35.84 -3.22
CA THR K 119 -30.23 35.21 -4.04
C THR K 119 -31.36 36.24 -4.24
N LYS K 120 -31.84 36.35 -5.48
CA LYS K 120 -32.90 37.31 -5.81
C LYS K 120 -34.26 36.87 -5.28
N VAL K 121 -35.00 37.83 -4.72
CA VAL K 121 -36.33 37.55 -4.19
C VAL K 121 -37.37 38.47 -4.75
N LEU K 122 -38.51 37.91 -5.12
CA LEU K 122 -39.61 38.68 -5.66
C LEU K 122 -40.60 38.93 -4.56
N GLU K 123 -41.09 40.16 -4.46
CA GLU K 123 -42.08 40.48 -3.44
C GLU K 123 -43.33 41.03 -4.11
N ILE K 124 -44.43 40.28 -4.02
CA ILE K 124 -45.69 40.72 -4.61
C ILE K 124 -46.62 41.04 -3.46
N PRO K 125 -47.57 41.95 -3.69
CA PRO K 125 -48.49 42.29 -2.60
C PRO K 125 -49.65 41.31 -2.39
N LEU K 126 -49.94 41.06 -1.13
CA LEU K 126 -51.03 40.19 -0.71
C LEU K 126 -52.06 41.16 -0.11
N GLU K 127 -53.09 41.47 -0.87
CA GLU K 127 -54.10 42.41 -0.39
C GLU K 127 -55.41 41.76 0.02
N PRO K 128 -56.03 42.28 1.09
CA PRO K 128 -57.30 41.77 1.60
C PRO K 128 -58.42 41.92 0.57
N LYS K 129 -58.24 42.86 -0.35
CA LYS K 129 -59.23 43.11 -1.39
C LYS K 129 -59.55 41.78 -2.09
N ASN K 130 -58.51 40.96 -2.24
CA ASN K 130 -58.66 39.66 -2.90
C ASN K 130 -58.69 38.52 -1.89
N ASN K 131 -58.97 38.85 -0.64
CA ASN K 131 -59.02 37.85 0.42
C ASN K 131 -57.62 37.31 0.66
N MET K 132 -56.65 38.23 0.71
CA MET K 132 -55.24 37.87 0.92
C MET K 132 -54.82 36.71 0.02
N ARG K 133 -55.25 36.79 -1.24
CA ARG K 133 -54.99 35.78 -2.24
C ARG K 133 -54.10 36.44 -3.28
N ALA K 134 -53.18 35.67 -3.86
CA ALA K 134 -52.27 36.22 -4.85
C ALA K 134 -52.06 35.28 -6.04
N THR K 135 -52.17 35.83 -7.24
CA THR K 135 -51.97 35.05 -8.46
C THR K 135 -50.52 35.29 -8.83
N ILE K 136 -49.75 34.21 -8.97
CA ILE K 136 -48.33 34.31 -9.30
C ILE K 136 -48.04 34.13 -10.78
N ASP K 137 -48.10 35.22 -11.54
CA ASP K 137 -47.82 35.13 -12.96
C ASP K 137 -46.73 36.12 -13.34
N CYS K 138 -45.91 36.48 -12.37
CA CYS K 138 -44.82 37.39 -12.61
C CYS K 138 -43.50 36.74 -12.25
N ALA K 139 -43.54 35.43 -12.03
CA ALA K 139 -42.34 34.69 -11.62
C ALA K 139 -41.81 33.73 -12.68
N GLY K 140 -40.61 34.01 -13.15
CA GLY K 140 -39.97 33.15 -14.12
C GLY K 140 -38.86 32.40 -13.41
N ILE K 141 -38.01 31.71 -14.17
CA ILE K 141 -36.91 30.97 -13.56
C ILE K 141 -35.63 31.04 -14.38
N LEU K 142 -34.73 31.91 -13.95
CA LEU K 142 -33.45 32.07 -14.62
C LEU K 142 -32.53 30.94 -14.14
N LYS K 143 -31.54 30.58 -14.93
CA LYS K 143 -30.61 29.52 -14.53
C LYS K 143 -29.17 29.99 -14.67
N LEU K 144 -28.49 30.13 -13.53
CA LEU K 144 -27.12 30.58 -13.57
C LEU K 144 -26.29 29.46 -14.15
N ARG K 145 -25.10 29.80 -14.62
CA ARG K 145 -24.20 28.82 -15.21
C ARG K 145 -23.36 28.06 -14.20
N ASN K 146 -23.58 26.75 -14.11
CA ASN K 146 -22.85 25.88 -13.20
C ASN K 146 -21.43 26.35 -12.86
N ALA K 147 -20.60 26.49 -13.88
CA ALA K 147 -19.24 26.95 -13.63
C ALA K 147 -19.26 28.26 -12.87
N ASP K 148 -19.85 29.30 -13.46
CA ASP K 148 -19.93 30.60 -12.81
C ASP K 148 -20.24 30.52 -11.31
N ILE K 149 -20.99 29.51 -10.88
CA ILE K 149 -21.32 29.38 -9.47
C ILE K 149 -20.28 28.65 -8.64
N GLU K 150 -20.05 27.38 -8.97
CA GLU K 150 -19.09 26.55 -8.25
C GLU K 150 -17.73 27.21 -8.16
N LEU K 151 -17.55 28.24 -8.98
CA LEU K 151 -16.31 29.00 -9.06
C LEU K 151 -16.18 30.07 -7.96
N ARG K 152 -17.24 30.30 -7.18
CA ARG K 152 -17.17 31.32 -6.13
C ARG K 152 -16.90 30.74 -4.75
N LYS K 153 -15.94 31.34 -4.05
CA LYS K 153 -15.51 30.92 -2.71
C LYS K 153 -16.64 30.72 -1.70
N GLY K 154 -16.76 29.49 -1.20
CA GLY K 154 -17.79 29.18 -0.22
C GLY K 154 -18.70 28.03 -0.61
N GLU K 155 -19.26 28.11 -1.83
CA GLU K 155 -20.17 27.08 -2.32
C GLU K 155 -19.51 25.71 -2.52
N THR K 156 -20.20 24.69 -2.05
CA THR K 156 -19.73 23.31 -2.13
C THR K 156 -20.68 22.39 -2.90
N ASP K 157 -21.90 22.86 -3.13
CA ASP K 157 -22.90 22.07 -3.87
C ASP K 157 -22.56 22.12 -5.35
N ILE K 158 -23.13 21.20 -6.13
CA ILE K 158 -22.87 21.17 -7.58
C ILE K 158 -24.15 21.23 -8.41
N GLY K 159 -24.04 21.87 -9.58
CA GLY K 159 -25.18 22.00 -10.47
C GLY K 159 -25.50 20.73 -11.22
N ARG K 160 -24.47 20.12 -11.81
CA ARG K 160 -24.61 18.89 -12.58
C ARG K 160 -25.72 17.96 -12.08
N LYS K 161 -26.59 17.55 -13.02
CA LYS K 161 -27.71 16.65 -12.74
C LYS K 161 -28.70 17.15 -11.70
N ASN K 162 -28.43 18.30 -11.11
CA ASN K 162 -29.33 18.87 -10.09
C ASN K 162 -30.12 20.05 -10.63
N THR K 163 -31.24 19.72 -11.24
CA THR K 163 -32.12 20.71 -11.84
C THR K 163 -33.55 20.65 -11.34
N ARG K 164 -33.77 20.19 -10.12
CA ARG K 164 -35.12 20.14 -9.60
C ARG K 164 -35.24 21.41 -8.75
N VAL K 165 -36.43 21.98 -8.65
CA VAL K 165 -36.59 23.22 -7.91
C VAL K 165 -37.95 23.30 -7.24
N ARG K 166 -38.05 24.25 -6.31
CA ARG K 166 -39.30 24.47 -5.61
C ARG K 166 -39.52 25.97 -5.40
N LEU K 167 -40.75 26.41 -5.69
CA LEU K 167 -41.08 27.81 -5.50
C LEU K 167 -41.28 28.01 -4.03
N VAL K 168 -40.63 29.03 -3.48
CA VAL K 168 -40.76 29.27 -2.06
C VAL K 168 -41.45 30.60 -1.76
N PHE K 169 -42.51 30.52 -0.95
CA PHE K 169 -43.27 31.70 -0.58
C PHE K 169 -43.18 32.05 0.91
N ARG K 170 -43.02 33.33 1.19
CA ARG K 170 -42.93 33.79 2.57
C ARG K 170 -43.69 35.06 2.83
N VAL K 171 -44.22 35.18 4.06
CA VAL K 171 -44.94 36.37 4.48
C VAL K 171 -44.46 36.70 5.88
N HIS K 172 -44.39 37.98 6.19
CA HIS K 172 -43.96 38.43 7.50
C HIS K 172 -45.16 39.20 8.08
N ILE K 173 -45.97 38.49 8.86
CA ILE K 173 -47.17 39.03 9.48
C ILE K 173 -46.97 39.82 10.78
N PRO K 174 -47.17 41.14 10.74
CA PRO K 174 -47.01 41.97 11.95
C PRO K 174 -48.27 41.90 12.83
N GLU K 175 -48.08 41.56 14.10
CA GLU K 175 -49.20 41.51 15.04
C GLU K 175 -49.14 42.78 15.89
N SER K 176 -50.31 43.37 16.15
CA SER K 176 -50.40 44.59 16.94
C SER K 176 -49.51 44.57 18.19
N SER K 177 -49.25 43.36 18.72
CA SER K 177 -48.41 43.19 19.90
C SER K 177 -46.94 43.55 19.64
N GLY K 178 -46.61 43.80 18.37
CA GLY K 178 -45.26 44.17 18.00
C GLY K 178 -44.43 43.04 17.42
N ARG K 179 -44.87 41.80 17.65
CA ARG K 179 -44.15 40.62 17.16
C ARG K 179 -44.22 40.50 15.65
N ILE K 180 -43.45 39.57 15.11
CA ILE K 180 -43.40 39.31 13.68
C ILE K 180 -43.50 37.81 13.45
N VAL K 181 -44.61 37.39 12.86
CA VAL K 181 -44.79 35.97 12.57
C VAL K 181 -44.40 35.72 11.11
N SER K 182 -43.43 34.82 10.90
CA SER K 182 -42.98 34.51 9.57
C SER K 182 -43.31 33.10 9.11
N LEU K 183 -44.28 33.01 8.20
CA LEU K 183 -44.71 31.73 7.65
C LEU K 183 -43.99 31.54 6.33
N GLN K 184 -43.99 30.31 5.84
CA GLN K 184 -43.32 30.00 4.60
C GLN K 184 -43.87 28.69 4.07
N THR K 185 -43.82 28.52 2.76
CA THR K 185 -44.32 27.29 2.16
C THR K 185 -43.56 27.04 0.89
N ALA K 186 -43.63 25.80 0.41
CA ALA K 186 -42.95 25.44 -0.81
C ALA K 186 -43.85 24.68 -1.76
N SER K 187 -43.72 25.00 -3.03
CA SER K 187 -44.51 24.34 -4.06
C SER K 187 -44.01 22.92 -4.17
N ASN K 188 -44.60 22.16 -5.08
CA ASN K 188 -44.14 20.81 -5.30
C ASN K 188 -42.81 20.98 -6.06
N PRO K 189 -42.14 19.87 -6.39
CA PRO K 189 -40.88 20.01 -7.12
C PRO K 189 -41.15 20.40 -8.57
N ILE K 190 -40.24 21.16 -9.15
CA ILE K 190 -40.38 21.61 -10.53
C ILE K 190 -39.12 21.32 -11.31
N GLU K 191 -39.23 20.46 -12.33
CA GLU K 191 -38.09 20.11 -13.19
C GLU K 191 -37.83 21.35 -14.04
N CYS K 192 -36.58 21.74 -14.23
CA CYS K 192 -36.32 22.95 -15.01
C CYS K 192 -35.35 22.73 -16.14
N SER K 193 -35.59 21.69 -16.91
CA SER K 193 -34.70 21.37 -18.02
C SER K 193 -35.48 20.86 -19.23
N GLN K 194 -34.99 21.20 -20.41
CA GLN K 194 -35.65 20.77 -21.62
C GLN K 194 -35.66 19.24 -21.66
N GLU K 199 -38.26 11.15 -26.05
CA GLU K 199 -39.11 11.79 -25.04
C GLU K 199 -40.58 11.73 -25.46
N LEU K 200 -40.94 10.76 -26.29
CA LEU K 200 -42.33 10.64 -26.76
C LEU K 200 -43.28 9.92 -25.81
N PRO K 201 -44.59 10.20 -25.91
CA PRO K 201 -45.62 9.60 -25.07
C PRO K 201 -45.64 8.06 -25.13
N MET K 202 -46.23 7.45 -24.11
CA MET K 202 -46.30 6.00 -24.03
C MET K 202 -47.56 5.54 -23.30
N VAL K 203 -48.35 4.71 -23.97
CA VAL K 203 -49.59 4.20 -23.38
C VAL K 203 -49.40 2.75 -22.96
N GLU K 204 -49.72 2.46 -21.70
CA GLU K 204 -49.58 1.12 -21.16
C GLU K 204 -50.93 0.42 -20.92
N ARG K 205 -51.94 1.18 -20.50
CA ARG K 205 -53.25 0.61 -20.26
C ARG K 205 -54.40 1.54 -20.64
N GLN K 206 -55.52 0.95 -21.06
CA GLN K 206 -56.70 1.72 -21.44
C GLN K 206 -57.82 1.39 -20.48
N ASP K 207 -58.39 2.40 -19.84
CA ASP K 207 -59.50 2.20 -18.90
C ASP K 207 -60.64 1.42 -19.57
N THR K 208 -60.98 1.81 -20.79
CA THR K 208 -62.04 1.17 -21.57
C THR K 208 -61.47 0.67 -22.89
N ASP K 209 -62.13 -0.33 -23.48
CA ASP K 209 -61.66 -0.89 -24.73
C ASP K 209 -62.59 -0.56 -25.90
N SER K 210 -63.87 -0.38 -25.59
CA SER K 210 -64.85 -0.06 -26.61
C SER K 210 -65.91 0.90 -26.06
N CYS K 211 -66.95 1.11 -26.87
CA CYS K 211 -68.07 1.99 -26.53
C CYS K 211 -68.87 2.05 -27.81
N LEU K 212 -70.04 2.69 -27.80
CA LEU K 212 -70.82 2.77 -29.03
C LEU K 212 -70.94 4.16 -29.63
N VAL K 213 -71.08 4.17 -30.95
CA VAL K 213 -71.20 5.38 -31.76
C VAL K 213 -71.39 6.71 -31.05
N TYR K 214 -72.44 6.82 -30.24
CA TYR K 214 -72.71 8.07 -29.52
C TYR K 214 -71.50 8.64 -28.80
N GLY K 215 -70.65 7.75 -28.28
CA GLY K 215 -69.48 8.22 -27.56
C GLY K 215 -69.90 8.66 -26.17
N GLY K 216 -69.20 9.65 -25.61
CA GLY K 216 -69.55 10.13 -24.29
C GLY K 216 -68.76 9.46 -23.18
N GLN K 217 -68.87 8.14 -23.06
CA GLN K 217 -68.16 7.38 -22.04
C GLN K 217 -66.75 7.91 -21.78
N GLN K 218 -66.23 7.67 -20.58
CA GLN K 218 -64.91 8.14 -20.21
C GLN K 218 -63.83 7.05 -20.33
N MET K 219 -62.67 7.44 -20.84
CA MET K 219 -61.54 6.54 -21.01
C MET K 219 -60.30 7.13 -20.31
N ILE K 220 -59.70 6.34 -19.42
CA ILE K 220 -58.54 6.79 -18.68
C ILE K 220 -57.28 6.07 -19.14
N LEU K 221 -56.38 6.80 -19.78
CA LEU K 221 -55.12 6.24 -20.28
C LEU K 221 -54.01 6.29 -19.24
N THR K 222 -53.43 5.13 -18.98
CA THR K 222 -52.36 5.00 -18.00
C THR K 222 -51.04 4.76 -18.72
N GLY K 223 -50.18 5.77 -18.74
CA GLY K 223 -48.91 5.62 -19.42
C GLY K 223 -47.82 6.51 -18.86
N GLN K 224 -47.03 7.12 -19.74
CA GLN K 224 -45.94 7.99 -19.29
C GLN K 224 -45.83 9.25 -20.14
N ASN K 225 -44.93 10.14 -19.74
CA ASN K 225 -44.68 11.39 -20.47
C ASN K 225 -45.93 12.25 -20.73
N PHE K 226 -47.08 11.83 -20.23
CA PHE K 226 -48.30 12.60 -20.44
C PHE K 226 -48.23 13.99 -19.84
N THR K 227 -48.14 15.01 -20.70
CA THR K 227 -48.07 16.40 -20.24
C THR K 227 -49.39 17.14 -20.44
N SER K 228 -49.48 18.35 -19.89
CA SER K 228 -50.67 19.17 -20.01
C SER K 228 -50.95 19.55 -21.45
N GLU K 229 -49.90 19.47 -22.27
CA GLU K 229 -50.01 19.82 -23.68
C GLU K 229 -50.27 18.61 -24.57
N SER K 230 -50.52 17.46 -23.95
CA SER K 230 -50.78 16.24 -24.70
C SER K 230 -52.16 16.28 -25.37
N LYS K 231 -52.27 15.60 -26.50
CA LYS K 231 -53.52 15.54 -27.25
C LYS K 231 -53.82 14.09 -27.61
N VAL K 232 -55.11 13.80 -27.79
CA VAL K 232 -55.53 12.46 -28.14
C VAL K 232 -56.42 12.52 -29.36
N VAL K 233 -56.05 11.79 -30.40
CA VAL K 233 -56.82 11.77 -31.64
C VAL K 233 -57.15 10.36 -32.10
N PHE K 234 -58.39 10.17 -32.53
CA PHE K 234 -58.83 8.87 -33.02
C PHE K 234 -58.76 8.88 -34.53
N THR K 235 -58.49 7.73 -35.12
CA THR K 235 -58.40 7.63 -36.57
C THR K 235 -58.83 6.28 -37.09
N GLU K 236 -59.30 6.27 -38.33
CA GLU K 236 -59.71 5.03 -38.98
C GLU K 236 -59.10 5.03 -40.36
N LYS K 237 -58.60 3.88 -40.79
CA LYS K 237 -57.98 3.76 -42.10
C LYS K 237 -58.51 2.57 -42.86
N THR K 238 -58.41 2.64 -44.18
CA THR K 238 -58.84 1.54 -45.04
C THR K 238 -57.69 0.53 -45.00
N THR K 239 -57.99 -0.74 -45.26
CA THR K 239 -56.97 -1.78 -45.23
C THR K 239 -55.64 -1.35 -45.86
N ASP K 240 -55.69 -0.40 -46.79
CA ASP K 240 -54.47 0.09 -47.43
C ASP K 240 -53.73 0.98 -46.45
N GLY K 241 -54.34 2.12 -46.14
CA GLY K 241 -53.74 3.07 -45.22
C GLY K 241 -54.34 4.45 -45.39
N GLN K 242 -55.26 4.59 -46.35
CA GLN K 242 -55.90 5.87 -46.59
C GLN K 242 -56.82 6.24 -45.43
N GLN K 243 -56.32 7.13 -44.58
CA GLN K 243 -57.06 7.59 -43.41
C GLN K 243 -58.31 8.36 -43.85
N ILE K 244 -59.49 7.89 -43.46
CA ILE K 244 -60.73 8.56 -43.84
C ILE K 244 -61.38 9.28 -42.67
N TRP K 245 -60.92 8.98 -41.46
CA TRP K 245 -61.46 9.62 -40.27
C TRP K 245 -60.36 10.05 -39.32
N GLU K 246 -60.57 11.22 -38.74
CA GLU K 246 -59.63 11.79 -37.79
C GLU K 246 -60.37 12.79 -36.93
N MET K 247 -60.34 12.59 -35.62
CA MET K 247 -61.01 13.50 -34.71
C MET K 247 -60.34 13.55 -33.35
N GLU K 248 -60.11 14.75 -32.87
CA GLU K 248 -59.47 14.96 -31.58
C GLU K 248 -60.44 14.85 -30.46
N ALA K 249 -60.19 13.94 -29.53
CA ALA K 249 -61.04 13.77 -28.36
C ALA K 249 -60.41 14.62 -27.27
N THR K 250 -61.21 15.53 -26.70
CA THR K 250 -60.74 16.44 -25.66
C THR K 250 -60.28 15.73 -24.37
N VAL K 251 -59.13 16.13 -23.87
CA VAL K 251 -58.59 15.57 -22.65
C VAL K 251 -59.42 16.11 -21.48
N ASP K 252 -58.79 16.41 -20.34
CA ASP K 252 -59.57 16.90 -19.22
C ASP K 252 -59.08 18.11 -18.42
N LYS K 253 -60.06 18.86 -17.92
CA LYS K 253 -59.87 20.08 -17.11
C LYS K 253 -58.83 19.95 -16.01
N ASP K 254 -58.70 18.77 -15.43
CA ASP K 254 -57.73 18.56 -14.37
C ASP K 254 -56.32 18.54 -14.91
N LYS K 255 -55.35 18.66 -14.00
CA LYS K 255 -53.95 18.63 -14.36
C LYS K 255 -53.63 17.19 -14.73
N SER K 256 -54.69 16.39 -14.85
CA SER K 256 -54.55 14.97 -15.19
C SER K 256 -53.46 14.38 -14.29
N GLN K 257 -52.41 13.87 -14.90
CA GLN K 257 -51.30 13.29 -14.16
C GLN K 257 -50.11 13.20 -15.10
N PRO K 258 -48.90 13.04 -14.54
CA PRO K 258 -47.70 12.95 -15.37
C PRO K 258 -47.67 11.59 -16.06
N ASN K 259 -48.61 10.74 -15.68
CA ASN K 259 -48.70 9.39 -16.23
C ASN K 259 -50.15 8.87 -16.31
N MET K 260 -51.08 9.78 -16.51
CA MET K 260 -52.48 9.39 -16.58
C MET K 260 -53.31 10.48 -17.26
N LEU K 261 -54.06 10.10 -18.30
CA LEU K 261 -54.90 11.03 -19.03
C LEU K 261 -56.38 10.64 -18.99
N PHE K 262 -57.25 11.64 -18.94
CA PHE K 262 -58.68 11.40 -18.92
C PHE K 262 -59.31 11.87 -20.22
N VAL K 263 -59.46 10.96 -21.17
CA VAL K 263 -60.02 11.29 -22.47
C VAL K 263 -61.52 11.01 -22.58
N GLU K 264 -62.25 11.93 -23.17
CA GLU K 264 -63.67 11.75 -23.38
C GLU K 264 -63.86 11.18 -24.79
N ILE K 265 -64.11 9.88 -24.87
CA ILE K 265 -64.30 9.20 -26.14
C ILE K 265 -65.10 10.06 -27.11
N PRO K 266 -64.57 10.26 -28.33
CA PRO K 266 -65.24 11.07 -29.35
C PRO K 266 -66.44 10.37 -29.95
N GLU K 267 -67.25 11.14 -30.65
CA GLU K 267 -68.45 10.63 -31.32
C GLU K 267 -67.97 9.97 -32.61
N TYR K 268 -68.81 9.16 -33.25
CA TYR K 268 -68.38 8.53 -34.49
C TYR K 268 -69.03 9.23 -35.70
N ARG K 269 -68.46 9.00 -36.88
CA ARG K 269 -68.95 9.62 -38.10
C ARG K 269 -70.18 8.96 -38.72
N ASN K 270 -70.57 7.81 -38.21
CA ASN K 270 -71.74 7.11 -38.76
C ASN K 270 -72.44 6.22 -37.73
N LYS K 271 -73.47 6.77 -37.09
CA LYS K 271 -74.24 6.03 -36.09
C LYS K 271 -74.94 4.82 -36.70
N HIS K 272 -75.27 4.93 -38.00
CA HIS K 272 -75.97 3.87 -38.71
C HIS K 272 -75.13 2.70 -39.19
N ILE K 273 -74.36 2.10 -38.28
CA ILE K 273 -73.55 0.95 -38.64
C ILE K 273 -74.24 -0.29 -38.10
N ARG K 274 -74.19 -1.39 -38.85
CA ARG K 274 -74.81 -2.64 -38.42
C ARG K 274 -73.77 -3.68 -38.03
N THR K 275 -72.56 -3.21 -37.73
CA THR K 275 -71.45 -4.07 -37.32
C THR K 275 -70.38 -3.19 -36.68
N PRO K 276 -69.79 -3.66 -35.57
CA PRO K 276 -68.75 -2.88 -34.89
C PRO K 276 -67.62 -2.44 -35.82
N VAL K 277 -66.96 -1.35 -35.46
CA VAL K 277 -65.88 -0.80 -36.26
C VAL K 277 -64.58 -0.58 -35.50
N LYS K 278 -63.50 -1.15 -36.00
CA LYS K 278 -62.19 -1.01 -35.38
C LYS K 278 -61.59 0.32 -35.76
N VAL K 279 -61.04 1.03 -34.79
CA VAL K 279 -60.40 2.32 -35.03
C VAL K 279 -59.15 2.40 -34.18
N ASN K 280 -58.46 3.54 -34.24
CA ASN K 280 -57.25 3.75 -33.47
C ASN K 280 -57.22 5.13 -32.84
N PHE K 281 -56.35 5.30 -31.87
CA PHE K 281 -56.21 6.59 -31.22
C PHE K 281 -54.79 6.66 -30.69
N TYR K 282 -54.18 7.82 -30.82
CA TYR K 282 -52.83 8.00 -30.36
C TYR K 282 -52.68 9.26 -29.52
N VAL K 283 -51.57 9.33 -28.80
CA VAL K 283 -51.29 10.48 -27.96
C VAL K 283 -50.15 11.24 -28.61
N ILE K 284 -50.31 12.55 -28.75
CA ILE K 284 -49.30 13.37 -29.40
C ILE K 284 -48.89 14.60 -28.59
N ASN K 285 -47.59 14.88 -28.59
CA ASN K 285 -47.04 16.02 -27.87
C ASN K 285 -46.39 17.02 -28.81
N GLY K 286 -47.20 17.73 -29.59
CA GLY K 286 -46.66 18.71 -30.51
C GLY K 286 -46.75 18.23 -31.95
N LYS K 287 -45.63 17.78 -32.51
CA LYS K 287 -45.62 17.30 -33.89
C LYS K 287 -44.97 15.92 -33.98
N ARG K 288 -43.65 15.89 -33.96
CA ARG K 288 -42.92 14.62 -34.05
C ARG K 288 -42.93 13.94 -32.69
N LYS K 289 -44.12 13.65 -32.16
CA LYS K 289 -44.24 13.00 -30.86
C LYS K 289 -45.51 12.15 -30.72
N ARG K 290 -45.68 11.21 -31.63
CA ARG K 290 -46.85 10.35 -31.61
C ARG K 290 -46.55 8.99 -31.00
N SER K 291 -47.46 8.55 -30.13
CA SER K 291 -47.34 7.24 -29.48
C SER K 291 -47.86 6.21 -30.47
N GLN K 292 -47.56 4.94 -30.25
CA GLN K 292 -48.04 3.91 -31.14
C GLN K 292 -49.56 4.00 -31.16
N PRO K 293 -50.18 3.58 -32.26
CA PRO K 293 -51.64 3.62 -32.36
C PRO K 293 -52.29 2.65 -31.38
N GLN K 294 -53.27 3.13 -30.62
CA GLN K 294 -53.97 2.29 -29.66
C GLN K 294 -55.30 1.80 -30.23
N HIS K 295 -55.57 0.51 -30.11
CA HIS K 295 -56.80 -0.08 -30.64
C HIS K 295 -58.05 0.28 -29.83
N PHE K 296 -59.16 0.47 -30.54
CA PHE K 296 -60.42 0.81 -29.92
C PHE K 296 -61.54 0.49 -30.90
N THR K 297 -62.63 -0.10 -30.43
CA THR K 297 -63.71 -0.46 -31.33
C THR K 297 -65.02 0.24 -30.99
N TYR K 298 -65.87 0.41 -31.99
CA TYR K 298 -67.17 1.07 -31.85
C TYR K 298 -68.31 0.10 -32.13
N HIS K 299 -69.19 -0.11 -31.16
CA HIS K 299 -70.30 -1.02 -31.37
C HIS K 299 -71.50 -0.27 -31.95
N PRO K 300 -72.26 -0.94 -32.83
CA PRO K 300 -73.43 -0.32 -33.46
C PRO K 300 -74.51 -0.04 -32.44
N VAL K 301 -75.32 0.96 -32.71
CA VAL K 301 -76.43 1.35 -31.84
C VAL K 301 -77.20 0.16 -31.27
N TRP L 22 -4.39 25.97 -48.99
CA TRP L 22 -4.34 26.95 -50.11
C TRP L 22 -5.73 27.05 -50.73
N PRO L 23 -6.25 28.28 -50.88
CA PRO L 23 -7.58 28.49 -51.46
C PRO L 23 -7.65 28.21 -52.97
N LEU L 24 -6.51 28.28 -53.64
CA LEU L 24 -6.45 28.02 -55.07
C LEU L 24 -6.72 26.53 -55.35
N SER L 25 -7.49 26.26 -56.39
CA SER L 25 -7.84 24.89 -56.76
C SER L 25 -6.88 24.29 -57.79
N SER L 26 -6.62 23.00 -57.64
CA SER L 26 -5.74 22.25 -58.53
C SER L 26 -6.52 21.01 -58.99
N GLN L 27 -5.84 19.98 -59.49
CA GLN L 27 -6.56 18.78 -59.93
C GLN L 27 -5.76 17.49 -60.06
N SER L 28 -5.38 17.15 -61.30
CA SER L 28 -4.60 15.95 -61.58
C SER L 28 -4.03 16.01 -63.02
N GLY L 29 -3.00 16.86 -63.18
CA GLY L 29 -2.33 17.10 -64.46
C GLY L 29 -1.98 15.97 -65.41
N SER L 30 -0.67 15.81 -65.68
CA SER L 30 -0.20 14.77 -66.61
C SER L 30 -0.06 13.38 -65.96
N TYR L 31 0.05 13.37 -64.64
CA TYR L 31 0.15 12.14 -63.86
C TYR L 31 -1.24 11.87 -63.29
N GLU L 32 -1.33 11.79 -61.97
CA GLU L 32 -2.60 11.57 -61.29
C GLU L 32 -2.46 11.20 -59.81
N LEU L 33 -3.23 11.91 -58.98
CA LEU L 33 -3.27 11.68 -57.54
C LEU L 33 -4.67 11.17 -57.21
N ARG L 34 -4.77 9.89 -56.87
CA ARG L 34 -6.06 9.29 -56.58
C ARG L 34 -6.22 8.77 -55.15
N ILE L 35 -7.45 8.81 -54.65
CA ILE L 35 -7.74 8.31 -53.31
C ILE L 35 -8.11 6.86 -53.58
N GLU L 36 -7.20 5.96 -53.25
CA GLU L 36 -7.44 4.53 -53.47
C GLU L 36 -8.42 3.97 -52.43
N VAL L 37 -8.49 4.60 -51.27
CA VAL L 37 -9.41 4.13 -50.24
C VAL L 37 -10.09 5.29 -49.50
N GLN L 38 -11.38 5.46 -49.73
CA GLN L 38 -12.14 6.55 -49.11
C GLN L 38 -12.38 6.34 -47.63
N PRO L 39 -12.45 7.43 -46.85
CA PRO L 39 -12.67 7.38 -45.41
C PRO L 39 -14.14 7.20 -45.10
N LYS L 40 -14.45 6.62 -43.95
CA LYS L 40 -15.84 6.41 -43.55
C LYS L 40 -16.57 7.73 -43.73
N PRO L 41 -17.90 7.67 -43.92
CA PRO L 41 -18.77 8.84 -44.09
C PRO L 41 -18.91 9.68 -42.81
N HIS L 42 -18.76 9.02 -41.67
CA HIS L 42 -18.86 9.73 -40.39
C HIS L 42 -17.54 9.66 -39.65
N HIS L 43 -17.36 10.58 -38.70
CA HIS L 43 -16.17 10.62 -37.85
C HIS L 43 -16.27 11.72 -36.82
N ARG L 44 -16.80 11.41 -35.65
CA ARG L 44 -16.93 12.42 -34.61
C ARG L 44 -15.61 13.10 -34.31
N ALA L 45 -15.56 14.40 -34.52
CA ALA L 45 -14.35 15.15 -34.29
C ALA L 45 -14.28 15.47 -32.83
N HIS L 46 -13.13 15.96 -32.36
CA HIS L 46 -12.95 16.29 -30.96
C HIS L 46 -12.59 17.75 -30.73
N TYR L 47 -12.79 18.22 -29.51
CA TYR L 47 -12.49 19.59 -29.15
C TYR L 47 -11.14 19.70 -28.44
N GLU L 48 -10.59 20.91 -28.36
CA GLU L 48 -9.33 21.10 -27.67
C GLU L 48 -9.58 20.76 -26.20
N THR L 49 -10.84 20.84 -25.82
CA THR L 49 -11.27 20.57 -24.45
C THR L 49 -11.32 19.09 -24.11
N GLU L 50 -11.37 18.26 -25.15
CA GLU L 50 -11.38 16.82 -24.97
C GLU L 50 -10.02 16.30 -25.36
N GLY L 51 -9.88 14.98 -25.38
CA GLY L 51 -8.64 14.40 -25.81
C GLY L 51 -8.90 13.83 -27.19
N SER L 52 -7.87 13.73 -28.00
CA SER L 52 -7.99 13.17 -29.34
C SER L 52 -9.13 12.18 -29.44
N ARG L 53 -9.87 12.26 -30.52
CA ARG L 53 -10.96 11.34 -30.70
C ARG L 53 -10.57 10.30 -31.72
N GLY L 54 -9.27 10.17 -31.98
CA GLY L 54 -8.81 9.16 -32.93
C GLY L 54 -8.63 9.60 -34.38
N ALA L 55 -7.84 8.83 -35.11
CA ALA L 55 -7.56 9.10 -36.51
C ALA L 55 -8.74 8.79 -37.38
N VAL L 56 -8.80 9.39 -38.57
CA VAL L 56 -9.88 9.15 -39.50
C VAL L 56 -9.78 7.72 -39.96
N LYS L 57 -10.83 6.94 -39.79
CA LYS L 57 -10.79 5.55 -40.18
C LYS L 57 -11.57 5.28 -41.44
N ALA L 58 -11.26 4.15 -42.10
CA ALA L 58 -11.92 3.73 -43.33
C ALA L 58 -12.95 2.66 -43.04
N PRO L 59 -13.99 2.57 -43.89
CA PRO L 59 -15.04 1.55 -43.67
C PRO L 59 -14.53 0.12 -43.55
N THR L 60 -13.45 -0.16 -44.27
CA THR L 60 -12.85 -1.49 -44.27
C THR L 60 -12.25 -1.86 -42.90
N GLY L 61 -12.31 -0.92 -41.96
CA GLY L 61 -11.76 -1.15 -40.65
C GLY L 61 -10.31 -0.67 -40.63
N GLY L 62 -9.81 -0.29 -41.81
CA GLY L 62 -8.44 0.19 -41.92
C GLY L 62 -8.35 1.71 -41.87
N HIS L 63 -7.78 2.31 -42.90
CA HIS L 63 -7.65 3.75 -42.97
C HIS L 63 -7.67 4.18 -44.42
N PRO L 64 -7.96 5.45 -44.69
CA PRO L 64 -7.97 5.89 -46.08
C PRO L 64 -6.58 5.82 -46.69
N VAL L 65 -6.52 5.59 -48.00
CA VAL L 65 -5.25 5.46 -48.70
C VAL L 65 -5.16 6.34 -49.94
N VAL L 66 -4.09 7.13 -50.00
CA VAL L 66 -3.83 8.04 -51.11
C VAL L 66 -2.63 7.54 -51.91
N GLN L 67 -2.70 7.65 -53.23
CA GLN L 67 -1.61 7.19 -54.10
C GLN L 67 -1.34 8.07 -55.31
N LEU L 68 -0.07 8.31 -55.61
CA LEU L 68 0.33 9.12 -56.77
C LEU L 68 0.77 8.10 -57.80
N HIS L 69 0.17 8.14 -58.99
CA HIS L 69 0.49 7.14 -60.00
C HIS L 69 1.62 7.34 -61.01
N GLY L 70 1.50 8.35 -61.87
CA GLY L 70 2.50 8.56 -62.89
C GLY L 70 3.97 8.78 -62.51
N TYR L 71 4.25 8.85 -61.21
CA TYR L 71 5.62 9.09 -60.74
C TYR L 71 6.54 7.90 -60.90
N MET L 72 7.65 8.11 -61.60
CA MET L 72 8.63 7.07 -61.87
C MET L 72 9.96 7.30 -61.14
N GLU L 73 10.31 8.56 -60.94
CA GLU L 73 11.55 8.91 -60.25
C GLU L 73 11.70 8.19 -58.92
N ASN L 74 12.92 8.20 -58.39
CA ASN L 74 13.20 7.56 -57.11
C ASN L 74 13.52 8.63 -56.08
N LYS L 75 12.54 9.50 -55.84
CA LYS L 75 12.67 10.58 -54.87
C LYS L 75 11.35 10.69 -54.13
N PRO L 76 11.39 10.76 -52.79
CA PRO L 76 10.15 10.86 -52.03
C PRO L 76 9.55 12.26 -52.00
N LEU L 77 8.24 12.36 -52.26
CA LEU L 77 7.55 13.64 -52.21
C LEU L 77 6.82 13.74 -50.88
N GLY L 78 6.28 14.91 -50.59
CA GLY L 78 5.55 15.10 -49.35
C GLY L 78 4.07 15.34 -49.58
N LEU L 79 3.24 14.35 -49.25
CA LEU L 79 1.80 14.48 -49.41
C LEU L 79 1.31 15.39 -48.32
N GLN L 80 0.51 16.39 -48.68
CA GLN L 80 -0.02 17.31 -47.69
C GLN L 80 -1.49 17.03 -47.42
N ILE L 81 -1.85 17.12 -46.15
CA ILE L 81 -3.22 16.83 -45.72
C ILE L 81 -3.79 17.95 -44.88
N PHE L 82 -4.97 18.43 -45.27
CA PHE L 82 -5.65 19.46 -44.52
C PHE L 82 -7.15 19.26 -44.64
N ILE L 83 -7.89 19.82 -43.68
CA ILE L 83 -9.34 19.69 -43.66
C ILE L 83 -10.01 20.83 -44.44
N GLY L 84 -10.85 20.47 -45.41
CA GLY L 84 -11.53 21.48 -46.20
C GLY L 84 -13.04 21.38 -46.21
N THR L 85 -13.69 22.31 -46.92
CA THR L 85 -15.15 22.34 -47.00
C THR L 85 -15.74 21.23 -47.86
N ALA L 86 -16.94 20.81 -47.53
CA ALA L 86 -17.60 19.72 -48.26
C ALA L 86 -18.75 20.22 -49.10
N ASP L 87 -19.62 21.02 -48.49
CA ASP L 87 -20.76 21.57 -49.19
C ASP L 87 -20.29 22.76 -50.02
N GLU L 88 -21.20 23.67 -50.35
CA GLU L 88 -20.85 24.85 -51.15
C GLU L 88 -19.92 24.35 -52.26
N ARG L 89 -19.10 25.23 -52.84
CA ARG L 89 -18.19 24.76 -53.86
C ARG L 89 -17.07 25.63 -54.38
N ILE L 90 -16.02 25.70 -53.58
CA ILE L 90 -14.79 26.39 -53.90
C ILE L 90 -13.90 25.76 -52.85
N LEU L 91 -13.78 24.44 -52.94
CA LEU L 91 -13.00 23.63 -52.03
C LEU L 91 -11.94 24.48 -51.33
N LYS L 92 -12.13 24.72 -50.04
CA LYS L 92 -11.16 25.53 -49.32
C LYS L 92 -11.03 25.06 -47.87
N PRO L 93 -9.95 25.49 -47.19
CA PRO L 93 -9.77 25.10 -45.80
C PRO L 93 -11.03 25.41 -45.02
N HIS L 94 -11.49 24.46 -44.22
CA HIS L 94 -12.70 24.67 -43.43
C HIS L 94 -12.24 25.52 -42.23
N ALA L 95 -12.99 26.58 -41.92
CA ALA L 95 -12.58 27.46 -40.84
C ALA L 95 -12.84 26.90 -39.46
N PHE L 96 -13.67 25.88 -39.36
CA PHE L 96 -14.00 25.34 -38.06
C PHE L 96 -13.44 23.96 -37.77
N TYR L 97 -12.50 23.53 -38.60
CA TYR L 97 -11.88 22.22 -38.44
C TYR L 97 -10.42 22.30 -38.78
N GLN L 98 -9.61 21.49 -38.10
CA GLN L 98 -8.18 21.47 -38.37
C GLN L 98 -7.77 20.02 -38.27
N VAL L 99 -6.88 19.57 -39.16
CA VAL L 99 -6.42 18.19 -39.10
C VAL L 99 -5.71 18.08 -37.78
N HIS L 100 -5.69 16.87 -37.23
CA HIS L 100 -5.04 16.63 -35.98
C HIS L 100 -4.01 15.56 -36.19
N ARG L 101 -2.79 15.86 -35.76
CA ARG L 101 -1.66 14.93 -35.87
C ARG L 101 -1.68 13.88 -34.78
N ILE L 102 -2.17 12.69 -35.08
CA ILE L 102 -2.18 11.70 -34.03
C ILE L 102 -0.78 11.19 -33.77
N THR L 103 -0.41 11.19 -32.49
CA THR L 103 0.90 10.74 -32.04
C THR L 103 0.76 9.26 -31.68
N GLY L 104 0.53 8.44 -32.70
CA GLY L 104 0.36 7.02 -32.49
C GLY L 104 1.64 6.37 -32.03
N LYS L 105 1.91 6.45 -30.73
CA LYS L 105 3.13 5.87 -30.18
C LYS L 105 3.38 4.49 -30.79
N THR L 106 2.31 3.82 -31.21
CA THR L 106 2.46 2.52 -31.81
C THR L 106 1.59 2.33 -33.03
N VAL L 107 0.27 2.42 -32.83
CA VAL L 107 -0.69 2.25 -33.91
C VAL L 107 -0.31 3.01 -35.18
N THR L 108 0.39 4.13 -35.01
CA THR L 108 0.79 4.96 -36.13
C THR L 108 1.80 4.27 -37.07
N THR L 109 1.48 4.23 -38.35
CA THR L 109 2.33 3.60 -39.36
C THR L 109 3.02 4.67 -40.22
N THR L 110 2.62 5.92 -40.07
CA THR L 110 3.18 6.99 -40.87
C THR L 110 3.76 8.15 -40.08
N SER L 111 4.89 8.69 -40.53
CA SER L 111 5.54 9.81 -39.88
C SER L 111 4.69 11.05 -40.19
N TYR L 112 4.94 12.17 -39.51
CA TYR L 112 4.15 13.38 -39.75
C TYR L 112 4.94 14.65 -39.55
N GLU L 113 4.33 15.77 -39.87
CA GLU L 113 4.94 17.08 -39.73
C GLU L 113 3.78 18.07 -39.64
N LYS L 114 3.97 19.16 -38.92
CA LYS L 114 2.92 20.15 -38.73
C LYS L 114 3.32 21.54 -39.27
N ILE L 115 2.57 22.05 -40.25
CA ILE L 115 2.85 23.36 -40.84
C ILE L 115 1.70 24.34 -40.54
N VAL L 116 1.60 25.44 -41.30
CA VAL L 116 0.53 26.42 -41.10
C VAL L 116 0.08 27.18 -42.36
N GLY L 117 -0.54 28.34 -42.11
CA GLY L 117 -1.08 29.21 -43.15
C GLY L 117 -2.50 29.55 -42.71
N ASN L 118 -2.63 29.78 -41.41
CA ASN L 118 -3.89 30.07 -40.72
C ASN L 118 -4.62 28.76 -40.48
N THR L 119 -4.29 27.77 -41.31
CA THR L 119 -4.87 26.44 -41.18
C THR L 119 -3.72 25.42 -41.08
N LYS L 120 -3.86 24.46 -40.17
CA LYS L 120 -2.84 23.45 -39.96
C LYS L 120 -2.84 22.41 -41.07
N VAL L 121 -1.64 22.05 -41.51
CA VAL L 121 -1.48 21.05 -42.56
C VAL L 121 -0.53 19.94 -42.14
N LEU L 122 -0.92 18.70 -42.45
CA LEU L 122 -0.11 17.55 -42.13
C LEU L 122 0.62 17.14 -43.38
N GLU L 123 1.90 16.81 -43.25
CA GLU L 123 2.68 16.37 -44.39
C GLU L 123 3.27 15.02 -44.11
N ILE L 124 2.81 14.01 -44.84
CA ILE L 124 3.32 12.66 -44.66
C ILE L 124 4.14 12.32 -45.89
N PRO L 125 5.13 11.44 -45.74
CA PRO L 125 5.95 11.10 -46.91
C PRO L 125 5.33 10.07 -47.83
N LEU L 126 5.51 10.32 -49.13
CA LEU L 126 5.02 9.44 -50.19
C LEU L 126 6.29 8.84 -50.78
N GLU L 127 6.60 7.60 -50.41
CA GLU L 127 7.81 6.97 -50.88
C GLU L 127 7.59 5.91 -51.95
N PRO L 128 8.49 5.83 -52.92
CA PRO L 128 8.40 4.84 -54.01
C PRO L 128 8.51 3.41 -53.49
N LYS L 129 9.10 3.25 -52.31
CA LYS L 129 9.25 1.95 -51.69
C LYS L 129 7.89 1.28 -51.65
N ASN L 130 6.86 2.08 -51.39
CA ASN L 130 5.49 1.59 -51.30
C ASN L 130 4.71 1.91 -52.57
N ASN L 131 5.42 2.19 -53.66
CA ASN L 131 4.76 2.49 -54.91
C ASN L 131 4.02 3.82 -54.76
N MET L 132 4.70 4.78 -54.14
CA MET L 132 4.13 6.10 -53.93
C MET L 132 2.71 6.00 -53.38
N ARG L 133 2.54 5.11 -52.43
CA ARG L 133 1.24 4.86 -51.81
C ARG L 133 1.41 5.28 -50.36
N ALA L 134 0.35 5.79 -49.76
CA ALA L 134 0.43 6.24 -48.38
C ALA L 134 -0.80 5.86 -47.58
N THR L 135 -0.60 5.31 -46.39
CA THR L 135 -1.70 4.94 -45.53
C THR L 135 -1.90 6.11 -44.59
N ILE L 136 -3.11 6.65 -44.54
CA ILE L 136 -3.39 7.79 -43.68
C ILE L 136 -4.02 7.40 -42.35
N ASP L 137 -3.20 7.14 -41.35
CA ASP L 137 -3.72 6.79 -40.04
C ASP L 137 -3.13 7.70 -38.98
N CYS L 138 -2.68 8.87 -39.40
CA CYS L 138 -2.13 9.82 -38.47
C CYS L 138 -2.95 11.11 -38.51
N ALA L 139 -4.10 11.04 -39.14
CA ALA L 139 -4.93 12.21 -39.28
C ALA L 139 -6.21 12.18 -38.49
N GLY L 140 -6.33 13.12 -37.55
CA GLY L 140 -7.53 13.23 -36.74
C GLY L 140 -8.29 14.47 -37.18
N ILE L 141 -9.30 14.88 -36.43
CA ILE L 141 -10.05 16.05 -36.82
C ILE L 141 -10.49 16.86 -35.62
N LEU L 142 -9.74 17.92 -35.35
CA LEU L 142 -10.04 18.82 -34.25
C LEU L 142 -11.15 19.77 -34.71
N LYS L 143 -11.93 20.29 -33.76
CA LYS L 143 -12.97 21.23 -34.12
C LYS L 143 -12.84 22.50 -33.29
N LEU L 144 -12.59 23.62 -33.97
CA LEU L 144 -12.45 24.88 -33.30
C LEU L 144 -13.83 25.29 -32.87
N ARG L 145 -13.90 26.20 -31.91
CA ARG L 145 -15.16 26.69 -31.37
C ARG L 145 -15.78 27.81 -32.20
N ASN L 146 -16.94 27.55 -32.79
CA ASN L 146 -17.66 28.52 -33.61
C ASN L 146 -17.43 29.97 -33.21
N ALA L 147 -17.72 30.31 -31.96
CA ALA L 147 -17.52 31.70 -31.52
C ALA L 147 -16.08 32.10 -31.73
N ASP L 148 -15.14 31.40 -31.09
CA ASP L 148 -13.72 31.71 -31.25
C ASP L 148 -13.33 32.07 -32.68
N ILE L 149 -13.99 31.48 -33.68
CA ILE L 149 -13.66 31.76 -35.07
C ILE L 149 -14.35 32.99 -35.66
N GLU L 150 -15.68 32.95 -35.72
CA GLU L 150 -16.47 34.04 -36.26
C GLU L 150 -16.10 35.38 -35.61
N LEU L 151 -15.40 35.28 -34.49
CA LEU L 151 -14.96 36.43 -33.69
C LEU L 151 -13.69 37.09 -34.24
N ARG L 152 -13.04 36.47 -35.21
CA ARG L 152 -11.81 37.06 -35.75
C ARG L 152 -12.05 37.82 -37.05
N LYS L 153 -11.50 39.03 -37.10
CA LYS L 153 -11.63 39.95 -38.24
C LYS L 153 -11.30 39.34 -39.60
N GLY L 154 -12.28 39.33 -40.49
CA GLY L 154 -12.09 38.78 -41.82
C GLY L 154 -13.09 37.71 -42.20
N GLU L 155 -13.23 36.69 -41.36
CA GLU L 155 -14.16 35.59 -41.61
C GLU L 155 -15.63 35.99 -41.64
N THR L 156 -16.33 35.49 -42.66
CA THR L 156 -17.74 35.78 -42.86
C THR L 156 -18.61 34.52 -42.84
N ASP L 157 -17.99 33.35 -42.95
CA ASP L 157 -18.72 32.08 -42.93
C ASP L 157 -19.13 31.76 -41.50
N ILE L 158 -20.10 30.86 -41.35
CA ILE L 158 -20.57 30.47 -40.02
C ILE L 158 -20.47 28.97 -39.74
N GLY L 159 -20.22 28.64 -38.48
CA GLY L 159 -20.10 27.24 -38.11
C GLY L 159 -21.44 26.56 -38.01
N ARG L 160 -22.38 27.19 -37.31
CA ARG L 160 -23.71 26.64 -37.10
C ARG L 160 -24.23 25.76 -38.25
N LYS L 161 -24.69 24.56 -37.90
CA LYS L 161 -25.22 23.58 -38.85
C LYS L 161 -24.25 23.16 -39.96
N ASN L 162 -23.06 23.76 -39.99
CA ASN L 162 -22.08 23.42 -41.00
C ASN L 162 -20.95 22.56 -40.46
N THR L 163 -21.19 21.25 -40.45
CA THR L 163 -20.23 20.30 -39.93
C THR L 163 -19.86 19.18 -40.89
N ARG L 164 -19.92 19.46 -42.19
CA ARG L 164 -19.54 18.47 -43.18
C ARG L 164 -18.10 18.82 -43.53
N VAL L 165 -17.29 17.84 -43.89
CA VAL L 165 -15.89 18.12 -44.18
C VAL L 165 -15.35 17.19 -45.24
N ARG L 166 -14.19 17.53 -45.78
CA ARG L 166 -13.54 16.70 -46.76
C ARG L 166 -12.03 16.71 -46.51
N LEU L 167 -11.44 15.52 -46.59
CA LEU L 167 -10.00 15.40 -46.42
C LEU L 167 -9.36 15.85 -47.71
N VAL L 168 -8.39 16.75 -47.62
CA VAL L 168 -7.75 17.25 -48.81
C VAL L 168 -6.30 16.86 -48.86
N PHE L 169 -5.90 16.27 -49.99
CA PHE L 169 -4.54 15.82 -50.20
C PHE L 169 -3.86 16.55 -51.34
N ARG L 170 -2.60 16.92 -51.13
CA ARG L 170 -1.81 17.62 -52.14
C ARG L 170 -0.38 17.16 -52.22
N VAL L 171 0.17 17.19 -53.43
CA VAL L 171 1.56 16.81 -53.68
C VAL L 171 2.13 17.87 -54.60
N HIS L 172 3.41 18.17 -54.42
CA HIS L 172 4.08 19.13 -55.26
C HIS L 172 5.20 18.35 -55.94
N ILE L 173 4.92 17.89 -57.15
CA ILE L 173 5.86 17.10 -57.95
C ILE L 173 6.90 17.90 -58.73
N PRO L 174 8.19 17.80 -58.34
CA PRO L 174 9.26 18.53 -59.04
C PRO L 174 9.70 17.76 -60.30
N GLU L 175 9.70 18.43 -61.44
CA GLU L 175 10.12 17.81 -62.69
C GLU L 175 11.53 18.31 -62.99
N SER L 176 12.39 17.41 -63.46
CA SER L 176 13.78 17.76 -63.78
C SER L 176 13.90 19.09 -64.53
N SER L 177 12.86 19.43 -65.30
CA SER L 177 12.84 20.68 -66.06
C SER L 177 12.82 21.91 -65.16
N GLY L 178 12.62 21.69 -63.86
CA GLY L 178 12.59 22.79 -62.91
C GLY L 178 11.20 23.20 -62.47
N ARG L 179 10.20 22.80 -63.24
CA ARG L 179 8.81 23.15 -62.94
C ARG L 179 8.30 22.45 -61.70
N ILE L 180 7.12 22.87 -61.26
CA ILE L 180 6.48 22.28 -60.10
C ILE L 180 5.02 21.97 -60.44
N VAL L 181 4.67 20.69 -60.48
CA VAL L 181 3.31 20.31 -60.78
C VAL L 181 2.60 20.03 -59.46
N SER L 182 1.51 20.73 -59.21
CA SER L 182 0.78 20.56 -57.97
C SER L 182 -0.60 19.95 -58.16
N LEU L 183 -0.74 18.70 -57.74
CA LEU L 183 -2.00 17.98 -57.85
C LEU L 183 -2.69 18.08 -56.52
N GLN L 184 -3.98 17.76 -56.48
CA GLN L 184 -4.74 17.82 -55.26
C GLN L 184 -5.98 17.00 -55.45
N THR L 185 -6.52 16.44 -54.35
CA THR L 185 -7.73 15.64 -54.43
C THR L 185 -8.46 15.76 -53.14
N ALA L 186 -9.73 15.38 -53.15
CA ALA L 186 -10.53 15.48 -51.95
C ALA L 186 -11.31 14.20 -51.73
N SER L 187 -11.41 13.81 -50.47
CA SER L 187 -12.14 12.62 -50.10
C SER L 187 -13.62 12.94 -50.28
N ASN L 188 -14.47 11.98 -49.98
CA ASN L 188 -15.91 12.21 -50.06
C ASN L 188 -16.23 13.07 -48.84
N PRO L 189 -17.49 13.45 -48.68
CA PRO L 189 -17.83 14.28 -47.51
C PRO L 189 -17.79 13.45 -46.21
N ILE L 190 -17.40 14.09 -45.12
CA ILE L 190 -17.31 13.43 -43.84
C ILE L 190 -18.08 14.21 -42.79
N GLU L 191 -19.12 13.61 -42.22
CA GLU L 191 -19.90 14.27 -41.18
C GLU L 191 -19.04 14.25 -39.94
N CYS L 192 -18.98 15.34 -39.18
CA CYS L 192 -18.12 15.34 -38.00
C CYS L 192 -18.82 15.70 -36.70
N SER L 193 -19.99 15.11 -36.50
CA SER L 193 -20.75 15.41 -35.31
C SER L 193 -21.42 14.18 -34.72
N GLN L 194 -21.54 14.17 -33.40
CA GLN L 194 -22.15 13.03 -32.74
C GLN L 194 -23.58 12.84 -33.24
N GLU L 199 -31.91 7.91 -31.58
CA GLU L 199 -31.22 6.65 -31.82
C GLU L 199 -31.81 5.58 -30.91
N LEU L 200 -33.06 5.76 -30.48
CA LEU L 200 -33.69 4.78 -29.60
C LEU L 200 -34.31 3.57 -30.29
N PRO L 201 -34.44 2.43 -29.57
CA PRO L 201 -35.01 1.19 -30.11
C PRO L 201 -36.42 1.35 -30.67
N MET L 202 -36.83 0.41 -31.51
CA MET L 202 -38.16 0.46 -32.10
C MET L 202 -38.68 -0.93 -32.40
N VAL L 203 -39.87 -1.21 -31.88
CA VAL L 203 -40.48 -2.51 -32.07
C VAL L 203 -41.62 -2.41 -33.07
N GLU L 204 -41.57 -3.25 -34.09
CA GLU L 204 -42.58 -3.26 -35.14
C GLU L 204 -43.50 -4.48 -35.08
N ARG L 205 -42.97 -5.63 -34.71
CA ARG L 205 -43.79 -6.84 -34.62
C ARG L 205 -43.37 -7.75 -33.48
N GLN L 206 -44.33 -8.49 -32.94
CA GLN L 206 -44.07 -9.42 -31.85
C GLN L 206 -44.39 -10.83 -32.34
N ASP L 207 -43.43 -11.73 -32.23
CA ASP L 207 -43.61 -13.12 -32.63
C ASP L 207 -44.84 -13.71 -31.95
N THR L 208 -44.94 -13.49 -30.64
CA THR L 208 -46.08 -13.97 -29.85
C THR L 208 -46.78 -12.81 -29.18
N ASP L 209 -48.06 -13.00 -28.84
CA ASP L 209 -48.84 -11.95 -28.21
C ASP L 209 -49.14 -12.25 -26.75
N SER L 210 -49.24 -13.54 -26.42
CA SER L 210 -49.52 -13.96 -25.06
C SER L 210 -48.77 -15.23 -24.69
N CYS L 211 -49.12 -15.80 -23.55
CA CYS L 211 -48.50 -17.00 -23.02
C CYS L 211 -49.06 -17.11 -21.63
N LEU L 212 -48.78 -18.20 -20.92
CA LEU L 212 -49.32 -18.34 -19.57
C LEU L 212 -48.27 -18.29 -18.47
N VAL L 213 -48.71 -17.79 -17.31
CA VAL L 213 -47.91 -17.63 -16.12
C VAL L 213 -46.52 -18.28 -16.09
N TYR L 214 -46.44 -19.59 -16.29
CA TYR L 214 -45.17 -20.30 -16.27
C TYR L 214 -44.09 -19.64 -17.13
N GLY L 215 -44.50 -19.04 -18.25
CA GLY L 215 -43.55 -18.40 -19.14
C GLY L 215 -42.82 -19.46 -19.94
N GLY L 216 -41.56 -19.22 -20.27
CA GLY L 216 -40.81 -20.19 -21.04
C GLY L 216 -40.86 -19.95 -22.53
N GLN L 217 -42.06 -19.99 -23.11
CA GLN L 217 -42.23 -19.77 -24.54
C GLN L 217 -41.29 -18.70 -25.10
N GLN L 218 -41.00 -18.79 -26.39
CA GLN L 218 -40.09 -17.84 -27.04
C GLN L 218 -40.81 -16.72 -27.80
N MET L 219 -40.29 -15.52 -27.68
CA MET L 219 -40.86 -14.36 -28.35
C MET L 219 -39.78 -13.69 -29.18
N ILE L 220 -40.06 -13.48 -30.46
CA ILE L 220 -39.11 -12.85 -31.38
C ILE L 220 -39.55 -11.45 -31.81
N LEU L 221 -38.84 -10.43 -31.32
CA LEU L 221 -39.15 -9.05 -31.63
C LEU L 221 -38.48 -8.58 -32.91
N THR L 222 -39.30 -8.08 -33.83
CA THR L 222 -38.83 -7.59 -35.12
C THR L 222 -38.91 -6.08 -35.14
N GLY L 223 -37.77 -5.40 -35.03
CA GLY L 223 -37.78 -3.95 -35.04
C GLY L 223 -36.49 -3.34 -35.60
N GLN L 224 -35.98 -2.30 -34.95
CA GLN L 224 -34.75 -1.65 -35.39
C GLN L 224 -33.85 -1.28 -34.22
N ASN L 225 -32.66 -0.78 -34.54
CA ASN L 225 -31.70 -0.35 -33.53
C ASN L 225 -31.33 -1.39 -32.49
N PHE L 226 -31.85 -2.60 -32.63
CA PHE L 226 -31.56 -3.65 -31.65
C PHE L 226 -30.08 -4.01 -31.63
N THR L 227 -29.39 -3.63 -30.56
CA THR L 227 -27.97 -3.93 -30.41
C THR L 227 -27.71 -5.07 -29.42
N SER L 228 -26.46 -5.53 -29.36
CA SER L 228 -26.09 -6.61 -28.45
C SER L 228 -26.27 -6.21 -26.99
N GLU L 229 -26.32 -4.90 -26.76
CA GLU L 229 -26.46 -4.36 -25.41
C GLU L 229 -27.90 -4.04 -25.06
N SER L 230 -28.82 -4.44 -25.93
CA SER L 230 -30.24 -4.19 -25.70
C SER L 230 -30.79 -5.08 -24.59
N LYS L 231 -31.79 -4.57 -23.88
CA LYS L 231 -32.42 -5.31 -22.78
C LYS L 231 -33.93 -5.28 -22.96
N VAL L 232 -34.61 -6.28 -22.40
CA VAL L 232 -36.05 -6.35 -22.48
C VAL L 232 -36.63 -6.55 -21.10
N VAL L 233 -37.50 -5.64 -20.68
CA VAL L 233 -38.11 -5.74 -19.36
C VAL L 233 -39.63 -5.68 -19.41
N PHE L 234 -40.28 -6.54 -18.64
CA PHE L 234 -41.72 -6.57 -18.58
C PHE L 234 -42.17 -5.80 -17.35
N THR L 235 -43.32 -5.16 -17.45
CA THR L 235 -43.84 -4.39 -16.34
C THR L 235 -45.37 -4.39 -16.29
N GLU L 236 -45.90 -4.21 -15.08
CA GLU L 236 -47.34 -4.14 -14.86
C GLU L 236 -47.58 -2.95 -13.96
N LYS L 237 -48.62 -2.18 -14.27
CA LYS L 237 -48.96 -1.01 -13.48
C LYS L 237 -50.43 -0.99 -13.12
N THR L 238 -50.76 -0.28 -12.05
CA THR L 238 -52.13 -0.15 -11.60
C THR L 238 -52.72 0.93 -12.48
N THR L 239 -54.03 0.92 -12.65
CA THR L 239 -54.70 1.90 -13.49
C THR L 239 -54.17 3.32 -13.31
N ASP L 240 -53.57 3.61 -12.15
CA ASP L 240 -53.01 4.93 -11.91
C ASP L 240 -51.69 5.03 -12.64
N GLY L 241 -50.72 4.23 -12.20
CA GLY L 241 -49.41 4.23 -12.83
C GLY L 241 -48.37 3.64 -11.90
N GLN L 242 -48.79 3.27 -10.70
CA GLN L 242 -47.87 2.69 -9.74
C GLN L 242 -47.42 1.31 -10.20
N GLN L 243 -46.21 1.25 -10.72
CA GLN L 243 -45.63 0.01 -11.20
C GLN L 243 -45.42 -0.94 -10.03
N ILE L 244 -46.05 -2.12 -10.09
CA ILE L 244 -45.89 -3.10 -9.02
C ILE L 244 -45.06 -4.30 -9.46
N TRP L 245 -44.83 -4.44 -10.76
CA TRP L 245 -44.03 -5.55 -11.27
C TRP L 245 -43.04 -5.07 -12.30
N GLU L 246 -41.85 -5.66 -12.26
CA GLU L 246 -40.78 -5.32 -13.17
C GLU L 246 -39.81 -6.48 -13.19
N MET L 247 -39.58 -7.06 -14.36
CA MET L 247 -38.65 -8.17 -14.49
C MET L 247 -38.00 -8.23 -15.85
N GLU L 248 -36.68 -8.37 -15.85
CA GLU L 248 -35.91 -8.43 -17.08
C GLU L 248 -35.90 -9.84 -17.68
N ALA L 249 -36.40 -9.95 -18.89
CA ALA L 249 -36.43 -11.23 -19.59
C ALA L 249 -35.14 -11.29 -20.39
N THR L 250 -34.36 -12.34 -20.17
CA THR L 250 -33.09 -12.49 -20.86
C THR L 250 -33.21 -12.62 -22.38
N VAL L 251 -32.35 -11.90 -23.10
CA VAL L 251 -32.34 -11.93 -24.55
C VAL L 251 -31.70 -13.25 -24.97
N ASP L 252 -30.93 -13.28 -26.05
CA ASP L 252 -30.34 -14.55 -26.47
C ASP L 252 -28.86 -14.61 -26.84
N LYS L 253 -28.29 -15.78 -26.58
CA LYS L 253 -26.90 -16.12 -26.82
C LYS L 253 -26.36 -15.71 -28.20
N ASP L 254 -27.23 -15.75 -29.21
CA ASP L 254 -26.83 -15.37 -30.55
C ASP L 254 -26.63 -13.87 -30.67
N LYS L 255 -25.97 -13.47 -31.75
CA LYS L 255 -25.73 -12.07 -32.02
C LYS L 255 -27.06 -11.49 -32.43
N SER L 256 -28.12 -12.27 -32.22
CA SER L 256 -29.48 -11.85 -32.57
C SER L 256 -29.44 -11.26 -33.99
N GLN L 257 -29.81 -9.99 -34.10
CA GLN L 257 -29.80 -9.31 -35.39
C GLN L 257 -29.84 -7.80 -35.13
N PRO L 258 -29.49 -6.99 -36.14
CA PRO L 258 -29.51 -5.54 -35.96
C PRO L 258 -30.95 -5.06 -35.93
N ASN L 259 -31.87 -5.97 -36.22
CA ASN L 259 -33.29 -5.65 -36.27
C ASN L 259 -34.17 -6.83 -35.83
N MET L 260 -33.66 -7.66 -34.92
CA MET L 260 -34.42 -8.80 -34.47
C MET L 260 -33.88 -9.35 -33.15
N LEU L 261 -34.75 -9.44 -32.14
CA LEU L 261 -34.36 -9.94 -30.82
C LEU L 261 -35.11 -11.20 -30.44
N PHE L 262 -34.41 -12.10 -29.74
CA PHE L 262 -35.02 -13.34 -29.28
C PHE L 262 -35.18 -13.31 -27.76
N VAL L 263 -36.36 -12.93 -27.30
CA VAL L 263 -36.60 -12.83 -25.87
C VAL L 263 -37.31 -14.06 -25.31
N GLU L 264 -36.84 -14.51 -24.15
CA GLU L 264 -37.44 -15.64 -23.47
C GLU L 264 -38.45 -15.08 -22.46
N ILE L 265 -39.73 -15.13 -22.80
CA ILE L 265 -40.81 -14.63 -21.95
C ILE L 265 -40.53 -14.97 -20.49
N PRO L 266 -40.58 -13.96 -19.62
CA PRO L 266 -40.34 -14.15 -18.18
C PRO L 266 -41.49 -14.84 -17.50
N GLU L 267 -41.23 -15.29 -16.29
CA GLU L 267 -42.22 -15.98 -15.46
C GLU L 267 -43.10 -14.87 -14.84
N TYR L 268 -44.27 -15.23 -14.32
CA TYR L 268 -45.11 -14.21 -13.71
C TYR L 268 -45.02 -14.27 -12.19
N ARG L 269 -45.46 -13.20 -11.52
CA ARG L 269 -45.40 -13.13 -10.07
C ARG L 269 -46.52 -13.85 -9.32
N ASN L 270 -47.52 -14.33 -10.05
CA ASN L 270 -48.64 -15.02 -9.41
C ASN L 270 -49.32 -16.01 -10.32
N LYS L 271 -48.93 -17.27 -10.23
CA LYS L 271 -49.50 -18.33 -11.06
C LYS L 271 -50.97 -18.56 -10.74
N HIS L 272 -51.35 -18.22 -9.52
CA HIS L 272 -52.72 -18.41 -9.09
C HIS L 272 -53.72 -17.32 -9.51
N ILE L 273 -53.77 -17.03 -10.80
CA ILE L 273 -54.70 -16.03 -11.28
C ILE L 273 -55.87 -16.76 -11.95
N ARG L 274 -57.08 -16.24 -11.76
CA ARG L 274 -58.25 -16.85 -12.37
C ARG L 274 -58.79 -16.00 -13.52
N THR L 275 -57.94 -15.13 -14.07
CA THR L 275 -58.29 -14.25 -15.18
C THR L 275 -57.01 -13.71 -15.79
N PRO L 276 -56.94 -13.68 -17.13
CA PRO L 276 -55.74 -13.16 -17.80
C PRO L 276 -55.31 -11.79 -17.29
N VAL L 277 -54.02 -11.50 -17.42
CA VAL L 277 -53.46 -10.24 -16.96
C VAL L 277 -52.66 -9.49 -18.02
N LYS L 278 -53.05 -8.23 -18.26
CA LYS L 278 -52.38 -7.37 -19.23
C LYS L 278 -51.11 -6.78 -18.64
N VAL L 279 -50.01 -6.86 -19.37
CA VAL L 279 -48.74 -6.32 -18.91
C VAL L 279 -48.07 -5.65 -20.08
N ASN L 280 -46.87 -5.12 -19.83
CA ASN L 280 -46.11 -4.45 -20.88
C ASN L 280 -44.64 -4.86 -20.85
N PHE L 281 -43.95 -4.60 -21.95
CA PHE L 281 -42.54 -4.91 -22.01
C PHE L 281 -41.94 -3.92 -23.00
N TYR L 282 -40.75 -3.43 -22.67
CA TYR L 282 -40.08 -2.47 -23.52
C TYR L 282 -38.63 -2.87 -23.77
N VAL L 283 -38.03 -2.24 -24.77
CA VAL L 283 -36.65 -2.51 -25.12
C VAL L 283 -35.84 -1.28 -24.71
N ILE L 284 -34.74 -1.50 -24.00
CA ILE L 284 -33.93 -0.39 -23.56
C ILE L 284 -32.44 -0.53 -23.90
N ASN L 285 -31.82 0.59 -24.30
CA ASN L 285 -30.40 0.61 -24.66
C ASN L 285 -29.61 1.53 -23.73
N GLY L 286 -29.42 1.10 -22.49
CA GLY L 286 -28.68 1.90 -21.55
C GLY L 286 -29.58 2.54 -20.51
N LYS L 287 -29.88 3.82 -20.69
CA LYS L 287 -30.73 4.53 -19.74
C LYS L 287 -31.84 5.29 -20.47
N ARG L 288 -31.51 6.46 -21.01
CA ARG L 288 -32.48 7.26 -21.74
C ARG L 288 -32.68 6.65 -23.13
N LYS L 289 -33.11 5.40 -23.19
CA LYS L 289 -33.32 4.76 -24.50
C LYS L 289 -34.38 3.67 -24.44
N ARG L 290 -35.58 4.04 -24.01
CA ARG L 290 -36.67 3.10 -23.91
C ARG L 290 -37.65 3.21 -25.08
N SER L 291 -38.03 2.06 -25.61
CA SER L 291 -38.96 1.99 -26.71
C SER L 291 -40.35 2.11 -26.11
N GLN L 292 -41.35 2.39 -26.94
CA GLN L 292 -42.71 2.48 -26.42
C GLN L 292 -43.07 1.16 -25.77
N PRO L 293 -43.96 1.18 -24.77
CA PRO L 293 -44.35 -0.06 -24.08
C PRO L 293 -45.12 -0.98 -25.02
N GLN L 294 -44.70 -2.24 -25.07
CA GLN L 294 -45.35 -3.24 -25.91
C GLN L 294 -46.32 -4.07 -25.09
N HIS L 295 -47.54 -4.22 -25.61
CA HIS L 295 -48.59 -4.99 -24.94
C HIS L 295 -48.34 -6.51 -24.98
N PHE L 296 -48.70 -7.17 -23.88
CA PHE L 296 -48.53 -8.61 -23.73
C PHE L 296 -49.44 -9.08 -22.60
N THR L 297 -50.15 -10.19 -22.81
CA THR L 297 -51.05 -10.69 -21.77
C THR L 297 -50.66 -12.07 -21.25
N TYR L 298 -51.05 -12.35 -20.01
CA TYR L 298 -50.74 -13.63 -19.36
C TYR L 298 -52.03 -14.38 -19.03
N HIS L 299 -52.17 -15.58 -19.58
CA HIS L 299 -53.35 -16.39 -19.34
C HIS L 299 -53.19 -17.24 -18.09
N PRO L 300 -54.27 -17.41 -17.32
CA PRO L 300 -54.22 -18.21 -16.10
C PRO L 300 -53.95 -19.67 -16.41
N VAL L 301 -53.33 -20.35 -15.45
CA VAL L 301 -53.00 -21.77 -15.58
C VAL L 301 -54.11 -22.59 -16.21
#